data_9W4M
#
_entry.id   9W4M
#
_cell.length_a   1.00
_cell.length_b   1.00
_cell.length_c   1.00
_cell.angle_alpha   90.00
_cell.angle_beta   90.00
_cell.angle_gamma   90.00
#
_symmetry.space_group_name_H-M   'P 1'
#
loop_
_entity.id
_entity.type
_entity.pdbx_description
1 polymer 'Maltose/maltodextrin-binding periplasmic protein,Transient receptor potential cation channel subfamily V member 1'
2 non-polymer ~{N}-[4-[6-[4-(trifluoromethyl)phenyl]pyrimidin-4-yl]oxy-1,3-benzothiazol-2-yl]ethanamide
3 non-polymer 'SODIUM ION'
#
_entity_poly.entity_id   1
_entity_poly.type   'polypeptide(L)'
_entity_poly.pdbx_seq_one_letter_code
;MKIEEGKLVIWINGDKGYNGLAEVGKKFEKDTGIKVTVEHPDKLEEKFPQVAATGDGPDIIFWAHDRFGGYAQSGLLAEI
TPDKAFQDKLYPFTWDAVRYNGKLIAYPIAVEALSLIYNKDLLPNPPKTWEEIPALDKELKAKGKSALMFNLQEPYFTWP
LIAADGGYAFKYENGKYDIKDVGVDNAGAKAGLTFLVDLIKNKHMNADTDYSIAEAAFNKGETAMTINGPWAWSNIDTSK
VNYGVTVLPTFKGQPSKPFVGVLSAGINAASPNKELAKEFLENYLLTDEGLEAVNKDKPLGAVALKSYEEELAKDPRIAA
TMENAQKGEIMPNIPQMSAFWYAVRTAVINAASGRQTVDEALKDAQTNSGTGGGSGDDDDKSPMGSHHHHHHHHGSDYDI
PTTENLYFQGAMDPMEQRASLDSEESESPPQENSCLDPPDRDPNCKPPPVKPHIFTTRSRTRLFGKGDSEEASPLDCPYE
EGGLASCPIITVSSVLTIQRPGDGPASVRPSSQDSVSAGEKPPRLYDRRSIFDAVAQSNCQELESLLPFLQRSKKRLTDS
EFKDPETGKTCLLKAMLNLHNGQNDTIALLLDVARKTDSLKQFVNASYTDSYYKGQTALHIAIERRNMTLVTLLVENGAD
VQAAANGDFFKKTKGRPGFYFGELPLSLAACTNQLAIVKFLLQNSWQPADISARDSVGNTVLHALVEVADNTVDNTKFVT
SMYNEILILGAKLHPTLKLEEITNRKGLTPLALAASSGKIGVLAYILQREIHEPECRHLSRKFTEWAYGPVHSSLYDLSC
IDTCEKNSVLEVIAYSSSETPNRHDMLLVEPLNRLLQDKWDRFVKRIFYFNFFVYCLYMIIFTAAAYYRPVEGLPPYKLK
NTVGDYFRVTGEILSVSGGVYFFFRGIQYFLQRRPSLKSLFVDSYSEILFFVQSLFMLVSVVLYFSQRKEYVASMVFSLA
MGWTNMLYYTRGFQQMGIYAVMIEKMILRDLCRFMFVYLVFLFGFSTAVVTLIEDGKNNSLPMESTPHKCRGSACKPGNS
YNSLYSTCLELFKFTIGMGDLEFTENYDFKAVFIILLLAYVILTYILLLNMLIALMGETVNKIAQESKNIWKLQRAITIL
DTEKSFLKCMRKAFRSGKLLQVGFTPDGKDDYRWCFRVDEVNWTTWNTNVGIINEDPGNCEGVKRTLSFSLRSGRVSGRN
WKNFALVPLLRDASTRDRHATQQEEVQLKHYTGSLKPEDAEVFKDSMVPGEK
;
_entity_poly.pdbx_strand_id   A,B,C,D
#
# COMPACT_ATOMS: atom_id res chain seq x y z
N SER A 611 49.38 -32.98 -1.99
CA SER A 611 49.32 -31.88 -3.01
C SER A 611 47.99 -31.96 -3.75
N TYR A 612 47.86 -31.17 -4.82
CA TYR A 612 46.59 -31.08 -5.53
C TYR A 612 46.18 -32.45 -6.08
N TYR A 613 46.90 -32.95 -7.08
CA TYR A 613 46.60 -34.25 -7.67
C TYR A 613 47.55 -35.34 -7.18
N LYS A 614 48.64 -34.96 -6.52
CA LYS A 614 49.48 -35.92 -5.83
C LYS A 614 48.96 -36.22 -4.44
N GLY A 615 48.07 -35.37 -3.93
CA GLY A 615 47.42 -35.61 -2.65
C GLY A 615 46.12 -36.36 -2.81
N GLN A 616 45.39 -36.10 -3.89
CA GLN A 616 44.18 -36.87 -4.17
C GLN A 616 44.50 -38.35 -4.29
N THR A 617 44.01 -39.14 -3.35
CA THR A 617 44.11 -40.58 -3.48
C THR A 617 43.11 -41.06 -4.53
N ALA A 618 43.22 -42.35 -4.85
CA ALA A 618 42.30 -42.94 -5.82
C ALA A 618 40.87 -42.73 -5.33
N LEU A 619 40.66 -42.89 -4.02
CA LEU A 619 39.33 -42.86 -3.46
C LEU A 619 38.61 -41.54 -3.70
N HIS A 620 39.28 -40.41 -3.55
CA HIS A 620 38.54 -39.15 -3.66
C HIS A 620 37.81 -39.06 -5.00
N ILE A 621 38.58 -38.97 -6.10
CA ILE A 621 37.97 -38.89 -7.42
C ILE A 621 37.17 -40.14 -7.72
N ALA A 622 37.52 -41.26 -7.10
CA ALA A 622 36.77 -42.50 -7.27
C ALA A 622 35.32 -42.32 -6.85
N ILE A 623 35.13 -42.01 -5.57
CA ILE A 623 33.81 -41.84 -5.00
C ILE A 623 33.11 -40.74 -5.78
N GLU A 624 33.85 -39.68 -6.11
CA GLU A 624 33.24 -38.48 -6.66
C GLU A 624 32.16 -38.79 -7.69
N ARG A 625 32.37 -39.81 -8.53
CA ARG A 625 31.46 -40.09 -9.62
C ARG A 625 30.45 -41.17 -9.27
N ARG A 626 30.11 -41.33 -7.99
CA ARG A 626 29.08 -42.26 -7.54
C ARG A 626 29.39 -43.68 -8.04
N ASN A 627 30.56 -44.16 -7.63
CA ASN A 627 31.10 -45.45 -8.11
C ASN A 627 31.14 -46.42 -6.94
N MET A 628 30.04 -47.14 -6.72
CA MET A 628 30.00 -48.16 -5.68
C MET A 628 30.88 -49.34 -6.05
N THR A 629 30.76 -49.82 -7.29
CA THR A 629 31.51 -51.01 -7.69
C THR A 629 33.00 -50.78 -7.49
N LEU A 630 33.46 -49.61 -7.92
CA LEU A 630 34.87 -49.30 -7.87
C LEU A 630 35.36 -49.37 -6.43
N VAL A 631 34.64 -48.76 -5.50
CA VAL A 631 35.07 -48.78 -4.10
C VAL A 631 35.01 -50.19 -3.56
N THR A 632 33.94 -50.92 -3.93
CA THR A 632 33.86 -52.33 -3.60
C THR A 632 35.20 -52.98 -3.85
N LEU A 633 35.68 -52.87 -5.09
CA LEU A 633 36.95 -53.50 -5.46
C LEU A 633 38.12 -52.89 -4.69
N LEU A 634 38.21 -51.56 -4.70
CA LEU A 634 39.37 -50.84 -4.21
C LEU A 634 39.62 -51.12 -2.74
N VAL A 635 38.55 -51.34 -1.99
CA VAL A 635 38.70 -51.65 -0.57
C VAL A 635 38.63 -53.16 -0.33
N GLU A 636 38.10 -53.92 -1.29
CA GLU A 636 38.13 -55.37 -1.18
C GLU A 636 39.59 -55.79 -1.14
N ASN A 637 40.39 -55.21 -2.04
CA ASN A 637 41.83 -55.42 -1.95
C ASN A 637 42.42 -54.54 -0.85
N GLY A 638 41.84 -53.36 -0.64
CA GLY A 638 42.31 -52.45 0.39
C GLY A 638 42.46 -51.04 -0.15
N ALA A 639 41.87 -50.08 0.54
CA ALA A 639 41.89 -48.67 0.12
C ALA A 639 42.12 -47.80 1.34
N ASP A 640 43.17 -46.98 1.30
CA ASP A 640 43.46 -46.09 2.41
C ASP A 640 42.33 -45.09 2.60
N VAL A 641 42.00 -44.81 3.85
CA VAL A 641 40.90 -43.93 4.19
C VAL A 641 41.42 -42.70 4.92
N GLN A 642 42.63 -42.27 4.57
CA GLN A 642 43.25 -41.13 5.23
C GLN A 642 43.81 -40.17 4.18
N ALA A 643 43.02 -39.89 3.15
CA ALA A 643 43.47 -39.02 2.06
C ALA A 643 43.65 -37.60 2.55
N ALA A 644 44.90 -37.18 2.70
CA ALA A 644 45.21 -35.82 3.15
C ALA A 644 45.11 -34.81 2.02
N ALA A 645 43.98 -34.77 1.33
CA ALA A 645 43.85 -33.88 0.18
C ALA A 645 43.83 -32.44 0.63
N ASN A 646 44.95 -31.74 0.45
CA ASN A 646 45.03 -30.31 0.71
C ASN A 646 44.96 -29.48 -0.55
N GLY A 647 44.48 -30.05 -1.66
CA GLY A 647 44.47 -29.37 -2.93
C GLY A 647 43.80 -28.01 -2.87
N ASP A 648 44.47 -26.99 -3.41
CA ASP A 648 43.91 -25.65 -3.44
C ASP A 648 42.45 -25.68 -3.88
N PHE A 649 42.14 -26.56 -4.84
CA PHE A 649 40.75 -26.75 -5.23
C PHE A 649 39.93 -27.28 -4.07
N PHE A 650 40.46 -28.26 -3.34
CA PHE A 650 39.72 -28.94 -2.29
C PHE A 650 40.08 -28.45 -0.89
N LYS A 651 40.80 -27.33 -0.79
CA LYS A 651 41.16 -26.75 0.48
C LYS A 651 40.01 -25.87 1.00
N LYS A 652 40.14 -25.44 2.26
CA LYS A 652 39.14 -24.56 2.84
C LYS A 652 39.09 -23.23 2.12
N THR A 653 40.12 -22.90 1.34
CA THR A 653 40.20 -21.63 0.64
C THR A 653 38.92 -21.34 -0.12
N LYS A 654 38.22 -20.26 0.26
CA LYS A 654 36.98 -19.90 -0.43
C LYS A 654 37.25 -19.28 -1.79
N GLY A 655 38.39 -18.59 -1.95
CA GLY A 655 38.71 -17.99 -3.23
C GLY A 655 38.85 -19.01 -4.33
N ARG A 656 39.35 -20.21 -4.00
CA ARG A 656 39.49 -21.28 -4.96
C ARG A 656 38.11 -21.89 -5.22
N PRO A 657 37.61 -21.86 -6.46
CA PRO A 657 36.31 -22.52 -6.72
C PRO A 657 36.42 -24.02 -6.65
N GLY A 658 35.87 -24.61 -5.59
CA GLY A 658 35.99 -26.04 -5.38
C GLY A 658 35.06 -26.55 -4.31
N PHE A 659 35.54 -27.47 -3.47
CA PHE A 659 34.70 -28.10 -2.47
C PHE A 659 35.54 -28.41 -1.25
N TYR A 660 35.05 -28.04 -0.07
CA TYR A 660 35.69 -28.40 1.21
C TYR A 660 34.99 -29.58 1.86
N PHE A 661 34.55 -30.55 1.06
CA PHE A 661 33.85 -31.71 1.59
C PHE A 661 34.56 -32.29 2.81
N GLY A 662 35.88 -32.15 2.86
CA GLY A 662 36.66 -32.66 3.97
C GLY A 662 37.83 -33.48 3.52
N GLU A 663 38.95 -33.39 4.24
CA GLU A 663 40.15 -34.11 3.82
C GLU A 663 39.86 -35.60 3.68
N LEU A 664 39.24 -36.20 4.68
CA LEU A 664 38.97 -37.63 4.66
C LEU A 664 37.94 -37.95 3.58
N PRO A 665 37.93 -39.18 3.06
CA PRO A 665 37.02 -39.48 1.95
C PRO A 665 35.60 -39.73 2.41
N LEU A 666 35.43 -40.21 3.63
CA LEU A 666 34.09 -40.33 4.20
C LEU A 666 33.39 -39.00 4.12
N SER A 667 34.13 -37.92 4.36
CA SER A 667 33.56 -36.58 4.25
C SER A 667 33.06 -36.32 2.84
N LEU A 668 33.83 -36.74 1.83
CA LEU A 668 33.37 -36.58 0.46
C LEU A 668 32.10 -37.37 0.21
N ALA A 669 32.04 -38.59 0.72
CA ALA A 669 30.82 -39.37 0.55
C ALA A 669 29.64 -38.70 1.24
N ALA A 670 29.90 -38.04 2.37
CA ALA A 670 28.83 -37.48 3.17
C ALA A 670 28.29 -36.21 2.54
N CYS A 671 29.16 -35.25 2.23
CA CYS A 671 28.70 -33.98 1.69
C CYS A 671 27.85 -34.19 0.45
N THR A 672 28.13 -35.24 -0.31
CA THR A 672 27.29 -35.64 -1.43
C THR A 672 26.21 -36.59 -0.95
N ASN A 673 25.07 -36.57 -1.63
CA ASN A 673 23.92 -37.36 -1.20
C ASN A 673 24.16 -38.84 -1.47
N GLN A 674 25.02 -39.46 -0.67
CA GLN A 674 25.40 -40.87 -0.87
C GLN A 674 25.23 -41.59 0.47
N LEU A 675 24.01 -42.06 0.73
CA LEU A 675 23.80 -42.87 1.91
C LEU A 675 24.56 -44.18 1.84
N ALA A 676 24.61 -44.78 0.65
CA ALA A 676 25.23 -46.09 0.48
C ALA A 676 26.69 -46.04 0.93
N ILE A 677 27.45 -45.07 0.42
CA ILE A 677 28.88 -45.04 0.69
C ILE A 677 29.14 -44.67 2.15
N VAL A 678 28.34 -43.76 2.71
CA VAL A 678 28.56 -43.42 4.11
C VAL A 678 28.29 -44.63 4.99
N LYS A 679 27.30 -45.44 4.64
CA LYS A 679 27.10 -46.73 5.31
C LYS A 679 28.29 -47.66 5.11
N PHE A 680 28.76 -47.75 3.87
CA PHE A 680 29.71 -48.79 3.49
C PHE A 680 31.10 -48.52 4.05
N LEU A 681 31.59 -47.31 3.90
CA LEU A 681 32.95 -46.97 4.27
C LEU A 681 33.18 -47.23 5.75
N LEU A 682 32.12 -47.14 6.55
CA LEU A 682 32.21 -47.38 7.99
C LEU A 682 31.83 -48.78 8.39
N GLN A 683 30.94 -49.44 7.66
CA GLN A 683 30.57 -50.81 7.95
C GLN A 683 31.30 -51.82 7.08
N ASN A 684 32.23 -51.37 6.23
CA ASN A 684 33.04 -52.29 5.46
C ASN A 684 33.88 -53.15 6.40
N SER A 685 34.01 -54.43 6.06
CA SER A 685 34.63 -55.42 6.94
C SER A 685 35.82 -54.87 7.70
N TRP A 686 36.72 -54.20 6.99
CA TRP A 686 37.89 -53.58 7.59
C TRP A 686 37.92 -52.10 7.25
N GLN A 687 38.89 -51.40 7.82
CA GLN A 687 39.09 -49.98 7.59
C GLN A 687 37.78 -49.19 7.67
N PRO A 688 37.03 -49.32 8.77
CA PRO A 688 35.91 -48.41 9.01
C PRO A 688 36.39 -47.06 9.51
N ALA A 689 36.69 -46.17 8.57
CA ALA A 689 37.51 -44.98 8.85
C ALA A 689 37.15 -44.36 10.19
N ASP A 690 38.16 -44.13 11.03
CA ASP A 690 37.94 -43.61 12.36
C ASP A 690 37.08 -42.36 12.32
N ILE A 691 35.91 -42.43 12.96
CA ILE A 691 34.97 -41.33 12.90
C ILE A 691 35.60 -40.06 13.46
N SER A 692 36.33 -40.19 14.57
CA SER A 692 37.02 -39.05 15.17
C SER A 692 38.32 -38.78 14.43
N ALA A 693 38.19 -38.46 13.15
CA ALA A 693 39.33 -38.22 12.27
C ALA A 693 39.48 -36.71 12.09
N ARG A 694 40.35 -36.12 12.91
CA ARG A 694 40.59 -34.69 12.78
C ARG A 694 41.29 -34.40 11.45
N ASP A 695 40.70 -33.51 10.67
CA ASP A 695 41.30 -33.11 9.40
C ASP A 695 42.32 -32.00 9.61
N SER A 696 42.74 -31.35 8.53
CA SER A 696 43.72 -30.28 8.63
C SER A 696 43.23 -29.18 9.57
N VAL A 697 42.00 -28.71 9.36
CA VAL A 697 41.45 -27.67 10.21
C VAL A 697 40.84 -28.28 11.47
N GLY A 698 40.62 -29.59 11.49
CA GLY A 698 40.14 -30.30 12.65
C GLY A 698 38.73 -30.85 12.49
N ASN A 699 38.01 -30.40 11.48
CA ASN A 699 36.61 -30.81 11.32
C ASN A 699 36.49 -32.33 11.37
N THR A 700 35.64 -32.83 12.26
CA THR A 700 35.19 -34.21 12.15
C THR A 700 34.08 -34.28 11.12
N VAL A 701 33.52 -35.48 10.95
CA VAL A 701 32.54 -35.66 9.89
C VAL A 701 31.37 -34.71 10.07
N LEU A 702 30.86 -34.59 11.29
CA LEU A 702 29.72 -33.73 11.53
C LEU A 702 30.07 -32.27 11.26
N HIS A 703 31.29 -31.86 11.62
CA HIS A 703 31.72 -30.50 11.30
C HIS A 703 31.65 -30.24 9.81
N ALA A 704 32.13 -31.16 8.99
CA ALA A 704 32.02 -30.97 7.56
C ALA A 704 30.57 -30.90 7.12
N LEU A 705 29.74 -31.76 7.71
CA LEU A 705 28.34 -31.81 7.30
C LEU A 705 27.69 -30.46 7.54
N VAL A 706 27.99 -29.84 8.68
CA VAL A 706 27.51 -28.49 8.95
C VAL A 706 28.14 -27.51 8.00
N GLU A 707 29.42 -27.71 7.67
CA GLU A 707 30.13 -26.76 6.83
C GLU A 707 29.46 -26.60 5.48
N VAL A 708 29.05 -27.69 4.86
CA VAL A 708 28.50 -27.64 3.51
C VAL A 708 27.07 -27.12 3.52
N ALA A 709 26.30 -27.40 4.56
CA ALA A 709 24.88 -27.12 4.57
C ALA A 709 24.58 -25.68 4.15
N ASP A 710 23.68 -25.52 3.19
CA ASP A 710 23.20 -24.21 2.80
C ASP A 710 21.89 -23.95 3.54
N ASN A 711 21.18 -22.88 3.19
CA ASN A 711 19.95 -22.51 3.87
C ASN A 711 18.71 -22.70 3.01
N THR A 712 18.84 -23.32 1.84
CA THR A 712 17.68 -23.62 1.02
C THR A 712 16.95 -24.85 1.57
N VAL A 713 15.67 -24.96 1.26
CA VAL A 713 14.82 -25.98 1.89
C VAL A 713 15.33 -27.37 1.57
N ASP A 714 15.65 -27.62 0.29
CA ASP A 714 16.12 -28.95 -0.10
C ASP A 714 17.40 -29.30 0.62
N ASN A 715 18.31 -28.33 0.72
CA ASN A 715 19.52 -28.56 1.50
C ASN A 715 19.22 -28.81 2.97
N THR A 716 18.17 -28.19 3.51
CA THR A 716 17.78 -28.51 4.88
C THR A 716 17.38 -29.98 4.98
N LYS A 717 16.53 -30.44 4.06
CA LYS A 717 16.15 -31.85 4.07
C LYS A 717 17.38 -32.73 4.06
N PHE A 718 18.26 -32.50 3.08
CA PHE A 718 19.43 -33.33 2.89
C PHE A 718 20.28 -33.34 4.16
N VAL A 719 20.61 -32.15 4.66
CA VAL A 719 21.58 -32.05 5.75
C VAL A 719 21.02 -32.69 7.02
N THR A 720 19.79 -32.35 7.38
CA THR A 720 19.22 -32.91 8.60
C THR A 720 19.08 -34.42 8.48
N SER A 721 18.55 -34.88 7.35
CA SER A 721 18.34 -36.30 7.15
C SER A 721 19.65 -37.05 7.33
N MET A 722 20.71 -36.58 6.67
CA MET A 722 21.99 -37.27 6.79
C MET A 722 22.47 -37.23 8.23
N TYR A 723 22.55 -36.03 8.81
CA TYR A 723 23.03 -35.87 10.17
C TYR A 723 22.46 -36.94 11.09
N ASN A 724 21.14 -37.10 11.08
CA ASN A 724 20.55 -38.03 12.03
C ASN A 724 21.14 -39.42 11.86
N GLU A 725 21.17 -39.88 10.61
CA GLU A 725 21.59 -41.24 10.31
C GLU A 725 23.05 -41.46 10.68
N ILE A 726 23.92 -40.50 10.33
CA ILE A 726 25.32 -40.65 10.68
C ILE A 726 25.46 -40.73 12.18
N LEU A 727 24.69 -39.93 12.92
CA LEU A 727 24.80 -39.97 14.36
C LEU A 727 24.44 -41.34 14.91
N ILE A 728 23.34 -41.92 14.41
CA ILE A 728 22.92 -43.20 14.99
C ILE A 728 23.94 -44.29 14.64
N LEU A 729 24.47 -44.26 13.42
CA LEU A 729 25.50 -45.23 13.08
C LEU A 729 26.69 -45.11 14.03
N GLY A 730 27.14 -43.87 14.26
CA GLY A 730 28.23 -43.68 15.20
C GLY A 730 27.90 -44.17 16.59
N ALA A 731 26.65 -43.98 17.01
CA ALA A 731 26.21 -44.48 18.30
C ALA A 731 26.44 -45.98 18.37
N LYS A 732 25.97 -46.70 17.35
CA LYS A 732 26.10 -48.16 17.36
C LYS A 732 27.57 -48.56 17.35
N LEU A 733 28.36 -47.91 16.50
CA LEU A 733 29.74 -48.33 16.26
C LEU A 733 30.53 -48.45 17.56
N HIS A 734 30.73 -47.32 18.24
CA HIS A 734 31.48 -47.29 19.50
C HIS A 734 30.71 -46.44 20.49
N PRO A 735 29.83 -47.04 21.28
CA PRO A 735 28.99 -46.24 22.18
C PRO A 735 29.70 -45.79 23.45
N THR A 736 30.84 -45.12 23.30
CA THR A 736 31.44 -44.39 24.42
C THR A 736 31.89 -43.00 23.99
N LEU A 737 32.06 -42.79 22.69
CA LEU A 737 32.57 -41.51 22.17
C LEU A 737 31.41 -40.53 22.02
N LYS A 738 31.53 -39.36 22.67
CA LYS A 738 30.56 -38.30 22.52
C LYS A 738 30.95 -37.45 21.33
N LEU A 739 30.50 -37.83 20.14
CA LEU A 739 30.99 -37.21 18.93
C LEU A 739 30.59 -35.74 18.81
N GLU A 740 29.54 -35.31 19.51
CA GLU A 740 29.06 -33.95 19.32
C GLU A 740 29.84 -32.93 20.12
N GLU A 741 30.83 -33.35 20.89
CA GLU A 741 31.63 -32.43 21.70
C GLU A 741 33.02 -32.21 21.12
N ILE A 742 33.42 -33.02 20.14
CA ILE A 742 34.76 -32.92 19.58
C ILE A 742 34.97 -31.51 19.04
N THR A 743 36.13 -30.94 19.35
CA THR A 743 36.42 -29.55 19.06
C THR A 743 37.15 -29.39 17.73
N ASN A 744 37.23 -28.15 17.27
CA ASN A 744 37.95 -27.78 16.06
C ASN A 744 39.06 -26.79 16.40
N ARG A 745 39.95 -26.56 15.43
CA ARG A 745 41.10 -25.68 15.64
C ARG A 745 40.69 -24.39 16.33
N LYS A 746 39.83 -23.61 15.69
CA LYS A 746 39.39 -22.36 16.27
C LYS A 746 38.85 -22.57 17.68
N GLY A 747 38.19 -23.70 17.88
CA GLY A 747 37.54 -24.04 19.13
C GLY A 747 36.05 -23.80 19.01
N LEU A 748 35.33 -24.86 18.66
CA LEU A 748 33.90 -24.77 18.41
C LEU A 748 33.36 -26.18 18.26
N THR A 749 32.27 -26.48 18.95
CA THR A 749 31.56 -27.71 18.72
C THR A 749 30.62 -27.54 17.54
N PRO A 750 30.00 -28.61 17.07
CA PRO A 750 29.11 -28.49 15.92
C PRO A 750 28.02 -27.46 16.13
N LEU A 751 27.44 -27.42 17.33
CA LEU A 751 26.43 -26.43 17.66
C LEU A 751 26.99 -25.02 17.54
N ALA A 752 28.16 -24.80 18.13
CA ALA A 752 28.78 -23.49 18.09
C ALA A 752 28.96 -23.05 16.65
N LEU A 753 29.38 -23.97 15.79
CA LEU A 753 29.60 -23.61 14.38
C LEU A 753 28.28 -23.27 13.71
N ALA A 754 27.27 -24.12 13.88
CA ALA A 754 25.99 -23.86 13.25
C ALA A 754 25.45 -22.52 13.69
N ALA A 755 25.72 -22.13 14.93
CA ALA A 755 25.24 -20.87 15.45
C ALA A 755 26.02 -19.70 14.86
N SER A 756 27.34 -19.74 14.96
CA SER A 756 28.18 -18.65 14.48
C SER A 756 27.99 -18.44 13.00
N SER A 757 28.34 -19.44 12.18
CA SER A 757 28.26 -19.28 10.74
C SER A 757 26.86 -18.86 10.35
N GLY A 758 25.87 -19.46 10.98
CA GLY A 758 24.48 -19.09 10.76
C GLY A 758 23.76 -20.06 9.83
N LYS A 759 23.07 -21.03 10.43
CA LYS A 759 22.37 -22.07 9.71
C LYS A 759 21.08 -22.33 10.48
N ILE A 760 19.98 -21.73 10.04
CA ILE A 760 18.72 -21.84 10.76
C ILE A 760 18.34 -23.30 10.91
N GLY A 761 18.42 -24.05 9.82
CA GLY A 761 17.94 -25.41 9.83
C GLY A 761 18.68 -26.33 10.78
N VAL A 762 20.00 -26.30 10.75
CA VAL A 762 20.79 -27.24 11.52
C VAL A 762 20.55 -26.96 13.00
N LEU A 763 20.54 -25.68 13.36
CA LEU A 763 20.29 -25.33 14.76
C LEU A 763 18.91 -25.78 15.18
N ALA A 764 17.92 -25.56 14.31
CA ALA A 764 16.56 -25.98 14.62
C ALA A 764 16.55 -27.46 14.94
N TYR A 765 17.16 -28.25 14.06
CA TYR A 765 17.14 -29.70 14.24
C TYR A 765 17.81 -30.05 15.56
N ILE A 766 19.02 -29.52 15.79
CA ILE A 766 19.79 -29.99 16.94
C ILE A 766 19.05 -29.66 18.23
N LEU A 767 18.53 -28.44 18.35
CA LEU A 767 17.86 -28.09 19.59
C LEU A 767 16.50 -28.74 19.73
N GLN A 768 15.87 -29.17 18.64
CA GLN A 768 14.62 -29.90 18.72
C GLN A 768 14.83 -31.36 18.31
N ARG A 769 16.00 -31.91 18.62
CA ARG A 769 16.40 -33.22 18.12
C ARG A 769 15.71 -34.29 18.96
N GLU A 770 14.50 -34.64 18.53
CA GLU A 770 13.72 -35.71 19.15
C GLU A 770 13.97 -37.01 18.37
N ILE A 771 14.34 -38.07 19.09
CA ILE A 771 14.69 -39.34 18.47
C ILE A 771 13.97 -40.45 19.22
N HIS A 772 13.95 -41.63 18.60
CA HIS A 772 13.24 -42.79 19.11
C HIS A 772 14.12 -44.02 18.91
N GLU A 773 13.52 -45.23 18.93
CA GLU A 773 14.27 -46.48 18.98
C GLU A 773 15.05 -46.59 20.29
N PRO A 774 14.34 -46.77 21.43
CA PRO A 774 14.97 -46.72 22.74
C PRO A 774 16.32 -47.38 22.87
N GLU A 775 16.65 -48.34 22.01
CA GLU A 775 17.91 -49.03 22.14
C GLU A 775 19.03 -48.07 22.53
N CYS A 776 19.11 -46.95 21.84
CA CYS A 776 19.98 -45.85 22.26
C CYS A 776 19.32 -44.53 21.88
N ARG A 777 18.61 -43.93 22.84
CA ARG A 777 17.86 -42.70 22.62
C ARG A 777 18.29 -41.59 23.56
N HIS A 778 19.33 -41.80 24.37
CA HIS A 778 19.82 -40.77 25.25
C HIS A 778 20.10 -39.48 24.48
N LEU A 779 20.54 -39.61 23.23
CA LEU A 779 21.03 -38.48 22.47
C LEU A 779 19.85 -37.78 21.81
N SER A 780 19.01 -37.18 22.65
CA SER A 780 17.84 -36.46 22.17
C SER A 780 17.72 -35.15 22.94
N ARG A 781 16.79 -34.31 22.49
CA ARG A 781 16.53 -33.02 23.11
C ARG A 781 15.16 -32.93 23.77
N LYS A 782 14.10 -33.30 23.06
CA LYS A 782 12.74 -33.04 23.53
C LYS A 782 12.17 -34.26 24.26
N PHE A 783 12.71 -34.52 25.44
CA PHE A 783 12.20 -35.63 26.24
C PHE A 783 10.76 -35.36 26.64
N THR A 784 9.82 -36.09 26.08
CA THR A 784 8.41 -35.87 26.41
C THR A 784 8.10 -36.45 27.79
N GLU A 785 7.12 -35.83 28.45
CA GLU A 785 6.69 -36.28 29.77
C GLU A 785 5.18 -36.53 29.74
N TRP A 786 4.57 -36.75 30.91
CA TRP A 786 3.13 -36.97 31.02
C TRP A 786 2.33 -36.27 29.95
N ALA A 787 1.36 -37.02 29.39
CA ALA A 787 0.43 -36.50 28.40
C ALA A 787 -0.94 -37.11 28.67
N TYR A 788 -2.00 -36.27 28.65
CA TYR A 788 -3.36 -36.67 29.01
C TYR A 788 -4.35 -35.99 28.06
N GLY A 789 -4.63 -36.63 26.93
CA GLY A 789 -5.50 -36.05 25.93
C GLY A 789 -4.76 -35.13 24.99
N PRO A 790 -5.36 -33.98 24.64
CA PRO A 790 -4.72 -33.07 23.69
C PRO A 790 -3.61 -32.23 24.32
N VAL A 791 -3.32 -32.44 25.60
CA VAL A 791 -2.25 -31.72 26.29
C VAL A 791 -1.05 -32.64 26.47
N HIS A 792 0.14 -32.04 26.48
CA HIS A 792 1.37 -32.79 26.69
C HIS A 792 2.56 -31.93 27.12
N SER A 793 3.13 -32.22 28.28
CA SER A 793 4.33 -31.54 28.73
C SER A 793 5.51 -31.90 27.84
N SER A 794 6.64 -31.25 28.07
CA SER A 794 7.84 -31.47 27.27
C SER A 794 9.04 -30.82 27.95
N LEU A 795 10.14 -31.56 28.10
CA LEU A 795 11.33 -31.05 28.76
C LEU A 795 12.46 -30.94 27.74
N TYR A 796 13.01 -29.74 27.60
CA TYR A 796 14.15 -29.52 26.72
C TYR A 796 15.43 -29.80 27.49
N ASP A 797 16.57 -29.62 26.84
CA ASP A 797 17.83 -30.01 27.42
C ASP A 797 18.58 -28.85 28.04
N LEU A 798 18.86 -27.79 27.28
CA LEU A 798 19.44 -26.58 27.85
C LEU A 798 20.73 -26.91 28.61
N SER A 799 21.55 -27.80 28.05
CA SER A 799 22.85 -28.10 28.63
C SER A 799 23.94 -27.15 28.18
N CYS A 800 24.04 -26.88 26.88
CA CYS A 800 25.08 -26.00 26.36
C CYS A 800 24.49 -24.76 25.71
N ILE A 801 23.33 -24.32 26.19
CA ILE A 801 22.66 -23.18 25.60
C ILE A 801 22.81 -21.93 26.45
N ASP A 802 22.69 -22.05 27.78
CA ASP A 802 22.49 -20.89 28.62
C ASP A 802 23.84 -20.39 29.11
N THR A 803 24.58 -21.16 29.91
CA THR A 803 25.77 -20.65 30.57
C THR A 803 26.75 -21.79 30.83
N CYS A 804 27.65 -22.03 29.88
CA CYS A 804 28.80 -22.90 30.10
C CYS A 804 29.63 -23.05 28.83
N GLU A 805 30.79 -23.67 28.94
CA GLU A 805 31.76 -23.83 27.86
C GLU A 805 32.56 -22.56 27.67
N LYS A 806 33.11 -22.39 26.48
CA LYS A 806 33.70 -21.13 26.05
C LYS A 806 32.88 -20.47 24.95
N ASN A 807 31.87 -21.15 24.40
CA ASN A 807 31.03 -20.54 23.38
C ASN A 807 29.63 -21.13 23.52
N SER A 808 28.76 -20.42 24.22
CA SER A 808 27.36 -20.81 24.31
C SER A 808 26.62 -20.39 23.06
N VAL A 809 25.53 -21.09 22.76
CA VAL A 809 24.73 -20.72 21.60
C VAL A 809 24.15 -19.33 21.78
N LEU A 810 23.57 -19.06 22.94
CA LEU A 810 22.94 -17.78 23.22
C LEU A 810 23.96 -16.67 23.45
N GLU A 811 25.25 -16.97 23.33
CA GLU A 811 26.29 -15.97 23.43
C GLU A 811 26.95 -15.69 22.09
N VAL A 812 26.79 -16.57 21.09
CA VAL A 812 27.29 -16.33 19.75
C VAL A 812 26.19 -15.93 18.80
N ILE A 813 24.93 -16.02 19.21
CA ILE A 813 23.83 -15.53 18.40
C ILE A 813 23.64 -14.03 18.55
N ALA A 814 24.14 -13.43 19.64
CA ALA A 814 23.94 -12.02 19.94
C ALA A 814 25.19 -11.20 19.71
N TYR A 815 26.30 -11.53 20.36
CA TYR A 815 27.55 -10.80 20.15
C TYR A 815 28.24 -11.26 18.86
N SER A 816 27.50 -11.18 17.76
CA SER A 816 28.00 -11.64 16.47
C SER A 816 27.82 -10.55 15.43
N SER A 817 28.78 -10.48 14.51
CA SER A 817 28.78 -9.44 13.49
C SER A 817 27.49 -9.46 12.69
N SER A 818 27.27 -8.38 11.95
CA SER A 818 26.09 -8.23 11.13
C SER A 818 26.20 -8.97 9.81
N GLU A 819 27.37 -9.54 9.52
CA GLU A 819 27.57 -10.31 8.30
C GLU A 819 26.90 -11.67 8.38
N THR A 820 26.88 -12.25 9.57
CA THR A 820 26.26 -13.55 9.76
C THR A 820 24.84 -13.45 9.28
N PRO A 821 24.32 -14.45 8.53
CA PRO A 821 23.04 -14.33 7.88
C PRO A 821 21.86 -14.73 8.76
N ASN A 822 20.96 -13.79 9.02
CA ASN A 822 19.80 -13.95 9.88
C ASN A 822 20.19 -13.97 11.35
N ARG A 823 21.11 -13.11 11.77
CA ARG A 823 21.43 -13.02 13.19
C ARG A 823 20.21 -12.76 14.03
N HIS A 824 19.23 -12.03 13.50
CA HIS A 824 18.06 -11.60 14.27
C HIS A 824 16.87 -12.53 14.08
N ASP A 825 17.04 -13.62 13.34
CA ASP A 825 15.96 -14.55 13.09
C ASP A 825 16.17 -15.90 13.77
N MET A 826 17.33 -16.14 14.36
CA MET A 826 17.60 -17.41 15.01
C MET A 826 17.12 -17.45 16.46
N LEU A 827 16.63 -16.33 16.98
CA LEU A 827 16.10 -16.27 18.33
C LEU A 827 14.62 -16.59 18.40
N LEU A 828 14.09 -17.34 17.43
CA LEU A 828 12.71 -17.79 17.45
C LEU A 828 12.61 -19.30 17.31
N VAL A 829 13.63 -20.05 17.73
CA VAL A 829 13.70 -21.47 17.40
C VAL A 829 12.71 -22.25 18.25
N GLU A 830 12.97 -22.36 19.55
CA GLU A 830 12.04 -23.04 20.44
C GLU A 830 12.36 -22.74 21.90
N PRO A 831 13.44 -23.27 22.48
CA PRO A 831 13.71 -22.94 23.88
C PRO A 831 14.38 -21.60 24.09
N LEU A 832 15.08 -21.06 23.07
CA LEU A 832 15.78 -19.79 23.27
C LEU A 832 14.81 -18.68 23.64
N ASN A 833 13.71 -18.56 22.91
CA ASN A 833 12.79 -17.46 23.12
C ASN A 833 12.20 -17.47 24.52
N ARG A 834 11.57 -18.58 24.88
CA ARG A 834 10.96 -18.66 26.19
C ARG A 834 12.01 -18.61 27.29
N LEU A 835 13.22 -19.10 27.02
CA LEU A 835 14.27 -19.03 28.03
C LEU A 835 14.62 -17.57 28.33
N LEU A 836 14.80 -16.77 27.28
CA LEU A 836 15.11 -15.36 27.49
C LEU A 836 13.97 -14.65 28.18
N GLN A 837 12.73 -14.90 27.78
CA GLN A 837 11.62 -14.23 28.43
C GLN A 837 11.48 -14.64 29.88
N ASP A 838 11.74 -15.90 30.21
CA ASP A 838 11.71 -16.32 31.60
C ASP A 838 12.78 -15.61 32.41
N LYS A 839 13.99 -15.46 31.87
CA LYS A 839 14.99 -14.69 32.59
C LYS A 839 14.54 -13.25 32.81
N TRP A 840 13.96 -12.63 31.79
CA TRP A 840 13.50 -11.24 31.88
C TRP A 840 12.43 -11.06 32.94
N ASP A 841 11.42 -11.91 32.94
CA ASP A 841 10.30 -11.77 33.86
C ASP A 841 10.69 -12.08 35.29
N ARG A 842 11.85 -12.62 35.52
CA ARG A 842 12.24 -13.06 36.85
C ARG A 842 13.28 -12.16 37.50
N PHE A 843 14.38 -11.87 36.81
CA PHE A 843 15.45 -11.12 37.48
C PHE A 843 16.05 -9.97 36.66
N VAL A 844 15.60 -9.69 35.45
CA VAL A 844 16.19 -8.61 34.66
C VAL A 844 15.16 -7.52 34.40
N LYS A 845 14.09 -7.48 35.19
CA LYS A 845 13.12 -6.40 35.07
C LYS A 845 13.36 -5.30 36.10
N ARG A 846 13.59 -5.67 37.35
CA ARG A 846 13.78 -4.65 38.38
C ARG A 846 15.09 -3.90 38.17
N ILE A 847 16.14 -4.61 37.77
CA ILE A 847 17.44 -3.98 37.62
C ILE A 847 17.38 -2.90 36.55
N PHE A 848 16.74 -3.22 35.43
CA PHE A 848 16.68 -2.26 34.33
C PHE A 848 15.93 -1.01 34.75
N TYR A 849 14.81 -1.17 35.45
CA TYR A 849 14.04 0.00 35.85
C TYR A 849 14.78 0.83 36.88
N PHE A 850 15.48 0.18 37.82
CA PHE A 850 16.27 0.94 38.77
C PHE A 850 17.38 1.72 38.07
N ASN A 851 18.02 1.09 37.08
CA ASN A 851 19.04 1.80 36.32
C ASN A 851 18.46 3.01 35.61
N PHE A 852 17.27 2.85 35.02
CA PHE A 852 16.63 3.98 34.36
C PHE A 852 16.40 5.11 35.35
N PHE A 853 15.93 4.77 36.55
CA PHE A 853 15.68 5.80 37.55
C PHE A 853 16.96 6.52 37.92
N VAL A 854 18.05 5.78 38.10
CA VAL A 854 19.30 6.42 38.50
C VAL A 854 19.78 7.37 37.41
N TYR A 855 19.70 6.94 36.15
CA TYR A 855 20.15 7.80 35.06
C TYR A 855 19.30 9.05 34.96
N CYS A 856 17.98 8.91 35.12
CA CYS A 856 17.12 10.07 35.07
C CYS A 856 17.42 11.06 36.19
N LEU A 857 17.75 10.55 37.38
CA LEU A 857 18.16 11.45 38.46
C LEU A 857 19.49 12.14 38.15
N TYR A 858 20.42 11.41 37.55
CA TYR A 858 21.72 11.99 37.22
C TYR A 858 21.59 13.14 36.24
N MET A 859 20.77 12.97 35.20
CA MET A 859 20.57 14.05 34.25
C MET A 859 19.97 15.29 34.93
N ILE A 860 19.05 15.09 35.87
CA ILE A 860 18.45 16.24 36.57
C ILE A 860 19.51 16.98 37.37
N ILE A 861 20.36 16.24 38.08
CA ILE A 861 21.42 16.90 38.83
C ILE A 861 22.33 17.69 37.90
N PHE A 862 22.68 17.10 36.75
CA PHE A 862 23.55 17.79 35.81
C PHE A 862 22.90 19.07 35.29
N THR A 863 21.61 19.00 34.93
CA THR A 863 20.94 20.20 34.44
C THR A 863 20.90 21.28 35.51
N ALA A 864 20.64 20.89 36.76
CA ALA A 864 20.61 21.87 37.83
C ALA A 864 21.98 22.52 38.00
N ALA A 865 23.05 21.72 37.92
CA ALA A 865 24.38 22.28 38.04
C ALA A 865 24.68 23.24 36.90
N ALA A 866 24.25 22.91 35.68
CA ALA A 866 24.55 23.76 34.53
C ALA A 866 23.77 25.06 34.56
N TYR A 867 22.47 25.00 34.82
CA TYR A 867 21.64 26.20 34.70
C TYR A 867 22.14 27.31 35.59
N TYR A 868 22.62 26.98 36.79
CA TYR A 868 23.02 27.97 37.78
C TYR A 868 24.51 28.25 37.73
N ARG A 869 25.12 28.09 36.57
CA ARG A 869 26.54 28.34 36.44
C ARG A 869 26.82 29.80 36.78
N PRO A 870 27.78 30.07 37.67
CA PRO A 870 28.13 31.46 37.96
C PRO A 870 28.70 32.13 36.72
N VAL A 871 28.36 33.41 36.57
CA VAL A 871 28.89 34.19 35.45
C VAL A 871 29.50 35.48 35.98
N GLU A 872 30.80 35.48 36.20
CA GLU A 872 31.52 36.69 36.66
C GLU A 872 32.99 36.30 36.81
N GLY A 873 33.81 36.59 35.80
CA GLY A 873 35.25 36.33 35.91
C GLY A 873 35.66 35.21 35.01
N LEU A 874 36.96 34.96 34.88
CA LEU A 874 37.46 33.92 33.95
C LEU A 874 37.48 32.57 34.69
N PRO A 875 36.98 31.48 34.10
CA PRO A 875 36.94 30.15 34.69
C PRO A 875 37.26 29.73 36.12
N PRO A 876 38.46 29.27 36.56
CA PRO A 876 38.60 28.72 37.90
C PRO A 876 37.91 29.63 38.89
N TYR A 877 36.77 29.22 39.48
CA TYR A 877 35.97 30.10 40.37
C TYR A 877 36.09 29.66 41.80
N LYS A 878 36.37 30.59 42.72
CA LYS A 878 36.60 30.25 44.14
C LYS A 878 35.27 29.90 44.80
N LEU A 879 35.29 29.26 45.96
CA LEU A 879 34.07 28.81 46.62
C LEU A 879 33.65 29.80 47.69
N LYS A 880 32.37 30.18 47.68
CA LYS A 880 31.83 31.02 48.74
C LYS A 880 31.54 30.17 49.96
N ASN A 881 30.84 30.71 50.94
CA ASN A 881 30.52 29.98 52.16
C ASN A 881 29.01 30.01 52.40
N THR A 882 28.24 29.92 51.33
CA THR A 882 26.79 29.90 51.41
C THR A 882 26.29 28.47 51.24
N VAL A 883 25.04 28.24 51.65
CA VAL A 883 24.47 26.90 51.54
C VAL A 883 24.43 26.46 50.09
N GLY A 884 24.02 27.34 49.18
CA GLY A 884 23.86 26.96 47.80
C GLY A 884 25.16 26.61 47.11
N ASP A 885 26.25 27.29 47.45
CA ASP A 885 27.51 27.05 46.79
C ASP A 885 28.06 25.66 47.07
N TYR A 886 27.73 25.06 48.22
CA TYR A 886 28.13 23.69 48.48
C TYR A 886 27.32 22.70 47.64
N PHE A 887 26.02 22.94 47.50
CA PHE A 887 25.20 22.09 46.66
C PHE A 887 25.71 22.13 45.22
N ARG A 888 26.11 23.31 44.75
CA ARG A 888 26.62 23.40 43.38
C ARG A 888 27.88 22.56 43.20
N VAL A 889 28.81 22.64 44.16
CA VAL A 889 30.03 21.85 44.04
C VAL A 889 29.71 20.37 44.06
N THR A 890 28.78 19.96 44.91
CA THR A 890 28.38 18.56 44.96
C THR A 890 27.86 18.11 43.60
N GLY A 891 27.01 18.94 42.98
CA GLY A 891 26.47 18.61 41.68
C GLY A 891 27.57 18.44 40.65
N GLU A 892 28.53 19.37 40.65
CA GLU A 892 29.62 19.28 39.69
C GLU A 892 30.41 17.99 39.87
N ILE A 893 30.68 17.63 41.13
CA ILE A 893 31.45 16.42 41.40
C ILE A 893 30.72 15.19 40.87
N LEU A 894 29.42 15.11 41.15
CA LEU A 894 28.64 13.96 40.67
C LEU A 894 28.67 13.89 39.14
N SER A 895 28.51 15.03 38.47
CA SER A 895 28.50 15.03 37.02
C SER A 895 29.81 14.52 36.44
N VAL A 896 30.94 15.01 36.95
CA VAL A 896 32.22 14.53 36.44
C VAL A 896 32.41 13.05 36.73
N SER A 897 31.93 12.56 37.88
CA SER A 897 32.02 11.13 38.17
C SER A 897 31.29 10.33 37.09
N GLY A 898 30.09 10.76 36.74
CA GLY A 898 29.36 10.08 35.70
C GLY A 898 30.15 10.06 34.40
N GLY A 899 30.78 11.18 34.10
CA GLY A 899 31.55 11.27 32.88
C GLY A 899 32.67 10.25 32.82
N VAL A 900 33.45 10.16 33.90
CA VAL A 900 34.57 9.22 33.91
C VAL A 900 34.05 7.78 33.78
N TYR A 901 32.97 7.47 34.49
CA TYR A 901 32.39 6.14 34.39
C TYR A 901 32.11 5.80 32.93
N PHE A 902 31.40 6.69 32.24
CA PHE A 902 31.00 6.34 30.88
C PHE A 902 32.20 6.19 29.98
N PHE A 903 33.22 7.03 30.16
CA PHE A 903 34.41 6.91 29.34
C PHE A 903 35.04 5.54 29.48
N PHE A 904 35.20 5.07 30.72
CA PHE A 904 35.87 3.78 30.91
C PHE A 904 35.01 2.65 30.38
N ARG A 905 33.69 2.75 30.53
CA ARG A 905 32.81 1.74 29.96
C ARG A 905 33.02 1.65 28.45
N GLY A 906 33.07 2.80 27.78
CA GLY A 906 33.29 2.80 26.34
C GLY A 906 34.62 2.17 25.96
N ILE A 907 35.68 2.50 26.69
CA ILE A 907 36.99 1.96 26.35
C ILE A 907 36.96 0.44 26.48
N GLN A 908 36.39 -0.06 27.57
CA GLN A 908 36.33 -1.51 27.74
C GLN A 908 35.58 -2.17 26.61
N TYR A 909 34.42 -1.62 26.26
CA TYR A 909 33.62 -2.20 25.18
C TYR A 909 34.44 -2.27 23.91
N PHE A 910 35.12 -1.18 23.57
CA PHE A 910 35.84 -1.16 22.29
C PHE A 910 37.02 -2.12 22.32
N LEU A 911 37.67 -2.28 23.46
CA LEU A 911 38.85 -3.13 23.53
C LEU A 911 38.54 -4.61 23.67
N GLN A 912 37.32 -4.98 24.06
CA GLN A 912 37.05 -6.41 24.22
C GLN A 912 36.33 -6.96 23.00
N ARG A 913 35.16 -6.41 22.64
CA ARG A 913 34.46 -6.80 21.42
C ARG A 913 34.87 -5.84 20.31
N ARG A 914 35.97 -6.17 19.67
CA ARG A 914 36.52 -5.33 18.63
C ARG A 914 35.50 -5.12 17.51
N PRO A 915 34.99 -3.91 17.31
CA PRO A 915 34.09 -3.67 16.18
C PRO A 915 34.87 -3.28 14.93
N SER A 916 34.37 -3.74 13.79
CA SER A 916 34.99 -3.43 12.52
C SER A 916 34.67 -1.99 12.09
N LEU A 917 35.09 -1.61 10.90
CA LEU A 917 34.81 -0.27 10.40
C LEU A 917 33.41 -0.14 9.81
N LYS A 918 32.82 -1.24 9.36
CA LYS A 918 31.46 -1.21 8.82
C LYS A 918 30.43 -1.41 9.92
N SER A 919 30.65 -2.40 10.79
CA SER A 919 29.75 -2.62 11.92
C SER A 919 29.88 -1.55 12.99
N LEU A 920 30.84 -0.64 12.86
CA LEU A 920 31.01 0.42 13.84
C LEU A 920 29.70 1.15 14.08
N PHE A 921 28.99 1.50 13.00
CA PHE A 921 27.75 2.24 13.10
C PHE A 921 26.54 1.43 12.69
N VAL A 922 26.72 0.15 12.34
CA VAL A 922 25.59 -0.73 12.07
C VAL A 922 25.28 -1.66 13.24
N ASP A 923 26.24 -1.95 14.10
CA ASP A 923 26.03 -2.85 15.23
C ASP A 923 26.22 -2.17 16.57
N SER A 924 26.65 -0.91 16.61
CA SER A 924 26.81 -0.20 17.86
C SER A 924 26.50 1.27 17.61
N TYR A 925 25.28 1.69 17.94
CA TYR A 925 24.91 3.09 17.87
C TYR A 925 24.74 3.69 19.25
N SER A 926 24.10 2.96 20.16
CA SER A 926 23.94 3.47 21.52
C SER A 926 25.31 3.64 22.18
N GLU A 927 26.19 2.67 21.98
CA GLU A 927 27.49 2.73 22.64
C GLU A 927 28.30 3.92 22.16
N ILE A 928 28.27 4.19 20.86
CA ILE A 928 29.04 5.30 20.32
C ILE A 928 28.55 6.61 20.91
N LEU A 929 27.24 6.79 20.99
CA LEU A 929 26.71 8.04 21.53
C LEU A 929 27.05 8.19 23.01
N PHE A 930 26.93 7.12 23.78
CA PHE A 930 27.36 7.20 25.18
C PHE A 930 28.81 7.67 25.25
N PHE A 931 29.67 7.07 24.42
CA PHE A 931 31.08 7.38 24.46
C PHE A 931 31.34 8.83 24.08
N VAL A 932 30.67 9.33 23.05
CA VAL A 932 30.93 10.68 22.57
C VAL A 932 30.44 11.70 23.60
N GLN A 933 29.31 11.42 24.23
CA GLN A 933 28.85 12.30 25.31
C GLN A 933 29.88 12.37 26.42
N SER A 934 30.41 11.22 26.81
CA SER A 934 31.43 11.22 27.85
C SER A 934 32.65 12.01 27.42
N LEU A 935 33.02 11.89 26.16
CA LEU A 935 34.19 12.60 25.65
C LEU A 935 33.98 14.11 25.72
N PHE A 936 32.81 14.58 25.32
CA PHE A 936 32.51 16.00 25.43
C PHE A 936 32.59 16.46 26.88
N MET A 937 32.04 15.68 27.80
CA MET A 937 32.08 16.06 29.21
C MET A 937 33.52 16.21 29.68
N LEU A 938 34.37 15.24 29.34
CA LEU A 938 35.75 15.25 29.81
C LEU A 938 36.52 16.43 29.21
N VAL A 939 36.25 16.75 27.94
CA VAL A 939 36.91 17.89 27.32
C VAL A 939 36.47 19.18 27.98
N SER A 940 35.18 19.30 28.30
CA SER A 940 34.72 20.44 29.06
C SER A 940 35.51 20.58 30.35
N VAL A 941 35.72 19.46 31.04
CA VAL A 941 36.42 19.53 32.33
C VAL A 941 37.86 19.96 32.13
N VAL A 942 38.53 19.44 31.10
CA VAL A 942 39.93 19.80 30.90
C VAL A 942 40.06 21.27 30.53
N LEU A 943 39.13 21.80 29.75
CA LEU A 943 39.16 23.23 29.46
C LEU A 943 38.91 24.05 30.71
N TYR A 944 37.91 23.68 31.51
CA TYR A 944 37.46 24.55 32.59
C TYR A 944 38.57 24.83 33.59
N PHE A 945 39.58 23.97 33.67
CA PHE A 945 40.67 24.14 34.61
C PHE A 945 41.88 24.80 33.98
N SER A 946 41.81 25.15 32.70
CA SER A 946 42.92 25.75 31.98
C SER A 946 42.73 27.25 31.77
N GLN A 947 41.78 27.86 32.47
CA GLN A 947 41.51 29.28 32.34
C GLN A 947 41.09 29.64 30.92
N ARG A 948 40.00 29.03 30.48
CA ARG A 948 39.37 29.36 29.21
C ARG A 948 37.87 29.29 29.38
N LYS A 949 37.18 30.31 28.86
CA LYS A 949 35.72 30.38 28.96
C LYS A 949 35.05 29.69 27.79
N GLU A 950 35.77 28.83 27.08
CA GLU A 950 35.17 28.06 25.99
C GLU A 950 34.57 26.75 26.47
N TYR A 951 34.51 26.53 27.79
CA TYR A 951 33.95 25.28 28.29
C TYR A 951 32.43 25.27 28.25
N VAL A 952 31.79 26.43 28.07
CA VAL A 952 30.34 26.44 27.98
C VAL A 952 29.90 25.64 26.76
N ALA A 953 30.63 25.75 25.66
CA ALA A 953 30.21 25.03 24.46
C ALA A 953 30.25 23.52 24.68
N SER A 954 31.35 23.02 25.26
CA SER A 954 31.46 21.58 25.48
C SER A 954 30.42 21.10 26.48
N MET A 955 30.24 21.84 27.57
CA MET A 955 29.21 21.44 28.53
C MET A 955 27.83 21.42 27.90
N VAL A 956 27.53 22.41 27.05
CA VAL A 956 26.23 22.47 26.42
C VAL A 956 26.00 21.27 25.53
N PHE A 957 26.99 20.94 24.70
CA PHE A 957 26.83 19.78 23.83
C PHE A 957 26.65 18.52 24.65
N SER A 958 27.40 18.39 25.74
CA SER A 958 27.27 17.21 26.59
C SER A 958 25.87 17.12 27.17
N LEU A 959 25.32 18.23 27.65
CA LEU A 959 23.98 18.21 28.23
C LEU A 959 22.94 17.81 27.21
N ALA A 960 23.01 18.40 26.02
CA ALA A 960 22.02 18.06 25.00
C ALA A 960 22.08 16.59 24.65
N MET A 961 23.28 16.06 24.42
CA MET A 961 23.37 14.66 24.05
C MET A 961 22.94 13.75 25.20
N GLY A 962 23.24 14.14 26.44
CA GLY A 962 22.82 13.35 27.57
C GLY A 962 21.30 13.24 27.64
N TRP A 963 20.60 14.34 27.41
CA TRP A 963 19.14 14.24 27.40
C TRP A 963 18.66 13.38 26.25
N THR A 964 19.21 13.59 25.05
CA THR A 964 18.72 12.79 23.93
C THR A 964 19.06 11.32 24.07
N ASN A 965 19.98 10.95 24.97
CA ASN A 965 20.37 9.56 25.14
C ASN A 965 19.41 8.76 26.00
N MET A 966 18.40 9.37 26.61
CA MET A 966 17.45 8.58 27.36
C MET A 966 16.77 7.54 26.50
N LEU A 967 16.60 7.83 25.21
CA LEU A 967 15.92 6.88 24.34
C LEU A 967 16.57 5.50 24.35
N TYR A 968 17.75 5.35 24.93
CA TYR A 968 18.35 4.03 25.03
C TYR A 968 17.56 3.11 25.94
N TYR A 969 16.72 3.68 26.80
CA TYR A 969 15.91 2.89 27.72
C TYR A 969 14.54 2.54 27.17
N THR A 970 14.18 3.06 26.00
CA THR A 970 12.91 2.64 25.43
C THR A 970 12.90 1.17 25.06
N ARG A 971 14.05 0.51 25.03
CA ARG A 971 14.11 -0.88 24.64
C ARG A 971 13.48 -1.81 25.66
N GLY A 972 13.15 -1.31 26.84
CA GLY A 972 12.43 -2.12 27.79
C GLY A 972 10.94 -2.25 27.53
N PHE A 973 10.38 -1.43 26.67
CA PHE A 973 8.95 -1.43 26.38
C PHE A 973 8.75 -1.76 24.91
N GLN A 974 7.81 -2.65 24.63
CA GLN A 974 7.69 -3.19 23.28
C GLN A 974 7.37 -2.11 22.27
N GLN A 975 6.39 -1.26 22.57
CA GLN A 975 5.83 -0.41 21.53
C GLN A 975 6.65 0.85 21.28
N MET A 976 7.67 1.11 22.09
CA MET A 976 8.54 2.26 21.84
C MET A 976 9.91 1.87 21.31
N GLY A 977 10.37 0.66 21.61
CA GLY A 977 11.60 0.19 21.01
C GLY A 977 11.51 0.17 19.50
N ILE A 978 10.34 -0.22 18.98
CA ILE A 978 10.15 -0.21 17.53
C ILE A 978 10.30 1.21 17.00
N TYR A 979 9.72 2.18 17.69
CA TYR A 979 9.83 3.55 17.25
C TYR A 979 11.28 4.02 17.23
N ALA A 980 12.03 3.71 18.28
CA ALA A 980 13.42 4.13 18.35
C ALA A 980 14.24 3.49 17.23
N VAL A 981 14.01 2.20 16.98
CA VAL A 981 14.78 1.54 15.93
C VAL A 981 14.40 2.08 14.56
N MET A 982 13.13 2.41 14.35
CA MET A 982 12.73 3.00 13.06
C MET A 982 13.42 4.34 12.84
N ILE A 983 13.43 5.19 13.86
CA ILE A 983 14.09 6.49 13.71
C ILE A 983 15.59 6.29 13.47
N GLU A 984 16.18 5.27 14.09
CA GLU A 984 17.58 4.93 13.81
C GLU A 984 17.79 4.57 12.34
N LYS A 985 17.00 3.61 11.86
CA LYS A 985 17.17 3.16 10.48
C LYS A 985 17.02 4.33 9.51
N MET A 986 16.02 5.18 9.70
CA MET A 986 15.86 6.25 8.73
C MET A 986 16.64 7.51 9.09
N ILE A 987 17.49 7.46 10.11
CA ILE A 987 18.52 8.47 10.19
C ILE A 987 19.81 7.95 9.58
N LEU A 988 19.87 6.65 9.26
CA LEU A 988 21.00 6.13 8.48
C LEU A 988 20.65 5.75 7.05
N ARG A 989 19.38 5.83 6.64
CA ARG A 989 18.96 5.37 5.32
C ARG A 989 18.41 6.50 4.46
N ASP A 990 17.37 7.19 4.92
CA ASP A 990 16.62 8.11 4.07
C ASP A 990 17.06 9.55 4.21
N LEU A 991 17.47 9.98 5.41
CA LEU A 991 17.72 11.40 5.65
C LEU A 991 19.04 11.86 5.05
N CYS A 992 20.07 11.00 5.03
CA CYS A 992 21.37 11.42 4.54
C CYS A 992 21.32 11.81 3.05
N ARG A 993 20.67 10.98 2.22
CA ARG A 993 20.62 11.25 0.79
C ARG A 993 19.89 12.55 0.51
N PHE A 994 18.71 12.71 1.10
CA PHE A 994 17.96 13.95 0.92
C PHE A 994 18.78 15.13 1.37
N MET A 995 19.50 14.98 2.49
CA MET A 995 20.28 16.09 2.98
C MET A 995 21.33 16.49 1.97
N PHE A 996 22.00 15.51 1.36
CA PHE A 996 23.04 15.84 0.38
C PHE A 996 22.46 16.56 -0.82
N VAL A 997 21.39 16.03 -1.41
CA VAL A 997 20.86 16.65 -2.62
C VAL A 997 20.34 18.05 -2.33
N TYR A 998 19.60 18.20 -1.22
CA TYR A 998 19.11 19.53 -0.87
C TYR A 998 20.25 20.48 -0.61
N LEU A 999 21.35 19.99 -0.05
CA LEU A 999 22.49 20.86 0.20
C LEU A 999 23.06 21.35 -1.12
N VAL A 1000 23.14 20.48 -2.12
CA VAL A 1000 23.63 20.92 -3.42
C VAL A 1000 22.74 22.01 -3.98
N PHE A 1001 21.42 21.80 -3.94
CA PHE A 1001 20.50 22.81 -4.46
C PHE A 1001 20.69 24.14 -3.76
N LEU A 1002 20.70 24.11 -2.42
CA LEU A 1002 20.80 25.33 -1.64
C LEU A 1002 22.09 26.06 -1.94
N PHE A 1003 23.20 25.33 -1.99
CA PHE A 1003 24.48 25.98 -2.23
C PHE A 1003 24.49 26.64 -3.60
N GLY A 1004 23.99 25.94 -4.62
CA GLY A 1004 24.00 26.52 -5.95
C GLY A 1004 23.18 27.80 -6.02
N PHE A 1005 21.94 27.76 -5.53
CA PHE A 1005 21.11 28.94 -5.66
C PHE A 1005 21.59 30.07 -4.77
N SER A 1006 22.15 29.74 -3.59
CA SER A 1006 22.66 30.78 -2.72
C SER A 1006 23.85 31.50 -3.34
N THR A 1007 24.78 30.75 -3.93
CA THR A 1007 25.91 31.42 -4.58
C THR A 1007 25.45 32.24 -5.77
N ALA A 1008 24.46 31.74 -6.53
CA ALA A 1008 23.93 32.53 -7.63
C ALA A 1008 23.38 33.87 -7.13
N VAL A 1009 22.50 33.83 -6.14
CA VAL A 1009 21.88 35.07 -5.66
C VAL A 1009 22.92 35.99 -5.06
N VAL A 1010 23.89 35.45 -4.31
CA VAL A 1010 24.89 36.28 -3.69
C VAL A 1010 25.74 36.97 -4.74
N THR A 1011 26.02 36.28 -5.86
CA THR A 1011 26.68 36.94 -6.97
C THR A 1011 25.82 38.06 -7.52
N LEU A 1012 24.51 37.82 -7.66
CA LEU A 1012 23.64 38.83 -8.23
C LEU A 1012 23.55 40.06 -7.33
N ILE A 1013 23.39 39.84 -6.02
CA ILE A 1013 23.20 40.96 -5.10
C ILE A 1013 24.35 41.94 -5.27
N GLU A 1014 24.09 43.20 -4.96
CA GLU A 1014 25.00 44.29 -5.26
C GLU A 1014 25.53 44.94 -4.00
N ASP A 1015 24.63 45.43 -3.14
CA ASP A 1015 25.01 46.07 -1.89
C ASP A 1015 26.01 47.19 -2.13
N GLY A 1016 25.76 47.96 -3.17
CA GLY A 1016 26.62 49.07 -3.51
C GLY A 1016 26.06 50.38 -3.00
N LYS A 1017 25.08 50.30 -2.10
CA LYS A 1017 24.43 51.49 -1.59
C LYS A 1017 25.32 52.19 -0.56
N GLY A 1038 19.50 44.71 6.75
CA GLY A 1038 19.15 44.32 5.39
C GLY A 1038 20.09 44.91 4.35
N ASN A 1039 21.33 45.17 4.76
CA ASN A 1039 22.34 45.72 3.86
C ASN A 1039 23.53 44.81 3.67
N SER A 1040 24.03 44.20 4.74
CA SER A 1040 25.18 43.29 4.66
C SER A 1040 24.74 41.90 4.22
N TYR A 1041 24.04 41.82 3.09
CA TYR A 1041 23.58 40.54 2.58
C TYR A 1041 24.55 39.95 1.57
N ASN A 1042 25.78 40.46 1.51
CA ASN A 1042 26.76 39.89 0.59
C ASN A 1042 27.29 38.56 1.10
N SER A 1043 27.47 38.43 2.41
CA SER A 1043 28.08 37.23 2.94
C SER A 1043 27.29 36.01 2.50
N LEU A 1044 28.01 34.97 2.09
CA LEU A 1044 27.32 33.74 1.70
C LEU A 1044 26.49 33.19 2.84
N TYR A 1045 26.92 33.42 4.08
CA TYR A 1045 26.22 32.84 5.23
C TYR A 1045 24.80 33.39 5.34
N SER A 1046 24.63 34.69 5.17
CA SER A 1046 23.31 35.28 5.32
C SER A 1046 22.35 34.72 4.29
N THR A 1047 22.78 34.64 3.03
CA THR A 1047 21.90 34.15 1.98
C THR A 1047 21.57 32.67 2.19
N CYS A 1048 22.57 31.88 2.60
CA CYS A 1048 22.29 30.47 2.87
C CYS A 1048 21.25 30.34 3.98
N LEU A 1049 21.37 31.16 5.02
CA LEU A 1049 20.40 31.11 6.10
C LEU A 1049 19.01 31.49 5.62
N GLU A 1050 18.93 32.50 4.73
CA GLU A 1050 17.61 32.90 4.22
C GLU A 1050 16.96 31.77 3.44
N LEU A 1051 17.73 31.09 2.60
CA LEU A 1051 17.14 29.97 1.87
C LEU A 1051 16.71 28.84 2.81
N PHE A 1052 17.51 28.55 3.82
CA PHE A 1052 17.08 27.53 4.78
C PHE A 1052 15.77 27.94 5.46
N LYS A 1053 15.65 29.23 5.77
CA LYS A 1053 14.40 29.71 6.34
C LYS A 1053 13.25 29.47 5.38
N PHE A 1054 13.49 29.67 4.09
CA PHE A 1054 12.51 29.25 3.10
C PHE A 1054 12.12 27.80 3.30
N THR A 1055 13.11 26.96 3.64
CA THR A 1055 12.82 25.54 3.76
C THR A 1055 11.94 25.23 4.97
N ILE A 1056 12.10 25.98 6.07
CA ILE A 1056 11.35 25.67 7.28
C ILE A 1056 10.06 26.48 7.35
N GLY A 1057 9.61 26.98 6.21
CA GLY A 1057 8.33 27.66 6.14
C GLY A 1057 8.24 28.97 6.89
N MET A 1058 9.25 29.82 6.78
CA MET A 1058 9.18 31.15 7.34
C MET A 1058 9.84 32.19 6.45
N GLY A 1059 10.30 31.82 5.26
CA GLY A 1059 11.11 32.71 4.47
C GLY A 1059 10.34 33.88 3.89
N ASP A 1060 11.09 34.83 3.34
CA ASP A 1060 10.55 36.04 2.76
C ASP A 1060 10.97 36.16 1.31
N LEU A 1061 10.04 36.56 0.45
CA LEU A 1061 10.28 36.60 -0.99
C LEU A 1061 10.75 37.95 -1.48
N GLU A 1062 10.92 38.93 -0.60
CA GLU A 1062 11.50 40.21 -0.97
C GLU A 1062 12.46 40.69 0.12
N PHE A 1063 13.29 39.79 0.64
CA PHE A 1063 14.09 40.11 1.81
C PHE A 1063 15.12 41.19 1.54
N THR A 1064 15.46 41.45 0.29
CA THR A 1064 16.38 42.52 -0.03
C THR A 1064 15.98 43.17 -1.35
N GLU A 1065 16.43 44.40 -1.54
CA GLU A 1065 16.10 45.17 -2.74
C GLU A 1065 17.32 45.75 -3.44
N ASN A 1066 18.52 45.50 -2.93
CA ASN A 1066 19.73 46.08 -3.51
C ASN A 1066 19.99 45.60 -4.92
N TYR A 1067 19.37 44.51 -5.35
CA TYR A 1067 19.67 43.96 -6.66
C TYR A 1067 19.45 45.00 -7.74
N ASP A 1068 19.93 44.69 -8.95
CA ASP A 1068 19.79 45.57 -10.09
C ASP A 1068 18.79 45.09 -11.13
N PHE A 1069 18.38 43.82 -11.08
CA PHE A 1069 17.37 43.28 -11.98
C PHE A 1069 16.38 42.47 -11.16
N LYS A 1070 15.14 42.95 -11.04
CA LYS A 1070 14.19 42.24 -10.19
C LYS A 1070 13.78 40.91 -10.81
N ALA A 1071 13.70 40.84 -12.14
CA ALA A 1071 13.21 39.63 -12.79
C ALA A 1071 14.09 38.44 -12.45
N VAL A 1072 15.41 38.61 -12.54
CA VAL A 1072 16.30 37.49 -12.31
C VAL A 1072 16.19 37.01 -10.87
N PHE A 1073 16.15 37.94 -9.92
CA PHE A 1073 16.08 37.58 -8.52
C PHE A 1073 14.80 36.79 -8.23
N ILE A 1074 13.67 37.28 -8.74
CA ILE A 1074 12.41 36.58 -8.48
C ILE A 1074 12.43 35.21 -9.14
N ILE A 1075 12.98 35.11 -10.35
CA ILE A 1075 12.99 33.83 -11.03
C ILE A 1075 13.80 32.81 -10.24
N LEU A 1076 14.97 33.23 -9.73
CA LEU A 1076 15.76 32.30 -8.94
C LEU A 1076 15.03 31.86 -7.68
N LEU A 1077 14.42 32.82 -6.98
CA LEU A 1077 13.70 32.44 -5.76
C LEU A 1077 12.57 31.47 -6.06
N LEU A 1078 11.80 31.73 -7.12
CA LEU A 1078 10.69 30.84 -7.45
C LEU A 1078 11.19 29.47 -7.86
N ALA A 1079 12.26 29.40 -8.62
CA ALA A 1079 12.80 28.11 -9.02
C ALA A 1079 13.25 27.32 -7.80
N TYR A 1080 13.92 27.99 -6.85
CA TYR A 1080 14.32 27.32 -5.64
C TYR A 1080 13.11 26.79 -4.87
N VAL A 1081 12.07 27.61 -4.75
CA VAL A 1081 10.89 27.18 -4.00
C VAL A 1081 10.24 25.98 -4.67
N ILE A 1082 10.14 25.99 -5.99
CA ILE A 1082 9.54 24.85 -6.68
C ILE A 1082 10.37 23.60 -6.47
N LEU A 1083 11.68 23.71 -6.61
CA LEU A 1083 12.51 22.50 -6.59
C LEU A 1083 12.70 21.92 -5.20
N THR A 1084 12.77 22.75 -4.16
CA THR A 1084 13.03 22.24 -2.82
C THR A 1084 11.75 22.07 -2.01
N TYR A 1085 11.00 23.15 -1.80
CA TYR A 1085 9.87 23.09 -0.90
C TYR A 1085 8.79 22.13 -1.38
N ILE A 1086 8.42 22.21 -2.66
CA ILE A 1086 7.28 21.46 -3.15
C ILE A 1086 7.66 20.12 -3.75
N LEU A 1087 8.90 19.95 -4.20
CA LEU A 1087 9.27 18.73 -4.90
C LEU A 1087 10.03 17.74 -4.03
N LEU A 1088 11.10 18.18 -3.37
CA LEU A 1088 11.91 17.24 -2.60
C LEU A 1088 11.22 16.79 -1.32
N LEU A 1089 10.60 17.72 -0.59
CA LEU A 1089 10.05 17.36 0.70
C LEU A 1089 8.95 16.31 0.57
N ASN A 1090 8.06 16.51 -0.39
CA ASN A 1090 7.02 15.51 -0.61
C ASN A 1090 7.61 14.20 -1.15
N MET A 1091 8.71 14.29 -1.90
CA MET A 1091 9.41 13.08 -2.29
C MET A 1091 9.88 12.30 -1.07
N LEU A 1092 10.46 13.01 -0.11
CA LEU A 1092 10.93 12.36 1.10
C LEU A 1092 9.77 11.75 1.88
N ILE A 1093 8.63 12.43 1.92
CA ILE A 1093 7.47 11.86 2.59
C ILE A 1093 7.06 10.55 1.91
N ALA A 1094 7.03 10.55 0.58
CA ALA A 1094 6.66 9.34 -0.13
C ALA A 1094 7.63 8.21 0.17
N LEU A 1095 8.92 8.49 0.11
CA LEU A 1095 9.90 7.43 0.34
C LEU A 1095 9.88 6.93 1.78
N MET A 1096 9.63 7.83 2.73
CA MET A 1096 9.52 7.41 4.12
C MET A 1096 8.32 6.51 4.33
N GLY A 1097 7.18 6.85 3.70
CA GLY A 1097 6.03 5.96 3.79
C GLY A 1097 6.34 4.59 3.22
N GLU A 1098 6.96 4.54 2.04
CA GLU A 1098 7.31 3.25 1.46
C GLU A 1098 8.25 2.47 2.37
N THR A 1099 9.28 3.12 2.89
CA THR A 1099 10.23 2.42 3.74
C THR A 1099 9.56 1.88 5.00
N VAL A 1100 8.66 2.66 5.60
CA VAL A 1100 7.94 2.19 6.78
C VAL A 1100 7.18 0.93 6.45
N ASN A 1101 6.40 0.96 5.36
CA ASN A 1101 5.59 -0.19 5.03
C ASN A 1101 6.46 -1.38 4.66
N LYS A 1102 7.73 -1.13 4.33
CA LYS A 1102 8.64 -2.23 4.04
C LYS A 1102 9.25 -2.82 5.31
N ILE A 1103 9.61 -1.99 6.29
CA ILE A 1103 10.55 -2.40 7.33
C ILE A 1103 9.90 -2.43 8.72
N ALA A 1104 8.57 -2.38 8.82
CA ALA A 1104 7.97 -2.60 10.14
C ALA A 1104 8.51 -3.87 10.81
N GLN A 1105 8.49 -4.99 10.09
CA GLN A 1105 8.87 -6.28 10.69
C GLN A 1105 10.36 -6.32 11.00
N GLU A 1106 11.19 -5.79 10.11
CA GLU A 1106 12.63 -5.77 10.37
C GLU A 1106 12.93 -4.98 11.62
N SER A 1107 12.23 -3.86 11.82
CA SER A 1107 12.42 -3.10 13.04
C SER A 1107 12.04 -3.92 14.26
N LYS A 1108 10.92 -4.64 14.20
CA LYS A 1108 10.54 -5.50 15.31
C LYS A 1108 11.66 -6.48 15.65
N ASN A 1109 12.19 -7.17 14.65
CA ASN A 1109 13.20 -8.17 14.91
C ASN A 1109 14.45 -7.53 15.51
N ILE A 1110 14.86 -6.37 15.00
CA ILE A 1110 16.05 -5.73 15.54
C ILE A 1110 15.83 -5.41 17.01
N TRP A 1111 14.62 -4.98 17.36
CA TRP A 1111 14.37 -4.69 18.76
C TRP A 1111 14.49 -5.94 19.61
N LYS A 1112 13.98 -7.07 19.11
CA LYS A 1112 14.09 -8.30 19.88
C LYS A 1112 15.54 -8.62 20.16
N LEU A 1113 16.38 -8.50 19.13
CA LEU A 1113 17.80 -8.78 19.32
C LEU A 1113 18.41 -7.84 20.34
N GLN A 1114 18.02 -6.57 20.29
CA GLN A 1114 18.54 -5.59 21.23
C GLN A 1114 18.20 -5.97 22.67
N ARG A 1115 16.96 -6.43 22.87
CA ARG A 1115 16.55 -6.85 24.19
C ARG A 1115 17.36 -8.05 24.67
N ALA A 1116 17.62 -8.98 23.77
CA ALA A 1116 18.46 -10.13 24.13
C ALA A 1116 19.85 -9.66 24.55
N ILE A 1117 20.42 -8.71 23.81
CA ILE A 1117 21.74 -8.18 24.16
C ILE A 1117 21.71 -7.67 25.58
N THR A 1118 20.70 -6.86 25.92
CA THR A 1118 20.69 -6.26 27.26
C THR A 1118 20.46 -7.28 28.35
N ILE A 1119 19.66 -8.32 28.08
CA ILE A 1119 19.44 -9.34 29.09
C ILE A 1119 20.75 -10.07 29.39
N LEU A 1120 21.50 -10.42 28.33
CA LEU A 1120 22.79 -11.06 28.54
C LEU A 1120 23.72 -10.14 29.33
N ASP A 1121 23.77 -8.88 28.94
CA ASP A 1121 24.70 -7.96 29.59
C ASP A 1121 24.37 -7.80 31.06
N THR A 1122 23.08 -7.68 31.39
CA THR A 1122 22.70 -7.50 32.78
C THR A 1122 23.01 -8.74 33.60
N GLU A 1123 22.75 -9.93 33.06
CA GLU A 1123 23.10 -11.12 33.81
C GLU A 1123 24.61 -11.22 34.02
N LYS A 1124 25.39 -10.88 33.00
CA LYS A 1124 26.85 -10.91 33.14
C LYS A 1124 27.33 -9.91 34.18
N SER A 1125 26.77 -8.71 34.17
CA SER A 1125 27.34 -7.61 34.95
C SER A 1125 27.45 -7.97 36.41
N PHE A 1126 26.59 -8.85 36.90
CA PHE A 1126 26.67 -9.35 38.26
C PHE A 1126 27.52 -10.60 38.36
N LEU A 1127 28.38 -10.85 37.36
CA LEU A 1127 29.21 -12.05 37.37
C LEU A 1127 29.94 -12.21 38.69
N LYS A 1128 30.57 -11.14 39.18
CA LYS A 1128 31.26 -11.18 40.46
C LYS A 1128 30.29 -11.13 41.64
N CYS A 1129 29.18 -10.40 41.50
CA CYS A 1129 28.24 -10.25 42.61
C CYS A 1129 27.60 -11.58 42.96
N MET A 1130 26.76 -12.11 42.08
CA MET A 1130 26.17 -13.44 42.27
C MET A 1130 25.93 -14.05 40.89
N ARG A 1131 25.85 -15.38 40.86
CA ARG A 1131 25.47 -16.11 39.65
C ARG A 1131 24.45 -17.22 39.88
N LYS A 1132 24.32 -17.75 41.10
CA LYS A 1132 23.47 -18.92 41.31
C LYS A 1132 22.03 -18.63 40.94
N ALA A 1133 21.45 -17.58 41.51
CA ALA A 1133 20.05 -17.26 41.22
C ALA A 1133 19.84 -16.98 39.74
N PHE A 1134 20.89 -16.58 39.03
CA PHE A 1134 20.78 -16.20 37.62
C PHE A 1134 20.92 -17.42 36.71
N ARG A 1135 20.16 -18.46 37.00
CA ARG A 1135 20.29 -19.73 36.30
C ARG A 1135 18.91 -20.32 36.08
N SER A 1136 18.41 -20.22 34.86
CA SER A 1136 17.07 -20.69 34.55
C SER A 1136 17.02 -22.21 34.57
N GLY A 1137 15.83 -22.74 34.35
CA GLY A 1137 15.65 -24.17 34.23
C GLY A 1137 15.57 -24.86 35.58
N LYS A 1138 15.46 -26.19 35.53
CA LYS A 1138 15.41 -27.02 36.72
C LYS A 1138 16.15 -28.33 36.46
N LEU A 1139 16.83 -28.83 37.48
CA LEU A 1139 17.70 -29.99 37.34
C LEU A 1139 16.85 -31.27 37.32
N LEU A 1140 16.47 -31.71 36.12
CA LEU A 1140 15.63 -32.89 35.97
C LEU A 1140 16.48 -34.08 35.53
N GLN A 1141 15.84 -35.25 35.58
CA GLN A 1141 16.48 -36.52 35.21
C GLN A 1141 15.41 -37.36 34.54
N VAL A 1142 15.47 -37.47 33.22
CA VAL A 1142 14.40 -38.13 32.48
C VAL A 1142 14.89 -39.46 31.91
N GLY A 1143 15.88 -39.42 31.03
CA GLY A 1143 16.32 -40.59 30.31
C GLY A 1143 17.46 -41.31 30.99
N PHE A 1144 18.08 -42.22 30.24
CA PHE A 1144 19.25 -42.95 30.68
C PHE A 1144 20.22 -43.06 29.50
N THR A 1145 21.45 -43.45 29.80
CA THR A 1145 22.49 -43.60 28.81
C THR A 1145 22.78 -45.07 28.54
N PRO A 1146 23.30 -45.41 27.37
CA PRO A 1146 23.65 -46.82 27.11
C PRO A 1146 24.57 -47.40 28.17
N ASP A 1147 25.44 -46.57 28.75
CA ASP A 1147 26.25 -47.03 29.87
C ASP A 1147 25.37 -47.65 30.95
N GLY A 1148 24.17 -47.11 31.15
CA GLY A 1148 23.27 -47.57 32.17
C GLY A 1148 23.09 -46.61 33.32
N LYS A 1149 23.26 -45.31 33.08
CA LYS A 1149 23.21 -44.29 34.12
C LYS A 1149 22.13 -43.27 33.81
N ASP A 1150 22.04 -42.28 34.67
CA ASP A 1150 21.05 -41.22 34.54
C ASP A 1150 21.54 -40.14 33.58
N ASP A 1151 20.61 -39.29 33.16
CA ASP A 1151 20.93 -38.13 32.33
C ASP A 1151 20.43 -36.91 33.10
N TYR A 1152 21.27 -36.40 34.00
CA TYR A 1152 20.95 -35.21 34.78
C TYR A 1152 21.13 -33.99 33.88
N ARG A 1153 20.02 -33.38 33.48
CA ARG A 1153 20.05 -32.26 32.56
C ARG A 1153 19.16 -31.15 33.10
N TRP A 1154 19.54 -29.91 32.79
CA TRP A 1154 18.76 -28.75 33.20
C TRP A 1154 17.65 -28.53 32.19
N CYS A 1155 16.47 -29.07 32.48
CA CYS A 1155 15.37 -28.98 31.54
C CYS A 1155 14.51 -27.77 31.85
N PHE A 1156 13.59 -27.49 30.92
CA PHE A 1156 12.73 -26.32 30.98
C PHE A 1156 11.42 -26.67 30.30
N ARG A 1157 10.31 -26.42 30.98
CA ARG A 1157 9.01 -26.90 30.53
C ARG A 1157 8.43 -25.97 29.48
N VAL A 1158 7.82 -26.56 28.45
CA VAL A 1158 7.03 -25.81 27.50
C VAL A 1158 5.79 -26.63 27.18
N ASP A 1159 4.68 -26.31 27.85
CA ASP A 1159 3.45 -27.03 27.60
C ASP A 1159 2.88 -26.66 26.23
N GLU A 1160 2.16 -27.61 25.63
CA GLU A 1160 1.53 -27.38 24.33
C GLU A 1160 0.23 -28.16 24.26
N VAL A 1161 -0.63 -27.75 23.34
CA VAL A 1161 -1.92 -28.40 23.09
C VAL A 1161 -2.09 -28.54 21.59
N ASN A 1162 -2.47 -29.74 21.14
CA ASN A 1162 -2.75 -29.99 19.73
C ASN A 1162 -3.99 -30.86 19.61
N TRP A 1163 -4.80 -30.58 18.59
CA TRP A 1163 -6.07 -31.26 18.39
C TRP A 1163 -6.11 -32.09 17.12
N THR A 1164 -5.11 -31.97 16.25
CA THR A 1164 -5.06 -32.73 15.01
C THR A 1164 -4.07 -33.87 15.02
N THR A 1165 -2.95 -33.73 15.73
CA THR A 1165 -1.99 -34.82 15.84
C THR A 1165 -2.65 -36.06 16.42
N TRP A 1166 -3.16 -35.96 17.64
CA TRP A 1166 -3.95 -37.04 18.26
C TRP A 1166 -3.19 -38.36 18.26
N ASN A 1167 -1.86 -38.27 18.43
CA ASN A 1167 -1.04 -39.48 18.50
C ASN A 1167 0.39 -39.13 18.92
N SER B 611 -10.68 -36.57 45.59
CA SER B 611 -9.31 -36.00 45.53
C SER B 611 -8.71 -36.20 44.15
N TYR B 612 -7.42 -35.91 44.00
CA TYR B 612 -6.74 -35.95 42.71
C TYR B 612 -6.81 -37.35 42.10
N TYR B 613 -6.16 -38.31 42.74
CA TYR B 613 -6.17 -39.70 42.28
C TYR B 613 -7.05 -40.59 43.14
N LYS B 614 -7.44 -40.14 44.33
CA LYS B 614 -8.40 -40.85 45.15
C LYS B 614 -9.84 -40.55 44.72
N GLY B 615 -10.07 -39.39 44.12
CA GLY B 615 -11.36 -39.07 43.55
C GLY B 615 -11.46 -39.56 42.11
N GLN B 616 -10.32 -39.71 41.45
CA GLN B 616 -10.29 -40.25 40.11
C GLN B 616 -10.77 -41.69 40.12
N THR B 617 -11.94 -41.94 39.56
CA THR B 617 -12.45 -43.30 39.50
C THR B 617 -11.75 -44.08 38.40
N ALA B 618 -12.04 -45.38 38.35
CA ALA B 618 -11.44 -46.23 37.33
C ALA B 618 -11.85 -45.73 35.96
N LEU B 619 -13.11 -45.36 35.81
CA LEU B 619 -13.66 -44.95 34.52
C LEU B 619 -12.90 -43.77 33.91
N HIS B 620 -12.60 -42.75 34.68
CA HIS B 620 -12.02 -41.56 34.06
C HIS B 620 -10.75 -41.92 33.28
N ILE B 621 -9.73 -42.39 33.99
CA ILE B 621 -8.48 -42.77 33.33
C ILE B 621 -8.74 -43.92 32.36
N ALA B 622 -9.74 -44.75 32.64
CA ALA B 622 -10.09 -45.85 31.76
C ALA B 622 -10.43 -45.35 30.36
N ILE B 623 -11.50 -44.56 30.28
CA ILE B 623 -11.95 -44.01 29.01
C ILE B 623 -10.81 -43.22 28.40
N GLU B 624 -10.06 -42.49 29.24
CA GLU B 624 -9.08 -41.56 28.72
C GLU B 624 -8.29 -42.11 27.54
N ARG B 625 -7.94 -43.40 27.58
CA ARG B 625 -7.08 -43.98 26.57
C ARG B 625 -7.87 -44.68 25.46
N ARG B 626 -9.11 -44.24 25.21
CA ARG B 626 -9.92 -44.76 24.11
C ARG B 626 -10.11 -46.28 24.24
N ASN B 627 -10.57 -46.68 25.44
CA ASN B 627 -10.67 -48.09 25.80
C ASN B 627 -12.15 -48.50 25.84
N MET B 628 -12.65 -48.96 24.70
CA MET B 628 -14.01 -49.47 24.65
C MET B 628 -14.12 -50.78 25.43
N THR B 629 -13.36 -51.79 25.02
CA THR B 629 -13.40 -53.10 25.66
C THR B 629 -13.43 -52.97 27.18
N LEU B 630 -12.55 -52.14 27.70
CA LEU B 630 -12.43 -52.00 29.15
C LEU B 630 -13.76 -51.55 29.74
N VAL B 631 -14.35 -50.49 29.17
CA VAL B 631 -15.60 -49.98 29.73
C VAL B 631 -16.71 -51.02 29.55
N THR B 632 -16.71 -51.69 28.39
CA THR B 632 -17.60 -52.81 28.18
C THR B 632 -17.60 -53.68 29.43
N LEU B 633 -16.42 -54.16 29.82
CA LEU B 633 -16.32 -55.03 30.99
C LEU B 633 -16.74 -54.31 32.27
N LEU B 634 -16.18 -53.13 32.50
CA LEU B 634 -16.31 -52.41 33.76
C LEU B 634 -17.76 -52.11 34.08
N VAL B 635 -18.55 -51.83 33.05
CA VAL B 635 -19.97 -51.56 33.26
C VAL B 635 -20.80 -52.82 33.06
N GLU B 636 -20.25 -53.84 32.39
CA GLU B 636 -20.94 -55.11 32.29
C GLU B 636 -21.12 -55.66 33.69
N ASN B 637 -20.06 -55.58 34.49
CA ASN B 637 -20.20 -55.92 35.91
C ASN B 637 -20.82 -54.75 36.66
N GLY B 638 -20.53 -53.53 36.24
CA GLY B 638 -21.05 -52.35 36.90
C GLY B 638 -19.99 -51.30 37.12
N ALA B 639 -20.25 -50.07 36.68
CA ALA B 639 -19.29 -48.97 36.78
C ALA B 639 -20.03 -47.71 37.18
N ASP B 640 -19.63 -47.11 38.30
CA ASP B 640 -20.26 -45.88 38.76
C ASP B 640 -20.03 -44.77 37.74
N VAL B 641 -21.07 -43.95 37.54
CA VAL B 641 -21.02 -42.87 36.56
C VAL B 641 -21.16 -41.54 37.26
N GLN B 642 -20.65 -41.45 38.50
CA GLN B 642 -20.76 -40.24 39.29
C GLN B 642 -19.39 -39.86 39.85
N ALA B 643 -18.36 -40.00 39.03
CA ALA B 643 -17.00 -39.69 39.46
C ALA B 643 -16.88 -38.21 39.82
N ALA B 644 -16.75 -37.91 41.11
CA ALA B 644 -16.58 -36.53 41.58
C ALA B 644 -15.15 -36.06 41.46
N ALA B 645 -14.56 -36.16 40.27
CA ALA B 645 -13.15 -35.82 40.11
C ALA B 645 -12.94 -34.33 40.27
N ASN B 646 -12.50 -33.91 41.46
CA ASN B 646 -12.15 -32.52 41.70
C ASN B 646 -10.65 -32.28 41.66
N GLY B 647 -9.89 -33.19 41.07
CA GLY B 647 -8.44 -33.10 41.05
C GLY B 647 -7.96 -31.77 40.52
N ASP B 648 -7.02 -31.15 41.24
CA ASP B 648 -6.45 -29.88 40.83
C ASP B 648 -6.10 -29.91 39.35
N PHE B 649 -5.58 -31.05 38.88
CA PHE B 649 -5.34 -31.20 37.45
C PHE B 649 -6.64 -31.13 36.66
N PHE B 650 -7.68 -31.79 37.15
CA PHE B 650 -8.94 -31.90 36.43
C PHE B 650 -9.99 -30.92 36.93
N LYS B 651 -9.60 -29.96 37.76
CA LYS B 651 -10.52 -28.95 38.26
C LYS B 651 -10.68 -27.81 37.26
N LYS B 652 -11.66 -26.94 37.52
CA LYS B 652 -11.87 -25.78 36.66
C LYS B 652 -10.68 -24.84 36.70
N THR B 653 -9.81 -24.99 37.69
CA THR B 653 -8.64 -24.12 37.85
C THR B 653 -7.85 -24.00 36.55
N LYS B 654 -7.77 -22.79 36.00
CA LYS B 654 -7.02 -22.59 34.77
C LYS B 654 -5.52 -22.63 35.01
N GLY B 655 -5.06 -22.19 36.18
CA GLY B 655 -3.63 -22.21 36.47
C GLY B 655 -3.05 -23.60 36.43
N ARG B 656 -3.84 -24.61 36.81
CA ARG B 656 -3.39 -26.00 36.77
C ARG B 656 -3.43 -26.49 35.33
N PRO B 657 -2.30 -26.91 34.75
CA PRO B 657 -2.35 -27.43 33.37
C PRO B 657 -3.01 -28.79 33.30
N GLY B 658 -4.25 -28.82 32.80
CA GLY B 658 -5.00 -30.06 32.76
C GLY B 658 -6.21 -29.99 31.86
N PHE B 659 -7.32 -30.56 32.29
CA PHE B 659 -8.51 -30.61 31.47
C PHE B 659 -9.74 -30.50 32.37
N TYR B 660 -10.67 -29.62 31.99
CA TYR B 660 -11.96 -29.51 32.67
C TYR B 660 -13.06 -30.22 31.91
N PHE B 661 -12.75 -31.38 31.33
CA PHE B 661 -13.71 -32.14 30.56
C PHE B 661 -15.06 -32.25 31.28
N GLY B 662 -15.05 -32.24 32.61
CA GLY B 662 -16.27 -32.34 33.38
C GLY B 662 -16.20 -33.39 34.47
N GLU B 663 -16.84 -33.16 35.59
CA GLU B 663 -16.74 -34.09 36.72
C GLU B 663 -17.18 -35.49 36.30
N LEU B 664 -18.37 -35.64 35.71
CA LEU B 664 -18.87 -36.95 35.32
C LEU B 664 -18.06 -37.50 34.15
N PRO B 665 -18.05 -38.81 33.94
CA PRO B 665 -17.21 -39.40 32.90
C PRO B 665 -17.81 -39.27 31.51
N LEU B 666 -19.13 -39.17 31.42
CA LEU B 666 -19.75 -38.89 30.14
C LEU B 666 -19.17 -37.61 29.56
N SER B 667 -18.92 -36.62 30.42
CA SER B 667 -18.29 -35.39 29.98
C SER B 667 -16.90 -35.68 29.42
N LEU B 668 -16.16 -36.57 30.06
CA LEU B 668 -14.84 -36.93 29.54
C LEU B 668 -14.96 -37.56 28.17
N ALA B 669 -15.93 -38.46 27.99
CA ALA B 669 -16.12 -39.06 26.68
C ALA B 669 -16.50 -38.02 25.66
N ALA B 670 -17.26 -37.00 26.08
CA ALA B 670 -17.77 -36.02 25.14
C ALA B 670 -16.69 -35.05 24.70
N CYS B 671 -16.02 -34.40 25.64
CA CYS B 671 -15.02 -33.40 25.29
C CYS B 671 -13.99 -33.98 24.33
N THR B 672 -13.74 -35.28 24.43
CA THR B 672 -12.86 -35.99 23.52
C THR B 672 -13.69 -36.59 22.39
N ASN B 673 -13.06 -36.74 21.23
CA ASN B 673 -13.79 -37.18 20.04
C ASN B 673 -14.16 -38.65 20.13
N GLN B 674 -15.15 -38.97 20.95
CA GLN B 674 -15.61 -40.35 21.16
C GLN B 674 -17.12 -40.41 20.99
N LEU B 675 -17.57 -40.59 19.76
CA LEU B 675 -18.99 -40.84 19.53
C LEU B 675 -19.42 -42.15 20.16
N ALA B 676 -18.58 -43.18 20.04
CA ALA B 676 -18.94 -44.51 20.52
C ALA B 676 -19.31 -44.45 22.00
N ILE B 677 -18.42 -43.89 22.81
CA ILE B 677 -18.62 -43.92 24.25
C ILE B 677 -19.77 -43.01 24.66
N VAL B 678 -19.90 -41.84 24.02
CA VAL B 678 -21.03 -40.98 24.38
C VAL B 678 -22.34 -41.68 24.07
N LYS B 679 -22.40 -42.43 22.97
CA LYS B 679 -23.56 -43.26 22.68
C LYS B 679 -23.73 -44.36 23.71
N PHE B 680 -22.63 -45.00 24.10
CA PHE B 680 -22.69 -46.21 24.89
C PHE B 680 -23.09 -45.91 26.33
N LEU B 681 -22.39 -44.97 26.96
CA LEU B 681 -22.56 -44.68 28.37
C LEU B 681 -24.02 -44.35 28.67
N LEU B 682 -24.73 -43.81 27.69
CA LEU B 682 -26.14 -43.46 27.85
C LEU B 682 -27.09 -44.54 27.35
N GLN B 683 -26.71 -45.30 26.32
CA GLN B 683 -27.55 -46.37 25.84
C GLN B 683 -27.15 -47.73 26.41
N ASN B 684 -26.17 -47.77 27.31
CA ASN B 684 -25.84 -49.02 27.98
C ASN B 684 -27.03 -49.50 28.79
N SER B 685 -27.23 -50.82 28.80
CA SER B 685 -28.43 -51.43 29.38
C SER B 685 -28.85 -50.74 30.68
N TRP B 686 -27.90 -50.53 31.59
CA TRP B 686 -28.17 -49.88 32.86
C TRP B 686 -27.24 -48.69 33.02
N GLN B 687 -27.47 -47.93 34.08
CA GLN B 687 -26.67 -46.75 34.41
C GLN B 687 -26.45 -45.86 33.18
N PRO B 688 -27.52 -45.42 32.52
CA PRO B 688 -27.39 -44.39 31.49
C PRO B 688 -27.26 -43.01 32.12
N ALA B 689 -26.02 -42.62 32.42
CA ALA B 689 -25.74 -41.54 33.36
C ALA B 689 -26.71 -40.38 33.17
N ASP B 690 -27.33 -39.94 34.27
CA ASP B 690 -28.34 -38.89 34.22
C ASP B 690 -27.80 -37.68 33.47
N ILE B 691 -28.45 -37.36 32.35
CA ILE B 691 -27.97 -36.26 31.52
C ILE B 691 -27.95 -34.97 32.31
N SER B 692 -28.99 -34.74 33.13
CA SER B 692 -29.06 -33.56 33.97
C SER B 692 -28.24 -33.78 35.25
N ALA B 693 -26.94 -33.94 35.06
CA ALA B 693 -26.00 -34.22 36.14
C ALA B 693 -25.23 -32.94 36.44
N ARG B 694 -25.73 -32.17 37.40
CA ARG B 694 -25.04 -30.94 37.77
C ARG B 694 -23.66 -31.26 38.32
N ASP B 695 -22.67 -30.46 37.92
CA ASP B 695 -21.29 -30.65 38.33
C ASP B 695 -20.99 -29.94 39.64
N SER B 696 -19.73 -29.88 40.02
CA SER B 696 -19.35 -29.05 41.16
C SER B 696 -19.79 -27.61 40.92
N VAL B 697 -19.45 -27.06 39.75
CA VAL B 697 -19.90 -25.73 39.38
C VAL B 697 -21.23 -25.76 38.63
N GLY B 698 -21.78 -26.94 38.39
CA GLY B 698 -23.13 -27.09 37.87
C GLY B 698 -23.18 -27.44 36.39
N ASN B 699 -22.09 -27.24 35.67
CA ASN B 699 -22.09 -27.47 34.23
C ASN B 699 -22.69 -28.82 33.87
N THR B 700 -23.75 -28.82 33.06
CA THR B 700 -24.26 -30.05 32.50
C THR B 700 -23.40 -30.45 31.30
N VAL B 701 -23.80 -31.52 30.62
CA VAL B 701 -22.97 -32.05 29.54
C VAL B 701 -22.79 -31.00 28.45
N LEU B 702 -23.87 -30.35 28.05
CA LEU B 702 -23.76 -29.34 27.01
C LEU B 702 -22.90 -28.18 27.48
N HIS B 703 -23.02 -27.81 28.75
CA HIS B 703 -22.16 -26.77 29.29
C HIS B 703 -20.70 -27.13 29.12
N ALA B 704 -20.32 -28.34 29.46
CA ALA B 704 -18.94 -28.75 29.29
C ALA B 704 -18.55 -28.70 27.82
N LEU B 705 -19.45 -29.17 26.94
CA LEU B 705 -19.12 -29.21 25.53
C LEU B 705 -18.80 -27.82 25.02
N VAL B 706 -19.60 -26.84 25.43
CA VAL B 706 -19.29 -25.46 25.09
C VAL B 706 -17.99 -25.03 25.74
N GLU B 707 -17.76 -25.45 26.98
CA GLU B 707 -16.58 -24.99 27.71
C GLU B 707 -15.31 -25.33 26.95
N VAL B 708 -15.18 -26.57 26.50
CA VAL B 708 -13.96 -27.02 25.86
C VAL B 708 -13.75 -26.37 24.50
N ALA B 709 -14.83 -26.13 23.77
CA ALA B 709 -14.75 -25.69 22.37
C ALA B 709 -13.77 -24.54 22.20
N ASP B 710 -12.84 -24.68 21.25
CA ASP B 710 -11.98 -23.57 20.86
C ASP B 710 -12.58 -22.90 19.64
N ASN B 711 -11.85 -21.95 19.05
CA ASN B 711 -12.34 -21.17 17.93
C ASN B 711 -11.67 -21.54 16.62
N THR B 712 -10.86 -22.59 16.58
CA THR B 712 -10.28 -23.05 15.33
C THR B 712 -11.32 -23.85 14.53
N VAL B 713 -11.11 -23.91 13.22
CA VAL B 713 -12.12 -24.47 12.34
C VAL B 713 -12.39 -25.93 12.66
N ASP B 714 -11.33 -26.71 12.84
CA ASP B 714 -11.50 -28.13 13.14
C ASP B 714 -12.27 -28.32 14.43
N ASN B 715 -11.96 -27.51 15.45
CA ASN B 715 -12.73 -27.55 16.67
C ASN B 715 -14.17 -27.15 16.45
N THR B 716 -14.44 -26.24 15.52
CA THR B 716 -15.82 -25.93 15.18
C THR B 716 -16.53 -27.16 14.66
N LYS B 717 -15.92 -27.85 13.69
CA LYS B 717 -16.52 -29.07 13.17
C LYS B 717 -16.82 -30.04 14.30
N PHE B 718 -15.82 -30.32 15.11
CA PHE B 718 -15.95 -31.31 16.19
C PHE B 718 -17.08 -30.91 17.13
N VAL B 719 -17.04 -29.67 17.62
CA VAL B 719 -17.97 -29.23 18.65
C VAL B 719 -19.40 -29.26 18.14
N THR B 720 -19.64 -28.64 16.98
CA THR B 720 -21.00 -28.59 16.46
C THR B 720 -21.51 -29.99 16.13
N SER B 721 -20.67 -30.78 15.47
CA SER B 721 -21.07 -32.13 15.12
C SER B 721 -21.53 -32.88 16.36
N MET B 722 -20.72 -32.89 17.40
CA MET B 722 -21.10 -33.61 18.60
C MET B 722 -22.38 -33.02 19.19
N TYR B 723 -22.39 -31.71 19.43
CA TYR B 723 -23.54 -31.05 20.02
C TYR B 723 -24.84 -31.60 19.42
N ASN B 724 -24.92 -31.62 18.10
CA ASN B 724 -26.16 -32.02 17.47
C ASN B 724 -26.56 -33.42 17.91
N GLU B 725 -25.61 -34.35 17.83
CA GLU B 725 -25.90 -35.75 18.10
C GLU B 725 -26.30 -35.95 19.56
N ILE B 726 -25.54 -35.35 20.48
CA ILE B 726 -25.89 -35.50 21.89
C ILE B 726 -27.28 -34.97 22.13
N LEU B 727 -27.61 -33.84 21.51
CA LEU B 727 -28.92 -33.24 21.75
C LEU B 727 -30.02 -34.18 21.27
N ILE B 728 -29.84 -34.77 20.09
CA ILE B 728 -30.92 -35.60 19.56
C ILE B 728 -31.08 -36.85 20.41
N LEU B 729 -29.97 -37.44 20.85
CA LEU B 729 -30.07 -38.59 21.73
C LEU B 729 -30.84 -38.23 22.99
N GLY B 730 -30.51 -37.08 23.59
CA GLY B 730 -31.24 -36.64 24.77
C GLY B 730 -32.71 -36.47 24.47
N ALA B 731 -33.03 -35.98 23.28
CA ALA B 731 -34.43 -35.84 22.89
C ALA B 731 -35.11 -37.19 22.96
N LYS B 732 -34.48 -38.21 22.37
CA LYS B 732 -35.09 -39.54 22.35
C LYS B 732 -35.24 -40.09 23.77
N LEU B 733 -34.20 -39.94 24.59
CA LEU B 733 -34.15 -40.60 25.89
C LEU B 733 -35.36 -40.26 26.73
N HIS B 734 -35.48 -39.00 27.13
CA HIS B 734 -36.59 -38.55 27.98
C HIS B 734 -37.15 -37.27 27.38
N PRO B 735 -38.13 -37.39 26.47
CA PRO B 735 -38.64 -36.20 25.79
C PRO B 735 -39.60 -35.36 26.62
N THR B 736 -39.16 -34.94 27.81
CA THR B 736 -39.87 -33.89 28.54
C THR B 736 -38.89 -32.88 29.14
N LEU B 737 -37.61 -33.21 29.15
CA LEU B 737 -36.59 -32.34 29.76
C LEU B 737 -36.07 -31.36 28.73
N LYS B 738 -36.20 -30.06 29.01
CA LYS B 738 -35.65 -29.04 28.14
C LYS B 738 -34.19 -28.83 28.51
N LEU B 739 -33.30 -29.61 27.92
CA LEU B 739 -31.92 -29.64 28.38
C LEU B 739 -31.20 -28.32 28.13
N GLU B 740 -31.68 -27.52 27.19
CA GLU B 740 -30.95 -26.29 26.81
C GLU B 740 -31.29 -25.12 27.74
N GLU B 741 -32.08 -25.31 28.80
CA GLU B 741 -32.43 -24.25 29.73
C GLU B 741 -31.75 -24.45 31.08
N ILE B 742 -31.22 -25.63 31.35
CA ILE B 742 -30.62 -25.93 32.64
C ILE B 742 -29.55 -24.90 32.96
N THR B 743 -29.55 -24.41 34.19
CA THR B 743 -28.74 -23.28 34.59
C THR B 743 -27.40 -23.75 35.18
N ASN B 744 -26.50 -22.79 35.33
CA ASN B 744 -25.19 -22.99 35.93
C ASN B 744 -25.06 -22.15 37.20
N ARG B 745 -24.13 -22.53 38.06
CA ARG B 745 -23.89 -21.84 39.33
C ARG B 745 -23.95 -20.33 39.15
N LYS B 746 -23.05 -19.78 38.33
CA LYS B 746 -23.07 -18.35 38.09
C LYS B 746 -24.45 -17.90 37.61
N GLY B 747 -25.11 -18.76 36.84
CA GLY B 747 -26.40 -18.48 36.26
C GLY B 747 -26.25 -18.13 34.81
N LEU B 748 -26.38 -19.13 33.94
CA LEU B 748 -26.14 -18.96 32.52
C LEU B 748 -26.59 -20.22 31.81
N THR B 749 -27.39 -20.07 30.76
CA THR B 749 -27.72 -21.19 29.91
C THR B 749 -26.61 -21.43 28.91
N PRO B 750 -26.66 -22.52 28.17
CA PRO B 750 -25.58 -22.80 27.22
C PRO B 750 -25.33 -21.64 26.27
N LEU B 751 -26.42 -21.06 25.76
CA LEU B 751 -26.29 -19.88 24.91
C LEU B 751 -25.52 -18.79 25.65
N ALA B 752 -26.10 -18.30 26.74
CA ALA B 752 -25.48 -17.26 27.55
C ALA B 752 -23.98 -17.48 27.66
N LEU B 753 -23.55 -18.72 27.91
CA LEU B 753 -22.13 -18.99 28.05
C LEU B 753 -21.40 -18.81 26.73
N ALA B 754 -21.92 -19.42 25.65
CA ALA B 754 -21.27 -19.28 24.37
C ALA B 754 -21.13 -17.82 23.99
N ALA B 755 -22.13 -17.01 24.33
CA ALA B 755 -22.09 -15.58 24.04
C ALA B 755 -21.03 -14.90 24.88
N SER B 756 -21.16 -14.96 26.20
CA SER B 756 -20.24 -14.25 27.08
C SER B 756 -18.81 -14.66 26.81
N SER B 757 -18.49 -15.93 27.02
CA SER B 757 -17.10 -16.37 26.99
C SER B 757 -16.51 -16.14 25.60
N GLY B 758 -17.32 -16.32 24.57
CA GLY B 758 -16.92 -15.91 23.22
C GLY B 758 -16.57 -17.05 22.30
N LYS B 759 -17.56 -17.51 21.54
CA LYS B 759 -17.49 -18.68 20.70
C LYS B 759 -18.33 -18.40 19.46
N ILE B 760 -17.68 -17.95 18.39
CA ILE B 760 -18.39 -17.59 17.17
C ILE B 760 -19.13 -18.80 16.65
N GLY B 761 -18.44 -19.94 16.58
CA GLY B 761 -19.01 -21.13 15.97
C GLY B 761 -20.23 -21.66 16.70
N VAL B 762 -20.13 -21.81 18.02
CA VAL B 762 -21.21 -22.42 18.77
C VAL B 762 -22.45 -21.56 18.61
N LEU B 763 -22.29 -20.25 18.79
CA LEU B 763 -23.43 -19.35 18.68
C LEU B 763 -24.02 -19.40 17.29
N ALA B 764 -23.14 -19.43 16.27
CA ALA B 764 -23.63 -19.53 14.90
C ALA B 764 -24.55 -20.73 14.79
N TYR B 765 -24.08 -21.87 15.27
CA TYR B 765 -24.88 -23.08 15.19
C TYR B 765 -26.21 -22.90 15.91
N ILE B 766 -26.17 -22.48 17.18
CA ILE B 766 -27.40 -22.52 17.95
C ILE B 766 -28.44 -21.59 17.34
N LEU B 767 -28.04 -20.39 16.94
CA LEU B 767 -29.00 -19.46 16.37
C LEU B 767 -29.43 -19.85 14.96
N GLN B 768 -28.61 -20.60 14.22
CA GLN B 768 -29.04 -21.11 12.92
C GLN B 768 -29.19 -22.63 12.96
N ARG B 769 -29.74 -23.16 14.04
CA ARG B 769 -29.79 -24.60 14.26
C ARG B 769 -31.02 -25.15 13.55
N GLU B 770 -30.86 -25.46 12.26
CA GLU B 770 -31.88 -26.11 11.47
C GLU B 770 -31.72 -27.62 11.59
N ILE B 771 -32.83 -28.32 11.84
CA ILE B 771 -32.80 -29.76 12.04
C ILE B 771 -33.94 -30.38 11.24
N HIS B 772 -33.88 -31.71 11.10
CA HIS B 772 -34.83 -32.48 10.30
C HIS B 772 -35.16 -33.77 11.03
N GLU B 773 -35.64 -34.80 10.31
CA GLU B 773 -36.15 -36.01 10.94
C GLU B 773 -37.38 -35.66 11.77
N PRO B 774 -38.49 -35.32 11.12
CA PRO B 774 -39.68 -34.81 11.82
C PRO B 774 -40.06 -35.50 13.12
N GLU B 775 -39.62 -36.75 13.35
CA GLU B 775 -40.00 -37.45 14.56
C GLU B 775 -39.94 -36.53 15.77
N CYS B 776 -38.84 -35.80 15.91
CA CYS B 776 -38.76 -34.71 16.88
C CYS B 776 -37.89 -33.60 16.31
N ARG B 777 -38.53 -32.61 15.71
CA ARG B 777 -37.86 -31.49 15.07
C ARG B 777 -38.27 -30.16 15.67
N HIS B 778 -39.17 -30.16 16.65
CA HIS B 778 -39.57 -28.94 17.35
C HIS B 778 -38.36 -28.10 17.72
N LEU B 779 -37.26 -28.77 18.02
CA LEU B 779 -36.11 -28.15 18.67
C LEU B 779 -35.14 -27.62 17.61
N SER B 780 -35.64 -26.67 16.82
CA SER B 780 -34.84 -26.07 15.77
C SER B 780 -35.00 -24.56 15.83
N ARG B 781 -34.24 -23.86 15.00
CA ARG B 781 -34.28 -22.40 14.92
C ARG B 781 -34.91 -21.91 13.62
N LYS B 782 -34.38 -22.32 12.47
CA LYS B 782 -34.82 -21.77 11.20
C LYS B 782 -35.95 -22.62 10.62
N PHE B 783 -37.18 -22.26 10.99
CA PHE B 783 -38.33 -22.93 10.41
C PHE B 783 -38.63 -22.35 9.04
N THR B 784 -38.51 -23.16 7.99
CA THR B 784 -38.74 -22.66 6.64
C THR B 784 -40.23 -22.57 6.35
N GLU B 785 -40.59 -21.62 5.49
CA GLU B 785 -41.98 -21.38 5.17
C GLU B 785 -42.07 -21.24 3.65
N TRP B 786 -43.21 -20.80 3.10
CA TRP B 786 -43.48 -20.91 1.68
C TRP B 786 -42.21 -20.68 0.85
N ALA B 787 -42.00 -21.56 -0.13
CA ALA B 787 -40.88 -21.43 -1.06
C ALA B 787 -41.39 -21.70 -2.46
N TYR B 788 -41.08 -20.81 -3.40
CA TYR B 788 -41.64 -20.84 -4.75
C TYR B 788 -40.56 -20.52 -5.78
N GLY B 789 -39.86 -21.54 -6.25
CA GLY B 789 -38.73 -21.32 -7.11
C GLY B 789 -37.52 -20.88 -6.31
N PRO B 790 -36.68 -19.99 -6.88
CA PRO B 790 -35.50 -19.53 -6.16
C PRO B 790 -35.78 -18.63 -4.96
N VAL B 791 -37.03 -18.36 -4.64
CA VAL B 791 -37.38 -17.57 -3.46
C VAL B 791 -37.85 -18.52 -2.35
N HIS B 792 -37.52 -18.16 -1.11
CA HIS B 792 -37.91 -18.98 0.03
C HIS B 792 -37.87 -18.20 1.33
N SER B 793 -39.03 -18.05 1.97
CA SER B 793 -39.11 -17.35 3.24
C SER B 793 -38.38 -18.15 4.32
N SER B 794 -38.37 -17.60 5.54
CA SER B 794 -37.68 -18.21 6.66
C SER B 794 -38.08 -17.52 7.95
N LEU B 795 -38.43 -18.29 8.98
CA LEU B 795 -38.82 -17.74 10.27
C LEU B 795 -37.80 -18.19 11.32
N TYR B 796 -37.22 -17.22 12.03
CA TYR B 796 -36.27 -17.52 13.09
C TYR B 796 -37.00 -17.67 14.41
N ASP B 797 -36.25 -17.94 15.47
CA ASP B 797 -36.85 -18.20 16.77
C ASP B 797 -36.96 -16.96 17.64
N LEU B 798 -35.86 -16.29 17.93
CA LEU B 798 -35.89 -15.00 18.62
C LEU B 798 -36.70 -15.12 19.91
N SER B 799 -36.51 -16.21 20.64
CA SER B 799 -37.18 -16.40 21.91
C SER B 799 -36.40 -15.85 23.10
N CYS B 800 -35.14 -16.26 23.26
CA CYS B 800 -34.31 -15.74 24.34
C CYS B 800 -33.17 -14.92 23.78
N ILE B 801 -33.45 -14.07 22.80
CA ILE B 801 -32.40 -13.30 22.15
C ILE B 801 -32.54 -11.81 22.41
N ASP B 802 -33.76 -11.28 22.47
CA ASP B 802 -33.96 -9.84 22.49
C ASP B 802 -34.20 -9.38 23.92
N THR B 803 -35.26 -9.84 24.58
CA THR B 803 -35.67 -9.29 25.86
C THR B 803 -36.38 -10.37 26.68
N CYS B 804 -35.62 -11.10 27.48
CA CYS B 804 -36.19 -11.96 28.51
C CYS B 804 -35.07 -12.63 29.29
N GLU B 805 -35.43 -13.35 30.35
CA GLU B 805 -34.45 -14.04 31.18
C GLU B 805 -33.72 -13.05 32.06
N LYS B 806 -32.52 -13.42 32.50
CA LYS B 806 -31.61 -12.50 33.15
C LYS B 806 -30.38 -12.21 32.31
N ASN B 807 -30.07 -13.06 31.33
CA ASN B 807 -28.93 -12.82 30.46
C ASN B 807 -29.37 -13.12 29.03
N SER B 808 -29.87 -12.10 28.33
CA SER B 808 -30.17 -12.26 26.93
C SER B 808 -28.88 -12.24 26.11
N VAL B 809 -28.91 -12.87 24.94
CA VAL B 809 -27.72 -12.89 24.12
C VAL B 809 -27.30 -11.48 23.74
N LEU B 810 -28.23 -10.69 23.23
CA LEU B 810 -27.92 -9.37 22.74
C LEU B 810 -27.59 -8.40 23.85
N GLU B 811 -27.73 -8.81 25.11
CA GLU B 811 -27.33 -8.00 26.23
C GLU B 811 -25.96 -8.37 26.78
N VAL B 812 -25.43 -9.54 26.46
CA VAL B 812 -24.11 -9.95 26.92
C VAL B 812 -23.05 -9.85 25.84
N ILE B 813 -23.44 -9.62 24.59
CA ILE B 813 -22.48 -9.37 23.53
C ILE B 813 -22.05 -7.92 23.50
N ALA B 814 -22.81 -7.02 24.11
CA ALA B 814 -22.54 -5.59 24.06
C ALA B 814 -21.97 -5.08 25.37
N TYR B 815 -22.67 -5.27 26.49
CA TYR B 815 -22.17 -4.84 27.80
C TYR B 815 -21.16 -5.87 28.33
N SER B 816 -20.15 -6.16 27.51
CA SER B 816 -19.16 -7.16 27.84
C SER B 816 -17.77 -6.56 27.72
N SER B 817 -16.87 -7.02 28.59
CA SER B 817 -15.53 -6.46 28.64
C SER B 817 -14.84 -6.61 27.29
N SER B 818 -13.73 -5.90 27.15
CA SER B 818 -12.94 -5.96 25.92
C SER B 818 -12.03 -7.17 25.87
N GLU B 819 -12.00 -7.99 26.92
CA GLU B 819 -11.21 -9.21 26.94
C GLU B 819 -11.89 -10.33 26.15
N THR B 820 -13.21 -10.39 26.17
CA THR B 820 -13.95 -11.42 25.46
C THR B 820 -13.52 -11.43 24.00
N PRO B 821 -13.05 -12.54 23.43
CA PRO B 821 -12.53 -12.53 22.08
C PRO B 821 -13.62 -12.27 21.06
N ASN B 822 -13.47 -11.22 20.23
CA ASN B 822 -14.39 -10.91 19.16
C ASN B 822 -15.72 -10.36 19.65
N ARG B 823 -15.69 -9.49 20.65
CA ARG B 823 -16.93 -8.87 21.10
C ARG B 823 -17.61 -8.12 19.96
N HIS B 824 -16.85 -7.65 18.97
CA HIS B 824 -17.35 -6.81 17.91
C HIS B 824 -17.67 -7.58 16.64
N ASP B 825 -17.44 -8.89 16.62
CA ASP B 825 -17.60 -9.67 15.40
C ASP B 825 -18.79 -10.63 15.48
N MET B 826 -19.38 -10.83 16.66
CA MET B 826 -20.49 -11.76 16.80
C MET B 826 -21.82 -11.14 16.42
N LEU B 827 -21.85 -9.85 16.13
CA LEU B 827 -23.06 -9.18 15.70
C LEU B 827 -23.29 -9.29 14.20
N LEU B 828 -22.69 -10.27 13.54
CA LEU B 828 -22.93 -10.52 12.13
C LEU B 828 -23.41 -11.95 11.88
N VAL B 829 -24.15 -12.52 12.82
CA VAL B 829 -24.45 -13.95 12.78
C VAL B 829 -25.59 -14.23 11.82
N GLU B 830 -26.81 -13.83 12.15
CA GLU B 830 -27.90 -14.01 11.18
C GLU B 830 -29.09 -13.16 11.59
N PRO B 831 -29.82 -13.48 12.65
CA PRO B 831 -30.95 -12.68 13.10
C PRO B 831 -30.56 -11.45 13.90
N LEU B 832 -29.38 -11.44 14.53
CA LEU B 832 -28.99 -10.31 15.36
C LEU B 832 -28.90 -9.03 14.54
N ASN B 833 -28.23 -9.10 13.38
CA ASN B 833 -27.98 -7.89 12.60
C ASN B 833 -29.27 -7.26 12.12
N ARG B 834 -30.10 -8.06 11.46
CA ARG B 834 -31.35 -7.52 10.95
C ARG B 834 -32.29 -7.15 12.08
N LEU B 835 -32.22 -7.85 13.21
CA LEU B 835 -33.06 -7.48 14.34
C LEU B 835 -32.71 -6.09 14.83
N LEU B 836 -31.41 -5.81 15.01
CA LEU B 836 -30.99 -4.49 15.44
C LEU B 836 -31.36 -3.43 14.42
N GLN B 837 -31.15 -3.70 13.14
CA GLN B 837 -31.50 -2.72 12.13
C GLN B 837 -33.00 -2.44 12.08
N ASP B 838 -33.83 -3.48 12.23
CA ASP B 838 -35.26 -3.26 12.26
C ASP B 838 -35.66 -2.43 13.45
N LYS B 839 -35.06 -2.67 14.62
CA LYS B 839 -35.38 -1.79 15.75
C LYS B 839 -34.99 -0.35 15.47
N TRP B 840 -33.81 -0.13 14.90
CA TRP B 840 -33.33 1.21 14.58
C TRP B 840 -34.24 1.94 13.62
N ASP B 841 -34.64 1.29 12.53
CA ASP B 841 -35.44 1.92 11.51
C ASP B 841 -36.87 2.16 11.95
N ARG B 842 -37.25 1.67 13.09
CA ARG B 842 -38.63 1.77 13.53
C ARG B 842 -38.82 2.73 14.70
N PHE B 843 -38.03 2.59 15.77
CA PHE B 843 -38.29 3.43 16.94
C PHE B 843 -37.04 4.02 17.60
N VAL B 844 -35.84 3.80 17.08
CA VAL B 844 -34.65 4.39 17.70
C VAL B 844 -34.00 5.38 16.77
N LYS B 845 -34.75 5.93 15.82
CA LYS B 845 -34.23 6.97 14.94
C LYS B 845 -34.73 8.35 15.33
N ARG B 846 -36.01 8.48 15.66
CA ARG B 846 -36.55 9.78 16.04
C ARG B 846 -36.00 10.22 17.39
N ILE B 847 -35.91 9.30 18.34
CA ILE B 847 -35.47 9.66 19.68
C ILE B 847 -34.07 10.21 19.64
N PHE B 848 -33.18 9.55 18.89
CA PHE B 848 -31.80 9.99 18.83
C PHE B 848 -31.68 11.39 18.27
N TYR B 849 -32.44 11.68 17.21
CA TYR B 849 -32.36 13.00 16.59
C TYR B 849 -32.95 14.07 17.50
N PHE B 850 -34.05 13.77 18.19
CA PHE B 850 -34.57 14.76 19.13
C PHE B 850 -33.57 15.03 20.24
N ASN B 851 -32.89 14.00 20.74
CA ASN B 851 -31.87 14.22 21.74
C ASN B 851 -30.74 15.09 21.20
N PHE B 852 -30.34 14.85 19.95
CA PHE B 852 -29.30 15.69 19.35
C PHE B 852 -29.75 17.14 19.34
N PHE B 853 -31.00 17.39 18.95
CA PHE B 853 -31.49 18.76 18.89
C PHE B 853 -31.45 19.39 20.27
N VAL B 854 -31.90 18.66 21.29
CA VAL B 854 -31.95 19.23 22.63
C VAL B 854 -30.55 19.58 23.11
N TYR B 855 -29.59 18.69 22.88
CA TYR B 855 -28.22 18.97 23.33
C TYR B 855 -27.64 20.17 22.60
N CYS B 856 -27.88 20.26 21.30
CA CYS B 856 -27.37 21.41 20.55
C CYS B 856 -27.98 22.72 21.04
N LEU B 857 -29.25 22.70 21.42
CA LEU B 857 -29.85 23.90 21.99
C LEU B 857 -29.26 24.24 23.35
N TYR B 858 -29.00 23.22 24.17
CA TYR B 858 -28.42 23.46 25.49
C TYR B 858 -27.06 24.12 25.39
N MET B 859 -26.22 23.64 24.48
CA MET B 859 -24.89 24.26 24.33
C MET B 859 -25.01 25.72 23.91
N ILE B 860 -25.97 26.05 23.03
CA ILE B 860 -26.14 27.43 22.61
C ILE B 860 -26.53 28.30 23.79
N ILE B 861 -27.47 27.82 24.61
CA ILE B 861 -27.84 28.59 25.79
C ILE B 861 -26.63 28.81 26.69
N PHE B 862 -25.82 27.77 26.89
CA PHE B 862 -24.67 27.90 27.77
C PHE B 862 -23.67 28.92 27.22
N THR B 863 -23.42 28.87 25.91
CA THR B 863 -22.50 29.84 25.32
C THR B 863 -23.03 31.25 25.46
N ALA B 864 -24.33 31.45 25.23
CA ALA B 864 -24.91 32.78 25.39
C ALA B 864 -24.75 33.28 26.81
N ALA B 865 -24.98 32.40 27.78
CA ALA B 865 -24.80 32.80 29.17
C ALA B 865 -23.35 33.14 29.48
N ALA B 866 -22.41 32.39 28.92
CA ALA B 866 -21.00 32.63 29.22
C ALA B 866 -20.49 33.91 28.59
N TYR B 867 -20.83 34.17 27.33
CA TYR B 867 -20.28 35.34 26.65
C TYR B 867 -20.63 36.63 27.38
N TYR B 868 -21.86 36.77 27.84
CA TYR B 868 -22.33 38.02 28.41
C TYR B 868 -22.15 38.07 29.92
N ARG B 869 -21.15 37.35 30.44
CA ARG B 869 -20.90 37.37 31.87
C ARG B 869 -20.57 38.79 32.30
N PRO B 870 -21.12 39.25 33.41
CA PRO B 870 -20.78 40.60 33.89
C PRO B 870 -19.35 40.66 34.37
N VAL B 871 -18.72 41.82 34.17
CA VAL B 871 -17.39 42.05 34.67
C VAL B 871 -17.36 43.35 35.47
N GLU B 872 -17.74 43.27 36.73
CA GLU B 872 -17.61 44.40 37.64
C GLU B 872 -17.60 43.89 39.07
N GLY B 873 -16.44 43.75 39.69
CA GLY B 873 -16.42 43.39 41.12
C GLY B 873 -16.26 41.91 41.36
N LEU B 874 -16.34 41.47 42.61
CA LEU B 874 -16.05 40.06 42.95
C LEU B 874 -17.30 39.18 42.74
N PRO B 875 -17.14 37.88 42.41
CA PRO B 875 -18.24 36.98 42.07
C PRO B 875 -19.70 37.14 42.45
N PRO B 876 -20.21 36.96 43.68
CA PRO B 876 -21.66 37.00 43.88
C PRO B 876 -22.15 38.34 43.36
N TYR B 877 -23.06 38.38 42.38
CA TYR B 877 -23.49 39.64 41.72
C TYR B 877 -25.00 39.85 41.83
N LYS B 878 -25.45 40.98 42.40
CA LYS B 878 -26.87 41.20 42.61
C LYS B 878 -27.58 41.32 41.26
N LEU B 879 -28.87 41.03 41.27
CA LEU B 879 -29.68 41.02 40.06
C LEU B 879 -30.29 42.40 39.85
N LYS B 880 -30.16 42.92 38.63
CA LYS B 880 -30.79 44.18 38.27
C LYS B 880 -32.27 43.93 38.00
N ASN B 881 -32.98 44.93 37.48
CA ASN B 881 -34.39 44.81 37.20
C ASN B 881 -34.66 45.12 35.74
N THR B 882 -33.78 44.68 34.86
CA THR B 882 -33.93 44.89 33.42
C THR B 882 -34.35 43.59 32.76
N VAL B 883 -34.67 43.70 31.46
CA VAL B 883 -35.15 42.52 30.74
C VAL B 883 -34.02 41.51 30.55
N GLY B 884 -32.80 41.99 30.29
CA GLY B 884 -31.72 41.08 29.98
C GLY B 884 -31.21 40.31 31.19
N ASP B 885 -31.20 40.94 32.36
CA ASP B 885 -30.66 40.28 33.54
C ASP B 885 -31.54 39.15 34.03
N TYR B 886 -32.78 39.05 33.54
CA TYR B 886 -33.60 37.88 33.83
C TYR B 886 -33.29 36.74 32.88
N PHE B 887 -33.09 37.04 31.61
CA PHE B 887 -32.69 36.02 30.65
C PHE B 887 -31.36 35.42 31.05
N ARG B 888 -30.43 36.24 31.52
CA ARG B 888 -29.14 35.72 31.95
C ARG B 888 -29.29 34.73 33.11
N VAL B 889 -30.12 35.07 34.10
CA VAL B 889 -30.31 34.18 35.23
C VAL B 889 -30.95 32.89 34.77
N THR B 890 -31.92 32.97 33.85
CA THR B 890 -32.54 31.76 33.33
C THR B 890 -31.51 30.87 32.66
N GLY B 891 -30.62 31.47 31.87
CA GLY B 891 -29.58 30.70 31.22
C GLY B 891 -28.68 30.00 32.21
N GLU B 892 -28.27 30.72 33.25
CA GLU B 892 -27.42 30.13 34.27
C GLU B 892 -28.11 28.93 34.93
N ILE B 893 -29.40 29.09 35.25
CA ILE B 893 -30.13 28.03 35.91
C ILE B 893 -30.18 26.78 35.02
N LEU B 894 -30.49 26.98 33.75
CA LEU B 894 -30.54 25.84 32.83
C LEU B 894 -29.19 25.14 32.74
N SER B 895 -28.10 25.91 32.65
CA SER B 895 -26.78 25.31 32.54
C SER B 895 -26.46 24.45 33.76
N VAL B 896 -26.69 24.97 34.96
CA VAL B 896 -26.39 24.18 36.14
C VAL B 896 -27.28 22.94 36.21
N SER B 897 -28.53 23.03 35.78
CA SER B 897 -29.37 21.84 35.76
C SER B 897 -28.78 20.76 34.87
N GLY B 898 -28.31 21.15 33.70
CA GLY B 898 -27.66 20.20 32.83
C GLY B 898 -26.48 19.54 33.51
N GLY B 899 -25.71 20.37 34.21
CA GLY B 899 -24.54 19.85 34.90
C GLY B 899 -24.88 18.77 35.90
N VAL B 900 -25.87 19.04 36.75
CA VAL B 900 -26.24 18.07 37.78
C VAL B 900 -26.73 16.78 37.13
N TYR B 901 -27.52 16.92 36.06
CA TYR B 901 -27.98 15.73 35.34
C TYR B 901 -26.81 14.87 34.93
N PHE B 902 -25.82 15.47 34.27
CA PHE B 902 -24.74 14.66 33.73
C PHE B 902 -23.95 14.00 34.85
N PHE B 903 -23.74 14.71 35.96
CA PHE B 903 -23.02 14.12 37.07
C PHE B 903 -23.72 12.87 37.58
N PHE B 904 -25.03 12.96 37.79
CA PHE B 904 -25.74 11.80 38.33
C PHE B 904 -25.72 10.65 37.34
N ARG B 905 -25.86 10.95 36.05
CA ARG B 905 -25.79 9.90 35.04
C ARG B 905 -24.45 9.18 35.11
N GLY B 906 -23.36 9.94 35.21
CA GLY B 906 -22.06 9.32 35.30
C GLY B 906 -21.91 8.43 36.51
N ILE B 907 -22.37 8.92 37.66
CA ILE B 907 -22.24 8.13 38.89
C ILE B 907 -23.00 6.83 38.73
N GLN B 908 -24.21 6.88 38.17
CA GLN B 908 -25.00 5.68 37.99
C GLN B 908 -24.28 4.69 37.09
N TYR B 909 -23.78 5.17 35.95
CA TYR B 909 -23.08 4.28 35.04
C TYR B 909 -21.92 3.60 35.76
N PHE B 910 -21.13 4.36 36.50
CA PHE B 910 -19.96 3.78 37.13
C PHE B 910 -20.35 2.75 38.18
N LEU B 911 -21.44 3.00 38.92
CA LEU B 911 -21.80 2.08 39.99
C LEU B 911 -22.52 0.84 39.50
N GLN B 912 -23.09 0.83 38.30
CA GLN B 912 -23.79 -0.38 37.87
C GLN B 912 -22.90 -1.28 37.00
N ARG B 913 -22.40 -0.78 35.88
CA ARG B 913 -21.54 -1.58 34.99
C ARG B 913 -20.08 -1.29 35.34
N ARG B 914 -19.63 -1.87 36.43
CA ARG B 914 -18.32 -1.57 37.00
C ARG B 914 -17.20 -1.74 35.97
N PRO B 915 -16.56 -0.66 35.52
CA PRO B 915 -15.43 -0.83 34.61
C PRO B 915 -14.15 -1.11 35.36
N SER B 916 -13.27 -1.88 34.72
CA SER B 916 -11.97 -2.17 35.29
C SER B 916 -11.01 -1.02 35.09
N LEU B 917 -9.77 -1.16 35.59
CA LEU B 917 -8.77 -0.12 35.42
C LEU B 917 -8.19 -0.08 34.01
N LYS B 918 -8.07 -1.22 33.35
CA LYS B 918 -7.57 -1.24 31.98
C LYS B 918 -8.64 -0.78 31.00
N SER B 919 -9.82 -1.40 31.07
CA SER B 919 -10.90 -1.03 30.17
C SER B 919 -11.43 0.38 30.42
N LEU B 920 -11.12 0.97 31.59
CA LEU B 920 -11.62 2.29 31.92
C LEU B 920 -11.60 3.23 30.72
N PHE B 921 -10.52 3.19 29.94
CA PHE B 921 -10.36 4.06 28.78
C PHE B 921 -10.38 3.30 27.47
N VAL B 922 -10.85 2.06 27.46
CA VAL B 922 -10.92 1.27 26.24
C VAL B 922 -12.35 0.90 25.85
N ASP B 923 -13.25 0.81 26.83
CA ASP B 923 -14.68 0.51 26.58
C ASP B 923 -15.54 1.74 26.90
N SER B 924 -14.98 2.79 27.49
CA SER B 924 -15.76 3.97 27.88
C SER B 924 -14.88 5.19 27.66
N TYR B 925 -15.03 5.83 26.51
CA TYR B 925 -14.40 7.12 26.28
C TYR B 925 -15.43 8.24 26.30
N SER B 926 -16.61 8.00 25.72
CA SER B 926 -17.63 9.04 25.72
C SER B 926 -18.10 9.34 27.13
N GLU B 927 -18.33 8.29 27.92
CA GLU B 927 -18.89 8.49 29.25
C GLU B 927 -17.91 9.23 30.15
N ILE B 928 -16.61 8.91 30.04
CA ILE B 928 -15.62 9.61 30.85
C ILE B 928 -15.62 11.10 30.53
N LEU B 929 -15.64 11.44 29.24
CA LEU B 929 -15.61 12.85 28.87
C LEU B 929 -16.86 13.57 29.36
N PHE B 930 -18.02 12.95 29.19
CA PHE B 930 -19.24 13.55 29.72
C PHE B 930 -19.07 13.83 31.21
N PHE B 931 -18.58 12.84 31.95
CA PHE B 931 -18.46 12.98 33.39
C PHE B 931 -17.49 14.10 33.77
N VAL B 932 -16.37 14.19 33.07
CA VAL B 932 -15.37 15.20 33.41
C VAL B 932 -15.90 16.60 33.12
N GLN B 933 -16.65 16.75 32.03
CA GLN B 933 -17.27 18.03 31.74
C GLN B 933 -18.23 18.43 32.85
N SER B 934 -19.06 17.48 33.29
CA SER B 934 -19.98 17.78 34.39
C SER B 934 -19.22 18.17 35.64
N LEU B 935 -18.10 17.49 35.90
CA LEU B 935 -17.31 17.77 37.09
C LEU B 935 -16.77 19.19 37.06
N PHE B 936 -16.23 19.62 35.91
CA PHE B 936 -15.75 20.99 35.80
C PHE B 936 -16.87 21.98 36.03
N MET B 937 -18.05 21.70 35.47
CA MET B 937 -19.17 22.63 35.59
C MET B 937 -19.52 22.81 37.06
N LEU B 938 -19.58 21.69 37.80
CA LEU B 938 -19.93 21.74 39.22
C LEU B 938 -18.86 22.45 40.03
N VAL B 939 -17.59 22.18 39.75
CA VAL B 939 -16.51 22.85 40.47
C VAL B 939 -16.63 24.35 40.28
N SER B 940 -16.93 24.79 39.05
CA SER B 940 -17.08 26.22 38.81
C SER B 940 -18.23 26.77 39.62
N VAL B 941 -19.33 26.02 39.71
CA VAL B 941 -20.45 26.53 40.50
C VAL B 941 -20.04 26.71 41.95
N VAL B 942 -19.36 25.72 42.53
CA VAL B 942 -19.01 25.82 43.95
C VAL B 942 -18.04 26.97 44.18
N LEU B 943 -17.13 27.20 43.24
CA LEU B 943 -16.23 28.34 43.36
C LEU B 943 -16.99 29.66 43.26
N TYR B 944 -17.94 29.75 42.33
CA TYR B 944 -18.58 31.02 42.04
C TYR B 944 -19.33 31.57 43.23
N PHE B 945 -19.76 30.71 44.14
CA PHE B 945 -20.51 31.14 45.31
C PHE B 945 -19.64 31.32 46.52
N SER B 946 -18.33 31.09 46.40
CA SER B 946 -17.38 31.24 47.50
C SER B 946 -16.60 32.53 47.41
N GLN B 947 -17.02 33.46 46.57
CA GLN B 947 -16.37 34.77 46.43
C GLN B 947 -14.94 34.63 45.91
N ARG B 948 -14.80 33.85 44.85
CA ARG B 948 -13.54 33.73 44.13
C ARG B 948 -13.77 33.96 42.65
N LYS B 949 -12.89 34.73 42.03
CA LYS B 949 -12.95 35.01 40.60
C LYS B 949 -12.16 33.99 39.79
N GLU B 950 -11.89 32.83 40.38
CA GLU B 950 -11.22 31.76 39.66
C GLU B 950 -12.20 30.84 38.95
N TYR B 951 -13.49 31.18 38.93
CA TYR B 951 -14.46 30.33 38.26
C TYR B 951 -14.47 30.50 36.75
N VAL B 952 -13.85 31.56 36.23
CA VAL B 952 -13.78 31.71 34.78
C VAL B 952 -13.02 30.55 34.17
N ALA B 953 -11.96 30.10 34.84
CA ALA B 953 -11.18 28.99 34.29
C ALA B 953 -12.02 27.72 34.18
N SER B 954 -12.73 27.37 35.26
CA SER B 954 -13.53 26.16 35.24
C SER B 954 -14.65 26.26 34.22
N MET B 955 -15.34 27.40 34.18
CA MET B 955 -16.41 27.55 33.21
C MET B 955 -15.88 27.45 31.79
N VAL B 956 -14.71 28.03 31.53
CA VAL B 956 -14.15 28.00 30.18
C VAL B 956 -13.83 26.57 29.78
N PHE B 957 -13.17 25.83 30.68
CA PHE B 957 -12.86 24.44 30.35
C PHE B 957 -14.14 23.66 30.09
N SER B 958 -15.16 23.89 30.91
CA SER B 958 -16.42 23.17 30.72
C SER B 958 -17.02 23.48 29.37
N LEU B 959 -17.01 24.76 28.97
CA LEU B 959 -17.61 25.14 27.69
C LEU B 959 -16.86 24.51 26.53
N ALA B 960 -15.53 24.55 26.57
CA ALA B 960 -14.76 23.97 25.48
C ALA B 960 -15.03 22.48 25.35
N MET B 961 -15.01 21.76 26.48
CA MET B 961 -15.25 20.32 26.39
C MET B 961 -16.67 20.02 25.98
N GLY B 962 -17.64 20.84 26.43
CA GLY B 962 -19.01 20.62 26.01
C GLY B 962 -19.17 20.73 24.50
N TRP B 963 -18.50 21.71 23.89
CA TRP B 963 -18.57 21.79 22.44
C TRP B 963 -17.88 20.61 21.79
N THR B 964 -16.68 20.26 22.24
CA THR B 964 -15.99 19.15 21.60
C THR B 964 -16.71 17.83 21.81
N ASN B 965 -17.66 17.76 22.74
CA ASN B 965 -18.39 16.53 23.03
C ASN B 965 -19.53 16.26 22.06
N MET B 966 -19.85 17.19 21.17
CA MET B 966 -20.92 16.92 20.21
C MET B 966 -20.58 15.71 19.35
N LEU B 967 -19.31 15.44 19.10
CA LEU B 967 -18.95 14.32 18.25
C LEU B 967 -19.51 13.00 18.75
N TYR B 968 -20.06 12.95 19.96
CA TYR B 968 -20.67 11.72 20.44
C TYR B 968 -21.89 11.34 19.61
N TYR B 969 -22.47 12.29 18.90
CA TYR B 969 -23.66 12.04 18.10
C TYR B 969 -23.35 11.66 16.67
N THR B 970 -22.08 11.69 16.26
CA THR B 970 -21.76 11.22 14.92
C THR B 970 -22.03 9.75 14.74
N ARG B 971 -22.22 9.00 15.82
CA ARG B 971 -22.42 7.57 15.72
C ARG B 971 -23.73 7.20 15.06
N GLY B 972 -24.64 8.16 14.87
CA GLY B 972 -25.84 7.87 14.13
C GLY B 972 -25.69 7.84 12.63
N PHE B 973 -24.58 8.37 12.10
CA PHE B 973 -24.37 8.45 10.68
C PHE B 973 -23.18 7.57 10.31
N GLN B 974 -23.34 6.78 9.25
CA GLN B 974 -22.36 5.74 8.96
C GLN B 974 -20.99 6.33 8.67
N GLN B 975 -20.94 7.35 7.83
CA GLN B 975 -19.65 7.76 7.25
C GLN B 975 -18.84 8.43 8.37
N MET B 976 -19.48 9.17 9.26
CA MET B 976 -18.75 10.05 10.19
C MET B 976 -18.40 9.35 11.48
N GLY B 977 -19.16 8.33 11.88
CA GLY B 977 -18.78 7.55 13.03
C GLY B 977 -17.44 6.87 12.85
N ILE B 978 -17.17 6.42 11.62
CA ILE B 978 -15.86 5.84 11.35
C ILE B 978 -14.76 6.86 11.58
N TYR B 979 -14.99 8.10 11.15
CA TYR B 979 -14.01 9.15 11.36
C TYR B 979 -13.77 9.38 12.84
N ALA B 980 -14.85 9.44 13.63
CA ALA B 980 -14.70 9.66 15.06
C ALA B 980 -13.93 8.52 15.72
N VAL B 981 -14.24 7.29 15.35
CA VAL B 981 -13.55 6.16 15.95
C VAL B 981 -12.08 6.14 15.55
N MET B 982 -11.78 6.52 14.31
CA MET B 982 -10.38 6.55 13.88
C MET B 982 -9.61 7.60 14.66
N ILE B 983 -10.20 8.78 14.88
CA ILE B 983 -9.50 9.82 15.63
C ILE B 983 -9.28 9.37 17.08
N GLU B 984 -10.25 8.65 17.66
CA GLU B 984 -10.02 8.04 18.97
C GLU B 984 -8.84 7.06 18.95
N LYS B 985 -8.85 6.12 18.02
CA LYS B 985 -7.80 5.12 18.02
C LYS B 985 -6.44 5.78 17.92
N MET B 986 -6.31 6.81 17.10
CA MET B 986 -5.00 7.41 16.95
C MET B 986 -4.73 8.52 17.95
N ILE B 987 -5.67 8.80 18.85
CA ILE B 987 -5.33 9.62 20.00
C ILE B 987 -4.98 8.74 21.19
N LEU B 988 -5.20 7.42 21.08
CA LEU B 988 -4.72 6.49 22.09
C LEU B 988 -3.58 5.59 21.61
N ARG B 989 -3.21 5.63 20.34
CA ARG B 989 -2.18 4.75 19.81
C ARG B 989 -0.95 5.49 19.33
N ASP B 990 -1.10 6.43 18.39
CA ASP B 990 0.03 7.03 17.69
C ASP B 990 0.50 8.34 18.28
N LEU B 991 -0.42 9.18 18.78
CA LEU B 991 -0.03 10.52 19.19
C LEU B 991 0.75 10.52 20.50
N CYS B 992 0.44 9.60 21.41
CA CYS B 992 1.11 9.62 22.72
C CYS B 992 2.61 9.38 22.60
N ARG B 993 3.01 8.37 21.81
CA ARG B 993 4.43 8.05 21.68
C ARG B 993 5.20 9.20 21.07
N PHE B 994 4.67 9.75 19.97
CA PHE B 994 5.33 10.88 19.33
C PHE B 994 5.43 12.04 20.30
N MET B 995 4.37 12.28 21.08
CA MET B 995 4.41 13.38 22.01
C MET B 995 5.54 13.19 23.01
N PHE B 996 5.70 11.97 23.51
CA PHE B 996 6.74 11.73 24.52
C PHE B 996 8.12 11.97 23.93
N VAL B 997 8.42 11.39 22.77
CA VAL B 997 9.77 11.52 22.21
C VAL B 997 10.06 12.97 21.87
N TYR B 998 9.11 13.65 21.23
CA TYR B 998 9.31 15.05 20.90
C TYR B 998 9.52 15.87 22.16
N LEU B 999 8.82 15.54 23.23
CA LEU B 999 8.98 16.29 24.47
C LEU B 999 10.39 16.12 25.00
N VAL B 1000 10.94 14.91 24.91
CA VAL B 1000 12.32 14.70 25.35
C VAL B 1000 13.26 15.59 24.53
N PHE B 1001 13.10 15.59 23.21
CA PHE B 1001 13.98 16.38 22.37
C PHE B 1001 13.89 17.86 22.74
N LEU B 1002 12.66 18.38 22.85
CA LEU B 1002 12.47 19.79 23.10
C LEU B 1002 13.07 20.18 24.43
N PHE B 1003 12.85 19.37 25.47
CA PHE B 1003 13.36 19.71 26.79
C PHE B 1003 14.88 19.73 26.77
N GLY B 1004 15.49 18.74 26.14
CA GLY B 1004 16.95 18.71 26.13
C GLY B 1004 17.54 19.92 25.44
N PHE B 1005 17.04 20.22 24.23
CA PHE B 1005 17.64 21.34 23.51
C PHE B 1005 17.32 22.67 24.17
N SER B 1006 16.13 22.79 24.77
CA SER B 1006 15.77 24.04 25.43
C SER B 1006 16.65 24.29 26.64
N THR B 1007 16.91 23.26 27.46
CA THR B 1007 17.79 23.46 28.59
C THR B 1007 19.21 23.77 28.13
N ALA B 1008 19.67 23.11 27.06
CA ALA B 1008 20.99 23.44 26.53
C ALA B 1008 21.09 24.91 26.15
N VAL B 1009 20.17 25.39 25.32
CA VAL B 1009 20.23 26.77 24.87
C VAL B 1009 20.10 27.73 26.04
N VAL B 1010 19.18 27.46 26.96
CA VAL B 1010 18.99 28.35 28.10
C VAL B 1010 20.26 28.43 28.92
N THR B 1011 20.99 27.32 29.06
CA THR B 1011 22.29 27.38 29.71
C THR B 1011 23.24 28.28 28.93
N LEU B 1012 23.23 28.16 27.60
CA LEU B 1012 24.16 28.95 26.79
C LEU B 1012 23.86 30.43 26.91
N ILE B 1013 22.58 30.81 26.87
CA ILE B 1013 22.20 32.22 26.87
C ILE B 1013 22.83 32.91 28.07
N GLU B 1014 23.05 34.21 27.92
CA GLU B 1014 23.78 35.01 28.90
C GLU B 1014 22.88 36.01 29.61
N ASP B 1015 22.22 36.88 28.86
CA ASP B 1015 21.34 37.91 29.41
C ASP B 1015 22.07 38.71 30.48
N GLY B 1016 23.32 39.03 30.19
CA GLY B 1016 24.14 39.79 31.10
C GLY B 1016 24.21 41.25 30.73
N LYS B 1017 23.30 41.68 29.85
CA LYS B 1017 23.31 43.05 29.38
C LYS B 1017 22.69 43.99 30.41
N GLY B 1038 12.81 40.94 24.42
CA GLY B 1038 13.86 40.08 23.93
C GLY B 1038 15.07 40.07 24.84
N ASN B 1039 14.85 40.32 26.12
CA ASN B 1039 15.92 40.33 27.12
C ASN B 1039 15.73 39.27 28.20
N SER B 1040 14.51 39.07 28.68
CA SER B 1040 14.25 38.08 29.72
C SER B 1040 14.05 36.70 29.11
N TYR B 1041 15.01 36.26 28.30
CA TYR B 1041 14.95 34.93 27.69
C TYR B 1041 15.66 33.88 28.54
N ASN B 1042 16.04 34.22 29.76
CA ASN B 1042 16.64 33.23 30.64
C ASN B 1042 15.64 32.16 31.05
N SER B 1043 14.39 32.55 31.31
CA SER B 1043 13.43 31.61 31.84
C SER B 1043 13.29 30.41 30.90
N LEU B 1044 13.23 29.22 31.48
CA LEU B 1044 13.08 28.03 30.66
C LEU B 1044 11.78 28.07 29.87
N TYR B 1045 10.75 28.72 30.40
CA TYR B 1045 9.46 28.74 29.75
C TYR B 1045 9.52 29.45 28.41
N SER B 1046 10.20 30.60 28.35
CA SER B 1046 10.26 31.36 27.11
C SER B 1046 10.95 30.56 26.02
N THR B 1047 12.07 29.92 26.35
CA THR B 1047 12.80 29.16 25.35
C THR B 1047 11.99 27.95 24.89
N CYS B 1048 11.34 27.27 25.82
CA CYS B 1048 10.52 26.13 25.43
C CYS B 1048 9.41 26.58 24.47
N LEU B 1049 8.78 27.72 24.76
CA LEU B 1049 7.76 28.23 23.86
C LEU B 1049 8.34 28.54 22.50
N GLU B 1050 9.55 29.10 22.46
CA GLU B 1050 10.15 29.44 21.17
C GLU B 1050 10.39 28.19 20.34
N LEU B 1051 10.89 27.13 20.96
CA LEU B 1051 11.11 25.90 20.20
C LEU B 1051 9.78 25.30 19.73
N PHE B 1052 8.74 25.34 20.56
CA PHE B 1052 7.45 24.86 20.09
C PHE B 1052 6.97 25.67 18.89
N LYS B 1053 7.20 26.98 18.93
CA LYS B 1053 6.87 27.81 17.78
C LYS B 1053 7.63 27.34 16.55
N PHE B 1054 8.89 26.97 16.72
CA PHE B 1054 9.60 26.31 15.63
C PHE B 1054 8.80 25.14 15.10
N THR B 1055 8.17 24.38 16.01
CA THR B 1055 7.47 23.18 15.58
C THR B 1055 6.22 23.50 14.77
N ILE B 1056 5.53 24.60 15.09
CA ILE B 1056 4.27 24.90 14.40
C ILE B 1056 4.49 25.82 13.20
N GLY B 1057 5.73 25.88 12.72
CA GLY B 1057 6.02 26.63 11.50
C GLY B 1057 5.86 28.13 11.61
N MET B 1058 6.34 28.71 12.69
CA MET B 1058 6.36 30.16 12.84
C MET B 1058 7.64 30.66 13.50
N GLY B 1059 8.60 29.79 13.78
CA GLY B 1059 9.71 30.16 14.63
C GLY B 1059 10.71 31.06 13.94
N ASP B 1060 11.60 31.62 14.75
CA ASP B 1060 12.63 32.54 14.30
C ASP B 1060 14.00 32.00 14.63
N LEU B 1061 14.93 32.13 13.69
CA LEU B 1061 16.27 31.55 13.83
C LEU B 1061 17.28 32.50 14.40
N GLU B 1062 16.90 33.74 14.72
CA GLU B 1062 17.79 34.66 15.41
C GLU B 1062 17.03 35.42 16.49
N PHE B 1063 16.22 34.70 17.28
CA PHE B 1063 15.30 35.37 18.18
C PHE B 1063 16.02 36.11 19.30
N THR B 1064 17.27 35.77 19.59
CA THR B 1064 18.01 36.50 20.60
C THR B 1064 19.47 36.60 20.19
N GLU B 1065 20.13 37.64 20.69
CA GLU B 1065 21.53 37.89 20.37
C GLU B 1065 22.41 38.02 21.60
N ASN B 1066 21.87 37.81 22.80
CA ASN B 1066 22.65 37.96 24.01
C ASN B 1066 23.76 36.91 24.14
N TYR B 1067 23.69 35.83 23.38
CA TYR B 1067 24.66 34.76 23.54
C TYR B 1067 26.08 35.28 23.34
N ASP B 1068 27.05 34.41 23.66
CA ASP B 1068 28.45 34.75 23.52
C ASP B 1068 29.16 34.02 22.38
N PHE B 1069 28.59 32.93 21.87
CA PHE B 1069 29.17 32.20 20.75
C PHE B 1069 28.07 31.92 19.73
N LYS B 1070 28.21 32.45 18.52
CA LYS B 1070 27.14 32.27 17.55
C LYS B 1070 27.16 30.88 16.94
N ALA B 1071 28.34 30.29 16.77
CA ALA B 1071 28.42 28.97 16.15
C ALA B 1071 27.61 27.95 16.94
N VAL B 1072 27.78 27.93 18.27
CA VAL B 1072 27.10 26.93 19.07
C VAL B 1072 25.59 27.12 18.99
N PHE B 1073 25.13 28.36 19.11
CA PHE B 1073 23.70 28.63 19.09
C PHE B 1073 23.08 28.17 17.79
N ILE B 1074 23.72 28.52 16.67
CA ILE B 1074 23.16 28.13 15.37
C ILE B 1074 23.21 26.62 15.20
N ILE B 1075 24.28 25.97 15.66
CA ILE B 1075 24.37 24.53 15.50
C ILE B 1075 23.24 23.85 16.26
N LEU B 1076 22.98 24.29 17.49
CA LEU B 1076 21.90 23.68 18.26
C LEU B 1076 20.55 23.89 17.58
N LEU B 1077 20.28 25.12 17.12
CA LEU B 1077 18.99 25.36 16.47
C LEU B 1077 18.83 24.50 15.23
N LEU B 1078 19.88 24.40 14.40
CA LEU B 1078 19.79 23.61 13.19
C LEU B 1078 19.61 22.13 13.51
N ALA B 1079 20.32 21.63 14.51
CA ALA B 1079 20.15 20.23 14.89
C ALA B 1079 18.74 19.96 15.34
N TYR B 1080 18.16 20.86 16.14
CA TYR B 1080 16.78 20.70 16.55
C TYR B 1080 15.85 20.68 15.35
N VAL B 1081 16.07 21.59 14.40
CA VAL B 1081 15.17 21.66 13.25
C VAL B 1081 15.25 20.38 12.43
N ILE B 1082 16.46 19.85 12.25
CA ILE B 1082 16.60 18.61 11.49
C ILE B 1082 15.92 17.47 12.20
N LEU B 1083 16.11 17.35 13.52
CA LEU B 1083 15.63 16.17 14.22
C LEU B 1083 14.13 16.19 14.47
N THR B 1084 13.53 17.36 14.69
CA THR B 1084 12.10 17.41 15.00
C THR B 1084 11.25 17.75 13.78
N TYR B 1085 11.51 18.90 13.15
CA TYR B 1085 10.62 19.36 12.09
C TYR B 1085 10.63 18.42 10.89
N ILE B 1086 11.82 18.03 10.43
CA ILE B 1086 11.91 17.28 9.18
C ILE B 1086 11.93 15.78 9.37
N LEU B 1087 12.31 15.29 10.55
CA LEU B 1087 12.45 13.85 10.75
C LEU B 1087 11.26 13.23 11.46
N LEU B 1088 10.86 13.77 12.61
CA LEU B 1088 9.80 13.13 13.38
C LEU B 1088 8.42 13.36 12.75
N LEU B 1089 8.16 14.56 12.25
CA LEU B 1089 6.81 14.84 11.78
C LEU B 1089 6.45 13.98 10.58
N ASN B 1090 7.37 13.87 9.62
CA ASN B 1090 7.11 12.97 8.51
C ASN B 1090 7.11 11.52 8.97
N MET B 1091 7.84 11.21 10.04
CA MET B 1091 7.69 9.89 10.67
C MET B 1091 6.24 9.64 11.05
N LEU B 1092 5.64 10.60 11.73
CA LEU B 1092 4.29 10.45 12.22
C LEU B 1092 3.31 10.35 11.05
N ILE B 1093 3.57 11.11 9.97
CA ILE B 1093 2.70 11.00 8.79
C ILE B 1093 2.76 9.59 8.24
N ALA B 1094 3.98 9.05 8.10
CA ALA B 1094 4.11 7.69 7.56
C ALA B 1094 3.38 6.69 8.44
N LEU B 1095 3.59 6.77 9.76
CA LEU B 1095 2.95 5.79 10.65
C LEU B 1095 1.44 5.96 10.67
N MET B 1096 0.94 7.19 10.58
CA MET B 1096 -0.50 7.40 10.58
C MET B 1096 -1.12 6.79 9.34
N GLY B 1097 -0.48 6.97 8.19
CA GLY B 1097 -0.97 6.32 6.98
C GLY B 1097 -0.98 4.81 7.08
N GLU B 1098 0.11 4.24 7.60
CA GLU B 1098 0.14 2.79 7.74
C GLU B 1098 -0.97 2.30 8.69
N THR B 1099 -1.16 2.99 9.81
CA THR B 1099 -2.19 2.58 10.75
C THR B 1099 -3.58 2.69 10.12
N VAL B 1100 -3.83 3.75 9.36
CA VAL B 1100 -5.12 3.88 8.68
C VAL B 1100 -5.35 2.68 7.78
N ASN B 1101 -4.35 2.37 6.94
CA ASN B 1101 -4.48 1.24 6.03
C ASN B 1101 -4.69 -0.05 6.79
N LYS B 1102 -4.20 -0.12 8.02
CA LYS B 1102 -4.37 -1.35 8.79
C LYS B 1102 -5.76 -1.45 9.42
N ILE B 1103 -6.33 -0.33 9.87
CA ILE B 1103 -7.44 -0.37 10.81
C ILE B 1103 -8.72 0.23 10.26
N ALA B 1104 -8.81 0.44 8.94
CA ALA B 1104 -10.12 0.83 8.40
C ALA B 1104 -11.23 -0.12 8.87
N GLN B 1105 -11.02 -1.43 8.70
CA GLN B 1105 -12.07 -2.40 9.02
C GLN B 1105 -12.34 -2.46 10.50
N GLU B 1106 -11.30 -2.41 11.32
CA GLU B 1106 -11.49 -2.41 12.77
C GLU B 1106 -12.32 -1.22 13.20
N SER B 1107 -12.07 -0.04 12.62
CA SER B 1107 -12.87 1.12 12.96
C SER B 1107 -14.33 0.90 12.59
N LYS B 1108 -14.58 0.34 11.40
CA LYS B 1108 -15.97 0.06 11.03
C LYS B 1108 -16.65 -0.83 12.07
N ASN B 1109 -15.99 -1.92 12.45
CA ASN B 1109 -16.61 -2.84 13.40
C ASN B 1109 -16.88 -2.16 14.73
N ILE B 1110 -15.93 -1.35 15.21
CA ILE B 1110 -16.13 -0.69 16.49
C ILE B 1110 -17.34 0.22 16.40
N TRP B 1111 -17.51 0.89 15.27
CA TRP B 1111 -18.68 1.76 15.14
C TRP B 1111 -19.97 0.95 15.21
N LYS B 1112 -19.98 -0.21 14.56
CA LYS B 1112 -21.19 -1.03 14.61
C LYS B 1112 -21.52 -1.40 16.04
N LEU B 1113 -20.52 -1.80 16.80
CA LEU B 1113 -20.77 -2.16 18.19
C LEU B 1113 -21.29 -0.97 18.98
N GLN B 1114 -20.73 0.22 18.71
CA GLN B 1114 -21.17 1.41 19.43
C GLN B 1114 -22.63 1.70 19.14
N ARG B 1115 -23.03 1.53 17.88
CA ARG B 1115 -24.43 1.73 17.53
C ARG B 1115 -25.34 0.74 18.24
N ALA B 1116 -24.89 -0.52 18.34
CA ALA B 1116 -25.68 -1.50 19.09
C ALA B 1116 -25.84 -1.08 20.55
N ILE B 1117 -24.75 -0.59 21.15
CA ILE B 1117 -24.83 -0.13 22.53
C ILE B 1117 -25.91 0.93 22.67
N THR B 1118 -25.90 1.92 21.77
CA THR B 1118 -26.86 3.01 21.92
C THR B 1118 -28.29 2.55 21.65
N ILE B 1119 -28.49 1.61 20.73
CA ILE B 1119 -29.85 1.12 20.50
C ILE B 1119 -30.38 0.43 21.74
N LEU B 1120 -29.54 -0.40 22.37
CA LEU B 1120 -29.97 -1.07 23.60
C LEU B 1120 -30.29 -0.04 24.67
N ASP B 1121 -29.42 0.95 24.85
CA ASP B 1121 -29.62 1.93 25.91
C ASP B 1121 -30.90 2.71 25.69
N THR B 1122 -31.16 3.14 24.44
CA THR B 1122 -32.36 3.91 24.17
C THR B 1122 -33.61 3.08 24.41
N GLU B 1123 -33.59 1.80 24.01
CA GLU B 1123 -34.73 0.95 24.30
C GLU B 1123 -34.95 0.83 25.81
N LYS B 1124 -33.89 0.60 26.56
CA LYS B 1124 -34.03 0.42 28.01
C LYS B 1124 -34.55 1.69 28.66
N SER B 1125 -34.06 2.86 28.23
CA SER B 1125 -34.33 4.10 28.96
C SER B 1125 -35.81 4.35 29.10
N PHE B 1126 -36.63 3.80 28.20
CA PHE B 1126 -38.07 3.89 28.29
C PHE B 1126 -38.67 2.72 29.06
N LEU B 1127 -37.87 2.05 29.90
CA LEU B 1127 -38.37 0.90 30.65
C LEU B 1127 -39.63 1.26 31.44
N LYS B 1128 -39.61 2.42 32.09
CA LYS B 1128 -40.78 2.88 32.83
C LYS B 1128 -41.79 3.59 31.94
N CYS B 1129 -41.33 4.22 30.85
CA CYS B 1129 -42.23 4.89 29.93
C CYS B 1129 -43.18 3.88 29.28
N MET B 1130 -42.62 2.96 28.51
CA MET B 1130 -43.42 1.91 27.87
C MET B 1130 -42.47 0.92 27.21
N ARG B 1131 -42.96 -0.31 27.03
CA ARG B 1131 -42.16 -1.39 26.48
C ARG B 1131 -42.87 -2.20 25.39
N LYS B 1132 -44.19 -2.19 25.33
CA LYS B 1132 -44.90 -3.07 24.40
C LYS B 1132 -44.50 -2.79 22.96
N ALA B 1133 -44.61 -1.52 22.53
CA ALA B 1133 -44.21 -1.18 21.18
C ALA B 1133 -42.74 -1.47 20.93
N PHE B 1134 -41.93 -1.48 21.98
CA PHE B 1134 -40.48 -1.68 21.86
C PHE B 1134 -40.15 -3.17 21.83
N ARG B 1135 -40.80 -3.90 20.93
CA ARG B 1135 -40.68 -5.36 20.87
C ARG B 1135 -40.77 -5.80 19.42
N SER B 1136 -39.63 -6.21 18.85
CA SER B 1136 -39.59 -6.60 17.46
C SER B 1136 -40.22 -7.98 17.28
N GLY B 1137 -40.29 -8.41 16.02
CA GLY B 1137 -40.78 -9.74 15.70
C GLY B 1137 -42.29 -9.80 15.67
N LYS B 1138 -42.80 -10.99 15.35
CA LYS B 1138 -44.22 -11.24 15.31
C LYS B 1138 -44.52 -12.62 15.89
N LEU B 1139 -45.62 -12.74 16.60
CA LEU B 1139 -45.96 -13.95 17.34
C LEU B 1139 -46.50 -15.00 16.38
N LEU B 1140 -45.63 -15.86 15.86
CA LEU B 1140 -46.02 -16.89 14.91
C LEU B 1140 -46.11 -18.24 15.61
N GLN B 1141 -46.70 -19.19 14.91
CA GLN B 1141 -46.87 -20.56 15.38
C GLN B 1141 -46.62 -21.48 14.20
N VAL B 1142 -45.45 -22.11 14.16
CA VAL B 1142 -45.04 -22.86 12.98
C VAL B 1142 -45.07 -24.35 13.25
N GLY B 1143 -44.22 -24.80 14.18
CA GLY B 1143 -44.03 -26.21 14.43
C GLY B 1143 -44.94 -26.76 15.50
N PHE B 1144 -44.61 -27.96 15.96
CA PHE B 1144 -45.29 -28.60 17.08
C PHE B 1144 -44.23 -29.30 17.92
N THR B 1145 -44.61 -29.65 19.15
CA THR B 1145 -43.72 -30.31 20.09
C THR B 1145 -44.07 -31.78 20.22
N PRO B 1146 -43.12 -32.62 20.62
CA PRO B 1146 -43.44 -34.05 20.79
C PRO B 1146 -44.62 -34.27 21.73
N ASP B 1147 -44.80 -33.41 22.72
CA ASP B 1147 -45.99 -33.51 23.57
C ASP B 1147 -47.25 -33.50 22.70
N GLY B 1148 -47.25 -32.75 21.62
CA GLY B 1148 -48.39 -32.63 20.74
C GLY B 1148 -49.05 -31.28 20.74
N LYS B 1149 -48.31 -30.22 21.04
CA LYS B 1149 -48.85 -28.87 21.16
C LYS B 1149 -48.17 -27.94 20.17
N ASP B 1150 -48.57 -26.67 20.20
CA ASP B 1150 -48.03 -25.66 19.32
C ASP B 1150 -46.68 -25.15 19.85
N ASP B 1151 -45.97 -24.44 18.99
CA ASP B 1151 -44.73 -23.76 19.36
C ASP B 1151 -44.93 -22.29 19.03
N TYR B 1152 -45.53 -21.56 19.97
CA TYR B 1152 -45.73 -20.12 19.82
C TYR B 1152 -44.40 -19.43 20.04
N ARG B 1153 -43.81 -18.92 18.98
CA ARG B 1153 -42.50 -18.29 19.05
C ARG B 1153 -42.56 -16.95 18.32
N TRP B 1154 -41.79 -16.00 18.82
CA TRP B 1154 -41.69 -14.70 18.17
C TRP B 1154 -40.70 -14.82 17.03
N CYS B 1155 -41.22 -15.01 15.83
CA CYS B 1155 -40.36 -15.17 14.67
C CYS B 1155 -40.16 -13.85 13.95
N PHE B 1156 -39.22 -13.85 13.02
CA PHE B 1156 -38.81 -12.66 12.29
C PHE B 1156 -38.38 -13.10 10.90
N ARG B 1157 -38.92 -12.46 9.87
CA ARG B 1157 -38.72 -12.89 8.50
C ARG B 1157 -37.38 -12.43 7.97
N VAL B 1158 -36.71 -13.31 7.24
CA VAL B 1158 -35.55 -12.91 6.46
C VAL B 1158 -35.63 -13.64 5.12
N ASP B 1159 -36.14 -12.96 4.10
CA ASP B 1159 -36.24 -13.57 2.79
C ASP B 1159 -34.84 -13.71 2.17
N GLU B 1160 -34.71 -14.72 1.31
CA GLU B 1160 -33.45 -14.97 0.62
C GLU B 1160 -33.75 -15.52 -0.77
N VAL B 1161 -32.76 -15.42 -1.65
CA VAL B 1161 -32.84 -15.94 -3.01
C VAL B 1161 -31.53 -16.65 -3.32
N ASN B 1162 -31.64 -17.87 -3.85
CA ASN B 1162 -30.47 -18.65 -4.24
C ASN B 1162 -30.74 -19.33 -5.58
N TRP B 1163 -29.72 -19.38 -6.42
CA TRP B 1163 -29.86 -19.93 -7.77
C TRP B 1163 -29.05 -21.20 -7.97
N THR B 1164 -28.20 -21.57 -7.03
CA THR B 1164 -27.37 -22.77 -7.15
C THR B 1164 -27.84 -23.92 -6.27
N THR B 1165 -28.39 -23.63 -5.09
CA THR B 1165 -28.92 -24.69 -4.24
C THR B 1165 -29.97 -25.51 -4.98
N TRP B 1166 -31.06 -24.85 -5.39
CA TRP B 1166 -32.08 -25.48 -6.23
C TRP B 1166 -32.62 -26.77 -5.60
N ASN B 1167 -32.71 -26.77 -4.27
CA ASN B 1167 -33.26 -27.92 -3.55
C ASN B 1167 -33.46 -27.61 -2.08
N SER C 611 -56.76 -13.24 -11.00
CA SER C 611 -56.45 -12.90 -9.60
C SER C 611 -55.26 -13.71 -9.09
N TYR C 612 -55.02 -13.67 -7.78
CA TYR C 612 -53.84 -14.32 -7.22
C TYR C 612 -53.87 -15.82 -7.48
N TYR C 613 -54.83 -16.52 -6.86
CA TYR C 613 -54.97 -17.96 -7.08
C TYR C 613 -56.14 -18.30 -8.00
N LYS C 614 -57.07 -17.37 -8.21
CA LYS C 614 -58.12 -17.55 -9.19
C LYS C 614 -57.63 -17.29 -10.60
N GLY C 615 -56.59 -16.47 -10.75
CA GLY C 615 -55.96 -16.24 -12.04
C GLY C 615 -54.92 -17.30 -12.36
N GLN C 616 -54.32 -17.88 -11.31
CA GLN C 616 -53.37 -18.96 -11.50
C GLN C 616 -54.04 -20.16 -12.14
N THR C 617 -53.70 -20.45 -13.39
CA THR C 617 -54.20 -21.66 -14.03
C THR C 617 -53.50 -22.88 -13.44
N ALA C 618 -54.00 -24.05 -13.81
CA ALA C 618 -53.37 -25.29 -13.38
C ALA C 618 -51.91 -25.30 -13.79
N LEU C 619 -51.65 -24.83 -14.99
CA LEU C 619 -50.31 -24.89 -15.57
C LEU C 619 -49.27 -24.16 -14.74
N HIS C 620 -49.55 -22.95 -14.25
CA HIS C 620 -48.50 -22.21 -13.59
C HIS C 620 -47.90 -23.01 -12.45
N ILE C 621 -48.71 -23.28 -11.42
CA ILE C 621 -48.23 -24.05 -10.27
C ILE C 621 -47.84 -25.46 -10.71
N ALA C 622 -48.45 -25.96 -11.78
CA ALA C 622 -48.10 -27.27 -12.31
C ALA C 622 -46.64 -27.33 -12.70
N ILE C 623 -46.26 -26.52 -13.68
CA ILE C 623 -44.90 -26.49 -14.19
C ILE C 623 -43.98 -26.18 -13.02
N GLU C 624 -44.40 -25.26 -12.16
CA GLU C 624 -43.52 -24.74 -11.11
C GLU C 624 -42.66 -25.82 -10.48
N ARG C 625 -43.23 -26.99 -10.24
CA ARG C 625 -42.51 -28.05 -9.52
C ARG C 625 -41.81 -29.03 -10.45
N ARG C 626 -41.47 -28.59 -11.67
CA ARG C 626 -40.73 -29.42 -12.62
C ARG C 626 -41.49 -30.73 -12.89
N ASN C 627 -42.74 -30.56 -13.28
CA ASN C 627 -43.65 -31.68 -13.49
C ASN C 627 -43.83 -31.87 -14.98
N MET C 628 -43.05 -32.80 -15.56
CA MET C 628 -43.09 -33.02 -16.99
C MET C 628 -44.32 -33.85 -17.33
N THR C 629 -44.42 -35.03 -16.72
CA THR C 629 -45.59 -35.91 -16.85
C THR C 629 -46.90 -35.16 -16.74
N LEU C 630 -47.03 -34.36 -15.69
CA LEU C 630 -48.29 -33.69 -15.43
C LEU C 630 -48.69 -32.87 -16.65
N VAL C 631 -47.77 -32.07 -17.19
CA VAL C 631 -48.11 -31.26 -18.35
C VAL C 631 -48.39 -32.15 -19.55
N THR C 632 -47.64 -33.26 -19.65
CA THR C 632 -47.95 -34.25 -20.68
C THR C 632 -49.44 -34.47 -20.71
N LEU C 633 -49.98 -34.84 -19.56
CA LEU C 633 -51.40 -35.15 -19.46
C LEU C 633 -52.26 -33.91 -19.72
N LEU C 634 -51.95 -32.83 -19.01
CA LEU C 634 -52.79 -31.63 -18.99
C LEU C 634 -52.97 -31.07 -20.39
N VAL C 635 -51.94 -31.17 -21.22
CA VAL C 635 -52.05 -30.67 -22.59
C VAL C 635 -52.42 -31.79 -23.56
N GLU C 636 -52.22 -33.05 -23.18
CA GLU C 636 -52.70 -34.15 -24.00
C GLU C 636 -54.20 -34.04 -24.12
N ASN C 637 -54.87 -33.81 -22.99
CA ASN C 637 -56.29 -33.51 -23.04
C ASN C 637 -56.52 -32.06 -23.48
N GLY C 638 -55.59 -31.18 -23.13
CA GLY C 638 -55.69 -29.78 -23.51
C GLY C 638 -55.46 -28.87 -22.33
N ALA C 639 -54.53 -27.93 -22.47
CA ALA C 639 -54.15 -27.01 -21.40
C ALA C 639 -54.03 -25.61 -21.98
N ASP C 640 -54.80 -24.66 -21.45
CA ASP C 640 -54.73 -23.29 -21.91
C ASP C 640 -53.34 -22.72 -21.67
N VAL C 641 -52.84 -21.94 -22.63
CA VAL C 641 -51.50 -21.38 -22.58
C VAL C 641 -51.59 -19.86 -22.54
N GLN C 642 -52.63 -19.34 -21.91
CA GLN C 642 -52.84 -17.90 -21.83
C GLN C 642 -53.16 -17.50 -20.39
N ALA C 643 -52.43 -18.07 -19.44
CA ALA C 643 -52.66 -17.77 -18.03
C ALA C 643 -52.39 -16.30 -17.74
N ALA C 644 -53.44 -15.54 -17.46
CA ALA C 644 -53.31 -14.12 -17.14
C ALA C 644 -52.99 -13.88 -15.67
N ALA C 645 -51.94 -14.53 -15.16
CA ALA C 645 -51.64 -14.43 -13.73
C ALA C 645 -51.16 -13.02 -13.39
N ASN C 646 -52.06 -12.21 -12.84
CA ASN C 646 -51.70 -10.90 -12.34
C ASN C 646 -51.51 -10.89 -10.83
N GLY C 647 -51.33 -12.06 -10.21
CA GLY C 647 -51.21 -12.18 -8.77
C GLY C 647 -50.15 -11.26 -8.19
N ASP C 648 -50.50 -10.59 -7.09
CA ASP C 648 -49.58 -9.66 -6.44
C ASP C 648 -48.23 -10.32 -6.21
N PHE C 649 -48.24 -11.59 -5.83
CA PHE C 649 -46.99 -12.34 -5.69
C PHE C 649 -46.27 -12.43 -7.03
N PHE C 650 -47.02 -12.66 -8.11
CA PHE C 650 -46.45 -12.89 -9.42
C PHE C 650 -46.54 -11.68 -10.33
N LYS C 651 -46.94 -10.53 -9.81
CA LYS C 651 -47.02 -9.31 -10.60
C LYS C 651 -45.64 -8.67 -10.72
N LYS C 652 -45.54 -7.66 -11.59
CA LYS C 652 -44.29 -6.92 -11.75
C LYS C 652 -43.90 -6.20 -10.47
N THR C 653 -44.85 -6.03 -9.55
CA THR C 653 -44.60 -5.33 -8.29
C THR C 653 -43.36 -5.86 -7.60
N LYS C 654 -42.36 -5.00 -7.42
CA LYS C 654 -41.12 -5.41 -6.76
C LYS C 654 -41.33 -5.54 -5.25
N GLY C 655 -42.20 -4.71 -4.66
CA GLY C 655 -42.43 -4.79 -3.23
C GLY C 655 -42.96 -6.13 -2.79
N ARG C 656 -43.74 -6.80 -3.64
CA ARG C 656 -44.27 -8.11 -3.33
C ARG C 656 -43.16 -9.15 -3.53
N PRO C 657 -42.78 -9.90 -2.49
CA PRO C 657 -41.74 -10.93 -2.69
C PRO C 657 -42.26 -12.10 -3.50
N GLY C 658 -41.83 -12.19 -4.76
CA GLY C 658 -42.31 -13.25 -5.63
C GLY C 658 -41.50 -13.39 -6.89
N PHE C 659 -42.16 -13.61 -8.02
CA PHE C 659 -41.47 -13.86 -9.27
C PHE C 659 -42.27 -13.25 -10.42
N TYR C 660 -41.59 -12.48 -11.27
CA TYR C 660 -42.19 -11.94 -12.49
C TYR C 660 -41.81 -12.77 -13.71
N PHE C 661 -41.74 -14.08 -13.55
CA PHE C 661 -41.37 -14.97 -14.65
C PHE C 661 -42.10 -14.61 -15.93
N GLY C 662 -43.31 -14.04 -15.82
CA GLY C 662 -44.07 -13.66 -16.99
C GLY C 662 -45.49 -14.19 -16.94
N GLU C 663 -46.46 -13.41 -17.40
CA GLU C 663 -47.86 -13.82 -17.33
C GLU C 663 -48.05 -15.18 -17.99
N LEU C 664 -47.55 -15.34 -19.20
CA LEU C 664 -47.74 -16.59 -19.94
C LEU C 664 -46.96 -17.71 -19.28
N PRO C 665 -47.33 -18.96 -19.47
CA PRO C 665 -46.67 -20.05 -18.76
C PRO C 665 -45.35 -20.45 -19.40
N LEU C 666 -45.25 -20.29 -20.72
CA LEU C 666 -43.97 -20.50 -21.36
C LEU C 666 -42.90 -19.64 -20.69
N SER C 667 -43.28 -18.43 -20.28
CA SER C 667 -42.37 -17.58 -19.55
C SER C 667 -41.93 -18.24 -18.25
N LEU C 668 -42.87 -18.88 -17.55
CA LEU C 668 -42.51 -19.57 -16.32
C LEU C 668 -41.53 -20.70 -16.61
N ALA C 669 -41.79 -21.48 -17.66
CA ALA C 669 -40.86 -22.53 -18.02
C ALA C 669 -39.50 -21.95 -18.34
N ALA C 670 -39.47 -20.77 -18.95
CA ALA C 670 -38.22 -20.19 -19.41
C ALA C 670 -37.38 -19.67 -18.25
N CYS C 671 -37.97 -18.81 -17.41
CA CYS C 671 -37.20 -18.20 -16.34
C CYS C 671 -36.56 -19.25 -15.44
N THR C 672 -37.17 -20.42 -15.33
CA THR C 672 -36.58 -21.54 -14.63
C THR C 672 -35.80 -22.40 -15.62
N ASN C 673 -34.77 -23.08 -15.11
CA ASN C 673 -33.87 -23.82 -15.99
C ASN C 673 -34.56 -25.08 -16.50
N GLN C 674 -35.49 -24.93 -17.44
CA GLN C 674 -36.27 -26.04 -17.97
C GLN C 674 -36.20 -25.99 -19.49
N LEU C 675 -35.16 -26.59 -20.05
CA LEU C 675 -35.09 -26.70 -21.50
C LEU C 675 -36.21 -27.58 -22.03
N ALA C 676 -36.52 -28.66 -21.32
CA ALA C 676 -37.51 -29.62 -21.77
C ALA C 676 -38.84 -28.93 -22.02
N ILE C 677 -39.32 -28.19 -21.02
CA ILE C 677 -40.66 -27.60 -21.13
C ILE C 677 -40.68 -26.48 -22.15
N VAL C 678 -39.61 -25.67 -22.22
CA VAL C 678 -39.62 -24.61 -23.22
C VAL C 678 -39.65 -25.21 -24.61
N LYS C 679 -38.95 -26.33 -24.82
CA LYS C 679 -39.06 -27.05 -26.08
C LYS C 679 -40.47 -27.61 -26.28
N PHE C 680 -41.05 -28.18 -25.23
CA PHE C 680 -42.28 -28.94 -25.36
C PHE C 680 -43.47 -28.02 -25.63
N LEU C 681 -43.64 -27.00 -24.79
CA LEU C 681 -44.81 -26.15 -24.84
C LEU C 681 -44.99 -25.56 -26.23
N LEU C 682 -43.88 -25.37 -26.95
CA LEU C 682 -43.92 -24.82 -28.29
C LEU C 682 -43.94 -25.89 -29.38
N GLN C 683 -43.30 -27.03 -29.16
CA GLN C 683 -43.32 -28.11 -30.13
C GLN C 683 -44.40 -29.14 -29.83
N ASN C 684 -45.21 -28.94 -28.79
CA ASN C 684 -46.33 -29.83 -28.54
C ASN C 684 -47.29 -29.79 -29.71
N SER C 685 -47.85 -30.96 -30.05
CA SER C 685 -48.66 -31.12 -31.25
C SER C 685 -49.57 -29.93 -31.51
N TRP C 686 -50.28 -29.48 -30.49
CA TRP C 686 -51.18 -28.35 -30.59
C TRP C 686 -50.81 -27.30 -29.54
N GLN C 687 -51.48 -26.15 -29.62
CA GLN C 687 -51.27 -25.05 -28.69
C GLN C 687 -49.79 -24.76 -28.48
N PRO C 688 -49.03 -24.52 -29.53
CA PRO C 688 -47.65 -24.01 -29.39
C PRO C 688 -47.67 -22.52 -29.08
N ALA C 689 -47.76 -22.19 -27.79
CA ALA C 689 -48.16 -20.85 -27.35
C ALA C 689 -47.52 -19.77 -28.20
N ASP C 690 -48.34 -18.85 -28.71
CA ASP C 690 -47.88 -17.81 -29.61
C ASP C 690 -46.68 -17.09 -29.02
N ILE C 691 -45.54 -17.18 -29.69
CA ILE C 691 -44.32 -16.58 -29.16
C ILE C 691 -44.51 -15.08 -28.97
N SER C 692 -45.17 -14.43 -29.93
CA SER C 692 -45.46 -13.00 -29.83
C SER C 692 -46.68 -12.77 -28.94
N ALA C 693 -46.55 -13.21 -27.69
CA ALA C 693 -47.63 -13.13 -26.71
C ALA C 693 -47.36 -11.95 -25.78
N ARG C 694 -47.96 -10.81 -26.10
CA ARG C 694 -47.81 -9.64 -25.24
C ARG C 694 -48.48 -9.89 -23.90
N ASP C 695 -47.76 -9.66 -22.82
CA ASP C 695 -48.29 -9.80 -21.47
C ASP C 695 -48.92 -8.50 -21.00
N SER C 696 -49.22 -8.40 -19.71
CA SER C 696 -49.86 -7.21 -19.18
C SER C 696 -49.05 -5.96 -19.51
N VAL C 697 -47.75 -5.99 -19.19
CA VAL C 697 -46.89 -4.87 -19.53
C VAL C 697 -46.23 -5.06 -20.89
N GLY C 698 -46.59 -6.11 -21.62
CA GLY C 698 -46.20 -6.29 -23.01
C GLY C 698 -45.00 -7.20 -23.20
N ASN C 699 -44.25 -7.46 -22.14
CA ASN C 699 -43.02 -8.24 -22.26
C ASN C 699 -43.25 -9.53 -23.01
N THR C 700 -42.53 -9.73 -24.12
CA THR C 700 -42.52 -11.01 -24.79
C THR C 700 -41.59 -11.97 -24.05
N VAL C 701 -41.42 -13.17 -24.60
CA VAL C 701 -40.64 -14.19 -23.90
C VAL C 701 -39.21 -13.70 -23.68
N LEU C 702 -38.60 -13.14 -24.72
CA LEU C 702 -37.23 -12.67 -24.58
C LEU C 702 -37.16 -11.53 -23.57
N HIS C 703 -38.18 -10.67 -23.55
CA HIS C 703 -38.21 -9.61 -22.55
C HIS C 703 -38.16 -10.18 -21.15
N ALA C 704 -38.97 -11.20 -20.87
CA ALA C 704 -38.93 -11.79 -19.55
C ALA C 704 -37.56 -12.41 -19.27
N LEU C 705 -36.99 -13.08 -20.28
CA LEU C 705 -35.71 -13.73 -20.07
C LEU C 705 -34.67 -12.71 -19.65
N VAL C 706 -34.66 -11.55 -20.30
CA VAL C 706 -33.78 -10.47 -19.89
C VAL C 706 -34.14 -9.98 -18.51
N GLU C 707 -35.44 -9.86 -18.23
CA GLU C 707 -35.88 -9.30 -16.97
C GLU C 707 -35.28 -10.07 -15.81
N VAL C 708 -35.43 -11.39 -15.80
CA VAL C 708 -35.00 -12.21 -14.68
C VAL C 708 -33.50 -12.21 -14.51
N ALA C 709 -32.75 -12.18 -15.61
CA ALA C 709 -31.31 -12.35 -15.58
C ALA C 709 -30.65 -11.48 -14.54
N ASP C 710 -29.81 -12.08 -13.70
CA ASP C 710 -29.02 -11.32 -12.71
C ASP C 710 -27.66 -11.11 -13.34
N ASN C 711 -26.68 -10.61 -12.58
CA ASN C 711 -25.34 -10.33 -13.09
C ASN C 711 -24.29 -11.28 -12.55
N THR C 712 -24.68 -12.32 -11.81
CA THR C 712 -23.74 -13.33 -11.37
C THR C 712 -23.36 -14.23 -12.53
N VAL C 713 -22.19 -14.86 -12.45
CA VAL C 713 -21.64 -15.59 -13.58
C VAL C 713 -22.56 -16.74 -13.97
N ASP C 714 -22.99 -17.52 -12.99
CA ASP C 714 -23.84 -18.68 -13.28
C ASP C 714 -25.11 -18.24 -13.99
N ASN C 715 -25.71 -17.15 -13.53
CA ASN C 715 -26.86 -16.61 -14.23
C ASN C 715 -26.51 -16.17 -15.63
N THR C 716 -25.28 -15.70 -15.86
CA THR C 716 -24.88 -15.38 -17.22
C THR C 716 -24.93 -16.63 -18.10
N LYS C 717 -24.32 -17.72 -17.62
CA LYS C 717 -24.38 -18.97 -18.38
C LYS C 717 -25.81 -19.33 -18.69
N PHE C 718 -26.64 -19.39 -17.67
CA PHE C 718 -28.02 -19.82 -17.82
C PHE C 718 -28.75 -18.94 -18.84
N VAL C 719 -28.68 -17.63 -18.65
CA VAL C 719 -29.48 -16.70 -19.45
C VAL C 719 -29.04 -16.74 -20.91
N THR C 720 -27.73 -16.63 -21.16
CA THR C 720 -27.28 -16.63 -22.54
C THR C 720 -27.57 -17.97 -23.21
N SER C 721 -27.26 -19.06 -22.52
CA SER C 721 -27.50 -20.38 -23.06
C SER C 721 -28.95 -20.50 -23.51
N MET C 722 -29.88 -20.16 -22.63
CA MET C 722 -31.28 -20.29 -23.00
C MET C 722 -31.60 -19.38 -24.17
N TYR C 723 -31.29 -18.08 -24.03
CA TYR C 723 -31.59 -17.11 -25.07
C TYR C 723 -31.30 -17.69 -26.45
N ASN C 724 -30.11 -18.26 -26.63
CA ASN C 724 -29.75 -18.73 -27.95
C ASN C 724 -30.73 -19.78 -28.45
N GLU C 725 -31.01 -20.76 -27.59
CA GLU C 725 -31.86 -21.88 -27.99
C GLU C 725 -33.26 -21.41 -28.31
N ILE C 726 -33.81 -20.54 -27.46
CA ILE C 726 -35.16 -20.05 -27.70
C ILE C 726 -35.22 -19.30 -29.02
N LEU C 727 -34.21 -18.47 -29.29
CA LEU C 727 -34.24 -17.70 -30.53
C LEU C 727 -34.23 -18.64 -31.72
N ILE C 728 -33.36 -19.65 -31.69
CA ILE C 728 -33.24 -20.51 -32.87
C ILE C 728 -34.53 -21.30 -33.08
N LEU C 729 -35.14 -21.78 -32.00
CA LEU C 729 -36.42 -22.47 -32.15
C LEU C 729 -37.44 -21.53 -32.80
N GLY C 730 -37.52 -20.30 -32.31
CA GLY C 730 -38.43 -19.35 -32.92
C GLY C 730 -38.15 -19.13 -34.39
N ALA C 731 -36.86 -19.12 -34.74
CA ALA C 731 -36.47 -18.97 -36.14
C ALA C 731 -37.10 -20.09 -36.94
N LYS C 732 -36.94 -21.32 -36.47
CA LYS C 732 -37.49 -22.45 -37.21
C LYS C 732 -39.01 -22.36 -37.30
N LEU C 733 -39.67 -22.01 -36.20
CA LEU C 733 -41.11 -22.09 -36.12
C LEU C 733 -41.78 -21.28 -37.22
N HIS C 734 -41.65 -19.96 -37.18
CA HIS C 734 -42.27 -19.07 -38.15
C HIS C 734 -41.21 -18.09 -38.65
N PRO C 735 -40.46 -18.45 -39.69
CA PRO C 735 -39.37 -17.57 -40.14
C PRO C 735 -39.83 -16.38 -40.95
N THR C 736 -40.73 -15.57 -40.39
CA THR C 736 -41.02 -14.25 -40.94
C THR C 736 -41.09 -13.19 -39.85
N LEU C 737 -41.15 -13.62 -38.58
CA LEU C 737 -41.31 -12.71 -37.45
C LEU C 737 -39.94 -12.32 -36.91
N LYS C 738 -39.67 -11.02 -36.86
CA LYS C 738 -38.44 -10.53 -36.26
C LYS C 738 -38.67 -10.37 -34.77
N LEU C 739 -38.40 -11.42 -34.01
CA LEU C 739 -38.79 -11.42 -32.60
C LEU C 739 -38.04 -10.39 -31.79
N GLU C 740 -36.87 -9.95 -32.23
CA GLU C 740 -36.06 -9.07 -31.42
C GLU C 740 -36.43 -7.60 -31.52
N GLU C 741 -37.43 -7.23 -32.32
CA GLU C 741 -37.86 -5.85 -32.45
C GLU C 741 -39.19 -5.59 -31.77
N ILE C 742 -39.81 -6.61 -31.19
CA ILE C 742 -41.13 -6.45 -30.59
C ILE C 742 -41.02 -5.53 -29.38
N THR C 743 -41.87 -4.52 -29.33
CA THR C 743 -41.77 -3.45 -28.36
C THR C 743 -42.49 -3.80 -27.06
N ASN C 744 -42.18 -3.04 -26.02
CA ASN C 744 -42.85 -3.15 -24.74
C ASN C 744 -43.60 -1.86 -24.43
N ARG C 745 -44.48 -1.92 -23.42
CA ARG C 745 -45.34 -0.79 -23.07
C ARG C 745 -44.55 0.50 -22.98
N LYS C 746 -43.55 0.56 -22.10
CA LYS C 746 -42.74 1.76 -21.99
C LYS C 746 -42.15 2.12 -23.35
N GLY C 747 -41.83 1.12 -24.15
CA GLY C 747 -41.24 1.29 -25.46
C GLY C 747 -39.76 0.99 -25.39
N LEU C 748 -39.39 -0.25 -25.68
CA LEU C 748 -38.02 -0.70 -25.53
C LEU C 748 -37.90 -2.08 -26.15
N THR C 749 -36.90 -2.28 -26.99
CA THR C 749 -36.60 -3.61 -27.48
C THR C 749 -35.75 -4.36 -26.47
N PRO C 750 -35.51 -5.64 -26.69
CA PRO C 750 -34.69 -6.39 -25.73
C PRO C 750 -33.33 -5.76 -25.50
N LEU C 751 -32.70 -5.26 -26.56
CA LEU C 751 -31.42 -4.59 -26.42
C LEU C 751 -31.57 -3.35 -25.54
N ALA C 752 -32.61 -2.57 -25.80
CA ALA C 752 -32.82 -1.34 -25.05
C ALA C 752 -32.97 -1.66 -23.57
N LEU C 753 -33.72 -2.71 -23.25
CA LEU C 753 -33.90 -3.07 -21.85
C LEU C 753 -32.61 -3.56 -21.23
N ALA C 754 -31.90 -4.44 -21.93
CA ALA C 754 -30.65 -4.96 -21.41
C ALA C 754 -29.69 -3.82 -21.11
N ALA C 755 -29.70 -2.80 -21.96
CA ALA C 755 -28.83 -1.65 -21.75
C ALA C 755 -29.29 -0.82 -20.56
N SER C 756 -30.52 -0.34 -20.60
CA SER C 756 -31.01 0.57 -19.58
C SER C 756 -30.96 -0.05 -18.19
N SER C 757 -31.53 -1.23 -18.04
CA SER C 757 -31.63 -1.84 -16.72
C SER C 757 -30.24 -2.13 -16.16
N GLY C 758 -29.34 -2.58 -17.01
CA GLY C 758 -27.98 -2.85 -16.62
C GLY C 758 -27.72 -4.33 -16.53
N LYS C 759 -27.20 -4.90 -17.62
CA LYS C 759 -26.98 -6.33 -17.76
C LYS C 759 -25.75 -6.49 -18.64
N ILE C 760 -24.58 -6.62 -18.01
CA ILE C 760 -23.34 -6.69 -18.78
C ILE C 760 -23.39 -7.93 -19.67
N GLY C 761 -23.78 -9.05 -19.10
CA GLY C 761 -23.73 -10.31 -19.82
C GLY C 761 -24.63 -10.35 -21.04
N VAL C 762 -25.89 -9.98 -20.87
CA VAL C 762 -26.84 -10.09 -21.96
C VAL C 762 -26.37 -9.21 -23.09
N LEU C 763 -25.98 -7.97 -22.76
CA LEU C 763 -25.54 -7.04 -23.79
C LEU C 763 -24.32 -7.59 -24.51
N ALA C 764 -23.36 -8.13 -23.76
CA ALA C 764 -22.19 -8.71 -24.36
C ALA C 764 -22.60 -9.74 -25.38
N TYR C 765 -23.51 -10.62 -24.99
CA TYR C 765 -23.94 -11.67 -25.90
C TYR C 765 -24.57 -11.07 -27.15
N ILE C 766 -25.55 -10.18 -26.98
CA ILE C 766 -26.30 -9.74 -28.15
C ILE C 766 -25.38 -9.06 -29.14
N LEU C 767 -24.51 -8.17 -28.66
CA LEU C 767 -23.64 -7.47 -29.59
C LEU C 767 -22.54 -8.36 -30.15
N GLN C 768 -22.15 -9.43 -29.45
CA GLN C 768 -21.18 -10.38 -30.00
C GLN C 768 -21.85 -11.71 -30.31
N ARG C 769 -23.07 -11.67 -30.82
CA ARG C 769 -23.87 -12.87 -31.02
C ARG C 769 -23.48 -13.51 -32.35
N GLU C 770 -22.40 -14.29 -32.31
CA GLU C 770 -21.94 -15.07 -33.45
C GLU C 770 -22.66 -16.42 -33.44
N ILE C 771 -23.20 -16.80 -34.60
CA ILE C 771 -23.98 -18.02 -34.70
C ILE C 771 -23.52 -18.79 -35.95
N HIS C 772 -24.02 -20.02 -36.08
CA HIS C 772 -23.57 -20.96 -37.10
C HIS C 772 -24.79 -21.69 -37.67
N GLU C 773 -24.59 -22.86 -38.27
CA GLU C 773 -25.70 -23.61 -38.86
C GLU C 773 -26.36 -22.78 -39.95
N PRO C 774 -25.64 -22.57 -41.07
CA PRO C 774 -26.10 -21.70 -42.16
C PRO C 774 -27.55 -21.82 -42.58
N GLU C 775 -28.23 -22.92 -42.25
CA GLU C 775 -29.61 -23.06 -42.69
C GLU C 775 -30.39 -21.80 -42.37
N CYS C 776 -30.16 -21.24 -41.18
CA CYS C 776 -30.62 -19.90 -40.85
C CYS C 776 -29.60 -19.27 -39.92
N ARG C 777 -28.69 -18.48 -40.48
CA ARG C 777 -27.64 -17.82 -39.72
C ARG C 777 -27.64 -16.32 -39.91
N HIS C 778 -28.61 -15.78 -40.65
CA HIS C 778 -28.70 -14.32 -40.80
C HIS C 778 -28.60 -13.62 -39.45
N LEU C 779 -29.18 -14.22 -38.41
CA LEU C 779 -29.42 -13.53 -37.15
C LEU C 779 -28.16 -13.63 -36.28
N SER C 780 -27.09 -12.99 -36.74
CA SER C 780 -25.84 -12.96 -36.01
C SER C 780 -25.30 -11.54 -35.99
N ARG C 781 -24.20 -11.35 -35.26
CA ARG C 781 -23.54 -10.04 -35.19
C ARG C 781 -22.16 -10.06 -35.85
N LYS C 782 -21.28 -10.97 -35.45
CA LYS C 782 -19.89 -10.96 -35.93
C LYS C 782 -19.77 -11.81 -37.20
N PHE C 783 -20.08 -11.20 -38.34
CA PHE C 783 -19.90 -11.90 -39.61
C PHE C 783 -18.41 -11.91 -39.95
N THR C 784 -17.79 -13.10 -39.96
CA THR C 784 -16.36 -13.17 -40.22
C THR C 784 -16.08 -13.04 -41.71
N GLU C 785 -14.94 -12.43 -42.03
CA GLU C 785 -14.54 -12.19 -43.40
C GLU C 785 -13.10 -12.65 -43.58
N TRP C 786 -12.47 -12.35 -44.72
CA TRP C 786 -11.23 -13.03 -45.11
C TRP C 786 -10.34 -13.29 -43.90
N ALA C 787 -9.75 -14.48 -43.88
CA ALA C 787 -8.85 -14.87 -42.80
C ALA C 787 -7.71 -15.66 -43.41
N TYR C 788 -6.47 -15.25 -43.13
CA TYR C 788 -5.27 -15.77 -43.80
C TYR C 788 -4.20 -16.06 -42.76
N GLY C 789 -4.22 -17.24 -42.17
CA GLY C 789 -3.33 -17.55 -41.09
C GLY C 789 -3.81 -16.90 -39.80
N PRO C 790 -2.89 -16.48 -38.94
CA PRO C 790 -3.29 -15.85 -37.67
C PRO C 790 -3.98 -14.51 -37.80
N VAL C 791 -4.25 -14.01 -39.00
CA VAL C 791 -5.02 -12.80 -39.18
C VAL C 791 -6.42 -13.16 -39.63
N HIS C 792 -7.40 -12.38 -39.16
CA HIS C 792 -8.80 -12.62 -39.52
C HIS C 792 -9.64 -11.38 -39.31
N SER C 793 -10.16 -10.82 -40.41
CA SER C 793 -11.03 -9.66 -40.34
C SER C 793 -12.33 -10.01 -39.63
N SER C 794 -13.18 -9.01 -39.47
CA SER C 794 -14.44 -9.19 -38.76
C SER C 794 -15.35 -8.00 -39.00
N LEU C 795 -16.62 -8.24 -39.29
CA LEU C 795 -17.59 -7.17 -39.54
C LEU C 795 -18.71 -7.27 -38.51
N TYR C 796 -18.92 -6.18 -37.76
CA TYR C 796 -20.01 -6.13 -36.79
C TYR C 796 -21.27 -5.62 -37.47
N ASP C 797 -22.33 -5.42 -36.71
CA ASP C 797 -23.60 -5.01 -37.29
C ASP C 797 -23.86 -3.53 -37.16
N LEU C 798 -23.86 -2.98 -35.95
CA LEU C 798 -24.00 -1.54 -35.76
C LEU C 798 -25.26 -1.03 -36.47
N SER C 799 -26.35 -1.78 -36.35
CA SER C 799 -27.63 -1.35 -36.89
C SER C 799 -28.51 -0.67 -35.87
N CYS C 800 -28.48 -1.10 -34.62
CA CYS C 800 -29.31 -0.54 -33.56
C CYS C 800 -28.47 0.14 -32.49
N ILE C 801 -27.24 0.52 -32.84
CA ILE C 801 -26.32 1.03 -31.84
C ILE C 801 -26.10 2.53 -31.96
N ASP C 802 -25.88 3.05 -33.17
CA ASP C 802 -25.25 4.33 -33.33
C ASP C 802 -26.31 5.41 -33.41
N THR C 803 -27.18 5.40 -34.43
CA THR C 803 -28.13 6.50 -34.63
C THR C 803 -29.37 5.98 -35.36
N CYS C 804 -30.36 5.54 -34.60
CA CYS C 804 -31.70 5.29 -35.14
C CYS C 804 -32.64 4.80 -34.05
N GLU C 805 -33.93 4.70 -34.36
CA GLU C 805 -34.96 4.31 -33.41
C GLU C 805 -35.32 5.47 -32.50
N LYS C 806 -35.88 5.16 -31.34
CA LYS C 806 -36.08 6.12 -30.27
C LYS C 806 -35.14 5.87 -29.10
N ASN C 807 -34.63 4.66 -28.93
CA ASN C 807 -33.72 4.36 -27.83
C ASN C 807 -32.55 3.54 -28.39
N SER C 808 -31.49 4.22 -28.79
CA SER C 808 -30.30 3.53 -29.22
C SER C 808 -29.50 3.07 -28.01
N VAL C 809 -28.67 2.05 -28.23
CA VAL C 809 -27.89 1.52 -27.10
C VAL C 809 -26.94 2.57 -26.56
N LEU C 810 -26.22 3.25 -27.43
CA LEU C 810 -25.21 4.22 -27.02
C LEU C 810 -25.82 5.50 -26.48
N GLU C 811 -27.13 5.65 -26.57
CA GLU C 811 -27.81 6.80 -26.00
C GLU C 811 -28.44 6.51 -24.64
N VAL C 812 -28.60 5.24 -24.27
CA VAL C 812 -29.14 4.88 -22.97
C VAL C 812 -28.07 4.39 -22.01
N ILE C 813 -26.86 4.11 -22.51
CA ILE C 813 -25.76 3.77 -21.62
C ILE C 813 -25.16 4.99 -20.98
N ALA C 814 -25.39 6.18 -21.53
CA ALA C 814 -24.75 7.41 -21.07
C ALA C 814 -25.75 8.39 -20.47
N TYR C 815 -26.81 8.75 -21.20
CA TYR C 815 -27.89 9.58 -20.68
C TYR C 815 -28.78 8.75 -19.76
N SER C 816 -28.17 8.21 -18.71
CA SER C 816 -28.87 7.33 -17.77
C SER C 816 -28.51 7.70 -16.35
N SER C 817 -29.43 7.41 -15.43
CA SER C 817 -29.22 7.75 -14.04
C SER C 817 -27.99 7.04 -13.49
N SER C 818 -27.54 7.49 -12.33
CA SER C 818 -26.39 6.90 -11.65
C SER C 818 -26.75 5.63 -10.90
N GLU C 819 -28.04 5.29 -10.82
CA GLU C 819 -28.48 4.08 -10.14
C GLU C 819 -28.20 2.83 -10.97
N THR C 820 -28.40 2.90 -12.28
CA THR C 820 -28.20 1.75 -13.15
C THR C 820 -26.85 1.12 -12.84
N PRO C 821 -26.79 -0.17 -12.49
CA PRO C 821 -25.53 -0.79 -12.13
C PRO C 821 -24.55 -0.86 -13.29
N ASN C 822 -23.33 -0.32 -13.10
CA ASN C 822 -22.24 -0.40 -14.05
C ASN C 822 -22.47 0.48 -15.27
N ARG C 823 -23.05 1.66 -15.11
CA ARG C 823 -23.19 2.57 -16.23
C ARG C 823 -21.86 2.87 -16.89
N HIS C 824 -20.77 2.84 -16.13
CA HIS C 824 -19.46 3.21 -16.62
C HIS C 824 -18.62 2.01 -17.04
N ASP C 825 -19.16 0.80 -16.95
CA ASP C 825 -18.41 -0.40 -17.31
C ASP C 825 -18.95 -1.09 -18.55
N MET C 826 -20.08 -0.64 -19.08
CA MET C 826 -20.64 -1.27 -20.27
C MET C 826 -20.05 -0.71 -21.55
N LEU C 827 -19.21 0.31 -21.47
CA LEU C 827 -18.57 0.90 -22.63
C LEU C 827 -17.26 0.22 -22.99
N LEU C 828 -17.08 -1.04 -22.60
CA LEU C 828 -15.90 -1.81 -22.96
C LEU C 828 -16.27 -3.14 -23.61
N VAL C 829 -17.40 -3.19 -24.32
CA VAL C 829 -17.96 -4.46 -24.76
C VAL C 829 -17.23 -4.98 -25.98
N GLU C 830 -17.40 -4.32 -27.13
CA GLU C 830 -16.62 -4.76 -28.31
C GLU C 830 -16.69 -3.68 -29.39
N PRO C 831 -17.84 -3.45 -30.03
CA PRO C 831 -17.94 -2.41 -31.06
C PRO C 831 -18.14 -1.01 -30.49
N LEU C 832 -18.69 -0.88 -29.29
CA LEU C 832 -18.97 0.45 -28.73
C LEU C 832 -17.69 1.24 -28.56
N ASN C 833 -16.66 0.63 -27.99
CA ASN C 833 -15.45 1.35 -27.65
C ASN C 833 -14.76 1.90 -28.89
N ARG C 834 -14.47 1.02 -29.85
CA ARG C 834 -13.81 1.47 -31.06
C ARG C 834 -14.71 2.36 -31.89
N LEU C 835 -16.02 2.17 -31.80
CA LEU C 835 -16.92 3.06 -32.52
C LEU C 835 -16.79 4.48 -32.01
N LEU C 836 -16.81 4.65 -30.69
CA LEU C 836 -16.65 5.98 -30.11
C LEU C 836 -15.30 6.57 -30.44
N GLN C 837 -14.23 5.77 -30.35
CA GLN C 837 -12.92 6.30 -30.67
C GLN C 837 -12.78 6.69 -32.14
N ASP C 838 -13.37 5.92 -33.05
CA ASP C 838 -13.34 6.29 -34.45
C ASP C 838 -14.09 7.59 -34.68
N LYS C 839 -15.23 7.79 -34.02
CA LYS C 839 -15.89 9.08 -34.17
C LYS C 839 -15.02 10.22 -33.64
N TRP C 840 -14.39 10.04 -32.48
CA TRP C 840 -13.54 11.06 -31.89
C TRP C 840 -12.37 11.44 -32.79
N ASP C 841 -11.70 10.45 -33.37
CA ASP C 841 -10.52 10.71 -34.17
C ASP C 841 -10.84 11.25 -35.55
N ARG C 842 -12.11 11.39 -35.87
CA ARG C 842 -12.49 11.83 -37.21
C ARG C 842 -13.19 13.18 -37.21
N PHE C 843 -14.19 13.40 -36.36
CA PHE C 843 -14.93 14.63 -36.48
C PHE C 843 -15.22 15.33 -35.15
N VAL C 844 -14.83 14.75 -34.01
CA VAL C 844 -15.13 15.37 -32.72
C VAL C 844 -13.86 15.78 -32.01
N LYS C 845 -12.77 15.97 -32.75
CA LYS C 845 -11.55 16.51 -32.19
C LYS C 845 -11.37 17.99 -32.50
N ARG C 846 -11.54 18.37 -33.77
CA ARG C 846 -11.38 19.77 -34.13
C ARG C 846 -12.43 20.65 -33.46
N ILE C 847 -13.67 20.18 -33.41
CA ILE C 847 -14.73 20.99 -32.85
C ILE C 847 -14.43 21.31 -31.38
N PHE C 848 -14.00 20.31 -30.63
CA PHE C 848 -13.74 20.51 -29.21
C PHE C 848 -12.65 21.55 -29.00
N TYR C 849 -11.57 21.48 -29.80
CA TYR C 849 -10.47 22.41 -29.61
C TYR C 849 -10.87 23.82 -30.03
N PHE C 850 -11.64 23.96 -31.11
CA PHE C 850 -12.11 25.29 -31.47
C PHE C 850 -12.99 25.87 -30.38
N ASN C 851 -13.86 25.06 -29.78
CA ASN C 851 -14.68 25.55 -28.68
C ASN C 851 -13.82 25.99 -27.52
N PHE C 852 -12.77 25.23 -27.22
CA PHE C 852 -11.88 25.61 -26.13
C PHE C 852 -11.24 26.96 -26.40
N PHE C 853 -10.80 27.17 -27.64
CA PHE C 853 -10.18 28.45 -27.97
C PHE C 853 -11.18 29.59 -27.79
N VAL C 854 -12.41 29.38 -28.26
CA VAL C 854 -13.39 30.46 -28.17
C VAL C 854 -13.65 30.81 -26.70
N TYR C 855 -13.79 29.79 -25.86
CA TYR C 855 -14.04 30.08 -24.44
C TYR C 855 -12.86 30.79 -23.80
N CYS C 856 -11.64 30.36 -24.12
CA CYS C 856 -10.48 31.03 -23.56
C CYS C 856 -10.39 32.48 -23.99
N LEU C 857 -10.80 32.79 -25.22
CA LEU C 857 -10.84 34.18 -25.66
C LEU C 857 -11.92 34.97 -24.94
N TYR C 858 -13.07 34.36 -24.72
CA TYR C 858 -14.16 35.05 -24.03
C TYR C 858 -13.75 35.44 -22.62
N MET C 859 -13.09 34.54 -21.90
CA MET C 859 -12.67 34.88 -20.54
C MET C 859 -11.68 36.04 -20.54
N ILE C 860 -10.77 36.10 -21.52
CA ILE C 860 -9.83 37.21 -21.58
C ILE C 860 -10.57 38.52 -21.81
N ILE C 861 -11.53 38.52 -22.72
CA ILE C 861 -12.30 39.75 -22.94
C ILE C 861 -13.00 40.16 -21.66
N PHE C 862 -13.59 39.20 -20.95
CA PHE C 862 -14.30 39.53 -19.72
C PHE C 862 -13.35 40.12 -18.66
N THR C 863 -12.16 39.51 -18.51
CA THR C 863 -11.21 40.03 -17.54
C THR C 863 -10.79 41.45 -17.91
N ALA C 864 -10.53 41.69 -19.19
CA ALA C 864 -10.13 43.04 -19.61
C ALA C 864 -11.24 44.04 -19.32
N ALA C 865 -12.49 43.67 -19.58
CA ALA C 865 -13.59 44.57 -19.27
C ALA C 865 -13.70 44.82 -17.77
N ALA C 866 -13.47 43.79 -16.96
CA ALA C 866 -13.64 43.93 -15.52
C ALA C 866 -12.54 44.80 -14.90
N TYR C 867 -11.29 44.56 -15.26
CA TYR C 867 -10.20 45.29 -14.61
C TYR C 867 -10.39 46.79 -14.77
N TYR C 868 -10.70 47.26 -15.97
CA TYR C 868 -10.71 48.68 -16.26
C TYR C 868 -12.06 49.32 -15.97
N ARG C 869 -12.82 48.74 -15.05
CA ARG C 869 -14.10 49.33 -14.69
C ARG C 869 -13.88 50.76 -14.21
N PRO C 870 -14.71 51.69 -14.64
CA PRO C 870 -14.57 53.06 -14.14
C PRO C 870 -14.94 53.12 -12.67
N VAL C 871 -14.22 53.98 -11.94
CA VAL C 871 -14.55 54.22 -10.54
C VAL C 871 -14.71 55.71 -10.32
N GLU C 872 -15.94 56.19 -10.39
CA GLU C 872 -16.22 57.61 -10.18
C GLU C 872 -17.73 57.79 -10.31
N GLY C 873 -18.47 57.76 -9.21
CA GLY C 873 -19.91 58.03 -9.28
C GLY C 873 -20.73 56.78 -9.13
N LEU C 874 -22.05 56.90 -9.18
CA LEU C 874 -22.94 55.73 -8.96
C LEU C 874 -23.13 54.97 -10.28
N PRO C 875 -23.32 53.64 -10.26
CA PRO C 875 -23.41 52.80 -11.45
C PRO C 875 -23.71 53.27 -12.86
N PRO C 876 -24.93 53.69 -13.30
CA PRO C 876 -25.13 53.98 -14.71
C PRO C 876 -24.11 55.06 -15.09
N TYR C 877 -23.20 54.79 -16.06
CA TYR C 877 -22.09 55.74 -16.40
C TYR C 877 -22.15 56.17 -17.84
N LYS C 878 -22.20 57.47 -18.13
CA LYS C 878 -22.35 57.93 -19.50
C LYS C 878 -21.10 57.60 -20.31
N LEU C 879 -21.29 57.45 -21.61
CA LEU C 879 -20.21 57.05 -22.49
C LEU C 879 -19.44 58.27 -22.96
N LYS C 880 -18.12 58.21 -22.85
CA LYS C 880 -17.27 59.28 -23.37
C LYS C 880 -17.16 59.13 -24.87
N ASN C 881 -16.28 59.91 -25.49
CA ASN C 881 -16.11 59.87 -26.95
C ASN C 881 -14.66 59.61 -27.29
N THR C 882 -14.01 58.74 -26.53
CA THR C 882 -12.63 58.36 -26.78
C THR C 882 -12.58 56.97 -27.39
N VAL C 883 -11.39 56.57 -27.81
CA VAL C 883 -11.23 55.27 -28.46
C VAL C 883 -11.45 54.14 -27.46
N GLY C 884 -10.98 54.32 -26.22
CA GLY C 884 -11.04 53.23 -25.26
C GLY C 884 -12.43 52.96 -24.73
N ASP C 885 -13.24 53.99 -24.57
CA ASP C 885 -14.56 53.81 -24.00
C ASP C 885 -15.51 53.09 -24.95
N TYR C 886 -15.15 52.94 -26.22
CA TYR C 886 -15.92 52.12 -27.14
C TYR C 886 -15.51 50.65 -27.02
N PHE C 887 -14.21 50.39 -26.88
CA PHE C 887 -13.76 49.03 -26.67
C PHE C 887 -14.33 48.47 -25.37
N ARG C 888 -14.39 49.31 -24.33
CA ARG C 888 -14.97 48.86 -23.07
C ARG C 888 -16.43 48.45 -23.24
N VAL C 889 -17.21 49.27 -23.95
CA VAL C 889 -18.61 48.93 -24.15
C VAL C 889 -18.75 47.65 -24.94
N THR C 890 -17.90 47.47 -25.97
CA THR C 890 -17.95 46.25 -26.75
C THR C 890 -17.68 45.04 -25.86
N GLY C 891 -16.68 45.15 -24.99
CA GLY C 891 -16.38 44.07 -24.07
C GLY C 891 -17.56 43.72 -23.18
N GLU C 892 -18.20 44.76 -22.64
CA GLU C 892 -19.34 44.53 -21.76
C GLU C 892 -20.46 43.80 -22.50
N ILE C 893 -20.73 44.23 -23.75
CA ILE C 893 -21.80 43.62 -24.52
C ILE C 893 -21.50 42.15 -24.76
N LEU C 894 -20.26 41.85 -25.15
CA LEU C 894 -19.90 40.44 -25.38
C LEU C 894 -20.07 39.61 -24.12
N SER C 895 -19.63 40.15 -22.98
CA SER C 895 -19.74 39.39 -21.73
C SER C 895 -21.19 39.07 -21.40
N VAL C 896 -22.08 40.07 -21.48
CA VAL C 896 -23.47 39.80 -21.18
C VAL C 896 -24.08 38.81 -22.17
N SER C 897 -23.67 38.87 -23.44
CA SER C 897 -24.17 37.91 -24.41
C SER C 897 -23.81 36.49 -23.98
N GLY C 898 -22.56 36.30 -23.58
CA GLY C 898 -22.14 34.99 -23.10
C GLY C 898 -23.00 34.54 -21.93
N GLY C 899 -23.29 35.47 -21.03
CA GLY C 899 -24.09 35.14 -19.87
C GLY C 899 -25.47 34.61 -20.23
N VAL C 900 -26.15 35.34 -21.13
CA VAL C 900 -27.50 34.93 -21.50
C VAL C 900 -27.45 33.56 -22.19
N TYR C 901 -26.45 33.35 -23.03
CA TYR C 901 -26.30 32.04 -23.67
C TYR C 901 -26.26 30.94 -22.61
N PHE C 902 -25.37 31.09 -21.63
CA PHE C 902 -25.20 30.01 -20.67
C PHE C 902 -26.48 29.77 -19.88
N PHE C 903 -27.18 30.85 -19.53
CA PHE C 903 -28.43 30.67 -18.79
C PHE C 903 -29.42 29.84 -19.58
N PHE C 904 -29.62 30.17 -20.86
CA PHE C 904 -30.61 29.43 -21.64
C PHE C 904 -30.18 27.98 -21.82
N ARG C 905 -28.88 27.75 -22.01
CA ARG C 905 -28.40 26.38 -22.12
C ARG C 905 -28.72 25.59 -20.86
N GLY C 906 -28.49 26.19 -19.69
CA GLY C 906 -28.78 25.50 -18.45
C GLY C 906 -30.26 25.18 -18.30
N ILE C 907 -31.12 26.13 -18.63
CA ILE C 907 -32.56 25.87 -18.51
C ILE C 907 -32.94 24.72 -19.42
N GLN C 908 -32.45 24.72 -20.66
CA GLN C 908 -32.78 23.63 -21.58
C GLN C 908 -32.35 22.29 -21.00
N TYR C 909 -31.11 22.21 -20.53
CA TYR C 909 -30.63 20.96 -19.96
C TYR C 909 -31.55 20.49 -18.83
N PHE C 910 -31.87 21.40 -17.91
CA PHE C 910 -32.65 20.98 -16.76
C PHE C 910 -34.05 20.53 -17.16
N LEU C 911 -34.63 21.18 -18.16
CA LEU C 911 -36.00 20.85 -18.56
C LEU C 911 -36.10 19.64 -19.47
N GLN C 912 -35.00 19.17 -20.08
CA GLN C 912 -35.13 18.02 -20.97
C GLN C 912 -34.70 16.74 -20.26
N ARG C 913 -33.47 16.69 -19.76
CA ARG C 913 -32.98 15.53 -18.99
C ARG C 913 -33.18 15.79 -17.50
N ARG C 914 -34.42 15.62 -17.07
CA ARG C 914 -34.78 15.93 -15.69
C ARG C 914 -33.89 15.18 -14.72
N PRO C 915 -33.06 15.89 -13.95
CA PRO C 915 -32.26 15.22 -12.93
C PRO C 915 -32.98 15.14 -11.61
N SER C 916 -32.69 14.07 -10.85
CA SER C 916 -33.30 13.87 -9.56
C SER C 916 -32.62 14.74 -8.50
N LEU C 917 -33.08 14.64 -7.25
CA LEU C 917 -32.46 15.39 -6.16
C LEU C 917 -31.15 14.79 -5.70
N LYS C 918 -31.01 13.46 -5.79
CA LYS C 918 -29.75 12.83 -5.40
C LYS C 918 -28.69 12.96 -6.47
N SER C 919 -29.02 12.57 -7.71
CA SER C 919 -28.06 12.70 -8.79
C SER C 919 -27.72 14.15 -9.10
N LEU C 920 -28.54 15.11 -8.67
CA LEU C 920 -28.33 16.51 -8.99
C LEU C 920 -26.85 16.88 -8.93
N PHE C 921 -26.14 16.37 -7.93
CA PHE C 921 -24.72 16.67 -7.76
C PHE C 921 -23.84 15.43 -7.94
N VAL C 922 -24.36 14.36 -8.53
CA VAL C 922 -23.57 13.17 -8.78
C VAL C 922 -23.41 12.85 -10.26
N ASP C 923 -24.35 13.25 -11.12
CA ASP C 923 -24.20 13.10 -12.56
C ASP C 923 -24.03 14.43 -13.28
N SER C 924 -24.23 15.56 -12.59
CA SER C 924 -24.10 16.87 -13.22
C SER C 924 -23.39 17.79 -12.24
N TYR C 925 -22.08 17.94 -12.41
CA TYR C 925 -21.32 18.92 -11.66
C TYR C 925 -20.86 20.06 -12.56
N SER C 926 -20.42 19.74 -13.77
CA SER C 926 -20.01 20.80 -14.69
C SER C 926 -21.19 21.69 -15.05
N GLU C 927 -22.34 21.09 -15.31
CA GLU C 927 -23.47 21.87 -15.78
C GLU C 927 -23.98 22.80 -14.70
N ILE C 928 -24.01 22.33 -13.46
CA ILE C 928 -24.47 23.18 -12.36
C ILE C 928 -23.56 24.38 -12.21
N LEU C 929 -22.24 24.16 -12.27
CA LEU C 929 -21.31 25.28 -12.11
C LEU C 929 -21.48 26.28 -13.25
N PHE C 930 -21.61 25.80 -14.48
CA PHE C 930 -21.88 26.69 -15.60
C PHE C 930 -23.11 27.54 -15.30
N PHE C 931 -24.18 26.89 -14.86
CA PHE C 931 -25.43 27.59 -14.64
C PHE C 931 -25.30 28.63 -13.54
N VAL C 932 -24.61 28.30 -12.46
CA VAL C 932 -24.50 29.23 -11.34
C VAL C 932 -23.65 30.43 -11.74
N GLN C 933 -22.60 30.21 -12.53
CA GLN C 933 -21.82 31.33 -13.03
C GLN C 933 -22.67 32.26 -13.87
N SER C 934 -23.49 31.67 -14.75
CA SER C 934 -24.36 32.51 -15.57
C SER C 934 -25.34 33.28 -14.70
N LEU C 935 -25.84 32.65 -13.64
CA LEU C 935 -26.78 33.31 -12.75
C LEU C 935 -26.14 34.51 -12.07
N PHE C 936 -24.90 34.34 -11.58
CA PHE C 936 -24.20 35.47 -10.97
C PHE C 936 -24.03 36.60 -11.97
N MET C 937 -23.65 36.28 -13.20
CA MET C 937 -23.46 37.32 -14.21
C MET C 937 -24.74 38.10 -14.43
N LEU C 938 -25.86 37.38 -14.58
CA LEU C 938 -27.14 38.04 -14.86
C LEU C 938 -27.57 38.91 -13.68
N VAL C 939 -27.35 38.43 -12.45
CA VAL C 939 -27.70 39.22 -11.28
C VAL C 939 -26.87 40.49 -11.23
N SER C 940 -25.58 40.37 -11.55
CA SER C 940 -24.75 41.57 -11.61
C SER C 940 -25.33 42.56 -12.61
N VAL C 941 -25.79 42.07 -13.74
CA VAL C 941 -26.34 42.97 -14.75
C VAL C 941 -27.61 43.64 -14.24
N VAL C 942 -28.48 42.89 -13.57
CA VAL C 942 -29.73 43.50 -13.09
C VAL C 942 -29.44 44.54 -12.02
N LEU C 943 -28.45 44.28 -11.17
CA LEU C 943 -28.10 45.30 -10.18
C LEU C 943 -27.52 46.53 -10.84
N TYR C 944 -26.64 46.34 -11.83
CA TYR C 944 -25.87 47.47 -12.35
C TYR C 944 -26.77 48.55 -12.94
N PHE C 945 -27.94 48.17 -13.41
CA PHE C 945 -28.85 49.13 -14.03
C PHE C 945 -29.86 49.68 -13.04
N SER C 946 -29.82 49.25 -11.79
CA SER C 946 -30.74 49.71 -10.76
C SER C 946 -30.12 50.78 -9.87
N GLN C 947 -28.98 51.32 -10.26
CA GLN C 947 -28.30 52.36 -9.50
C GLN C 947 -27.90 51.84 -8.11
N ARG C 948 -27.10 50.79 -8.12
CA ARG C 948 -26.49 50.24 -6.91
C ARG C 948 -25.05 49.85 -7.23
N LYS C 949 -24.15 50.14 -6.31
CA LYS C 949 -22.75 49.82 -6.48
C LYS C 949 -22.40 48.43 -5.99
N GLU C 950 -23.40 47.67 -5.57
CA GLU C 950 -23.15 46.32 -5.09
C GLU C 950 -22.93 45.31 -6.22
N TYR C 951 -22.86 45.77 -7.47
CA TYR C 951 -22.64 44.83 -8.57
C TYR C 951 -21.20 44.38 -8.68
N VAL C 952 -20.27 45.05 -8.00
CA VAL C 952 -18.89 44.59 -8.03
C VAL C 952 -18.78 43.19 -7.46
N ALA C 953 -19.54 42.91 -6.39
CA ALA C 953 -19.45 41.61 -5.77
C ALA C 953 -19.90 40.50 -6.71
N SER C 954 -21.06 40.70 -7.36
CA SER C 954 -21.56 39.69 -8.28
C SER C 954 -20.61 39.51 -9.46
N MET C 955 -20.12 40.60 -10.02
CA MET C 955 -19.19 40.48 -11.13
C MET C 955 -17.94 39.73 -10.72
N VAL C 956 -17.42 40.01 -9.52
CA VAL C 956 -16.20 39.36 -9.06
C VAL C 956 -16.41 37.86 -8.91
N PHE C 957 -17.52 37.48 -8.28
CA PHE C 957 -17.80 36.05 -8.14
C PHE C 957 -17.91 35.40 -9.51
N SER C 958 -18.58 36.06 -10.45
CA SER C 958 -18.73 35.49 -11.77
C SER C 958 -17.38 35.30 -12.45
N LEU C 959 -16.50 36.29 -12.33
CA LEU C 959 -15.19 36.19 -12.97
C LEU C 959 -14.38 35.05 -12.37
N ALA C 960 -14.37 34.94 -11.04
CA ALA C 960 -13.60 33.86 -10.42
C ALA C 960 -14.13 32.50 -10.86
N MET C 961 -15.45 32.32 -10.84
CA MET C 961 -15.97 31.02 -11.22
C MET C 961 -15.76 30.74 -12.70
N GLY C 962 -15.85 31.76 -13.54
CA GLY C 962 -15.57 31.56 -14.95
C GLY C 962 -14.15 31.06 -15.20
N TRP C 963 -13.18 31.63 -14.48
CA TRP C 963 -11.83 31.14 -14.64
C TRP C 963 -11.69 29.72 -14.11
N THR C 964 -12.24 29.44 -12.94
CA THR C 964 -12.11 28.09 -12.41
C THR C 964 -12.86 27.07 -13.24
N ASN C 965 -13.75 27.50 -14.13
CA ASN C 965 -14.54 26.60 -14.95
C ASN C 965 -13.81 26.10 -16.18
N MET C 966 -12.60 26.58 -16.45
CA MET C 966 -11.88 26.08 -17.60
C MET C 966 -11.58 24.60 -17.47
N LEU C 967 -11.44 24.10 -16.24
CA LEU C 967 -11.10 22.69 -16.07
C LEU C 967 -12.10 21.75 -16.72
N TYR C 968 -13.25 22.26 -17.19
CA TYR C 968 -14.20 21.40 -17.87
C TYR C 968 -13.65 20.89 -19.18
N TYR C 969 -12.63 21.54 -19.73
CA TYR C 969 -12.04 21.12 -20.98
C TYR C 969 -10.88 20.16 -20.80
N THR C 970 -10.47 19.87 -19.58
CA THR C 970 -9.43 18.88 -19.39
C THR C 970 -9.88 17.49 -19.79
N ARG C 971 -11.18 17.28 -19.99
CA ARG C 971 -11.68 15.96 -20.34
C ARG C 971 -11.28 15.53 -21.73
N GLY C 972 -10.74 16.43 -22.54
CA GLY C 972 -10.21 16.03 -23.82
C GLY C 972 -8.84 15.38 -23.78
N PHE C 973 -8.12 15.51 -22.67
CA PHE C 973 -6.77 14.98 -22.55
C PHE C 973 -6.77 13.87 -21.51
N GLN C 974 -6.13 12.75 -21.86
CA GLN C 974 -6.27 11.55 -21.06
C GLN C 974 -5.74 11.74 -19.64
N GLN C 975 -4.56 12.34 -19.52
CA GLN C 975 -3.89 12.31 -18.22
C GLN C 975 -4.34 13.42 -17.28
N MET C 976 -5.08 14.40 -17.77
CA MET C 976 -5.52 15.50 -16.91
C MET C 976 -6.99 15.36 -16.53
N GLY C 977 -7.80 14.70 -17.35
CA GLY C 977 -9.16 14.43 -16.96
C GLY C 977 -9.24 13.57 -15.73
N ILE C 978 -8.32 12.62 -15.58
CA ILE C 978 -8.29 11.81 -14.38
C ILE C 978 -8.05 12.69 -13.17
N TYR C 979 -7.14 13.65 -13.29
CA TYR C 979 -6.87 14.56 -12.18
C TYR C 979 -8.12 15.35 -11.82
N ALA C 980 -8.83 15.86 -12.82
CA ALA C 980 -10.03 16.63 -12.56
C ALA C 980 -11.08 15.78 -11.86
N VAL C 981 -11.27 14.55 -12.31
CA VAL C 981 -12.28 13.70 -11.70
C VAL C 981 -11.90 13.35 -10.26
N MET C 982 -10.61 13.14 -10.01
CA MET C 982 -10.17 12.85 -8.64
C MET C 982 -10.41 14.04 -7.72
N ILE C 983 -10.12 15.25 -8.19
CA ILE C 983 -10.37 16.41 -7.35
C ILE C 983 -11.87 16.58 -7.10
N GLU C 984 -12.70 16.27 -8.10
CA GLU C 984 -14.15 16.26 -7.88
C GLU C 984 -14.55 15.27 -6.80
N LYS C 985 -14.10 14.02 -6.94
CA LYS C 985 -14.48 13.00 -5.98
C LYS C 985 -14.10 13.41 -4.58
N MET C 986 -12.90 13.94 -4.39
CA MET C 986 -12.50 14.25 -3.02
C MET C 986 -12.95 15.63 -2.59
N ILE C 987 -13.64 16.38 -3.44
CA ILE C 987 -14.36 17.55 -2.94
C ILE C 987 -15.79 17.17 -2.59
N LEU C 988 -16.23 15.97 -2.97
CA LEU C 988 -17.53 15.48 -2.52
C LEU C 988 -17.45 14.33 -1.51
N ARG C 989 -16.27 13.81 -1.19
CA ARG C 989 -16.14 12.66 -0.31
C ARG C 989 -15.37 12.99 0.96
N ASP C 990 -14.14 13.50 0.85
CA ASP C 990 -13.23 13.59 1.98
C ASP C 990 -13.19 14.97 2.62
N LEU C 991 -13.31 16.04 1.84
CA LEU C 991 -13.11 17.37 2.39
C LEU C 991 -14.28 17.83 3.25
N CYS C 992 -15.50 17.41 2.91
CA CYS C 992 -16.66 17.87 3.66
C CYS C 992 -16.61 17.42 5.12
N ARG C 993 -16.29 16.14 5.35
CA ARG C 993 -16.28 15.62 6.72
C ARG C 993 -15.21 16.32 7.56
N PHE C 994 -14.01 16.44 7.02
CA PHE C 994 -12.95 17.13 7.74
C PHE C 994 -13.38 18.56 8.04
N MET C 995 -14.02 19.20 7.07
CA MET C 995 -14.42 20.59 7.28
C MET C 995 -15.39 20.68 8.44
N PHE C 996 -16.35 19.76 8.51
CA PHE C 996 -17.32 19.81 9.59
C PHE C 996 -16.66 19.64 10.95
N VAL C 997 -15.83 18.59 11.10
CA VAL C 997 -15.25 18.32 12.42
C VAL C 997 -14.33 19.46 12.84
N TYR C 998 -13.50 19.93 11.91
CA TYR C 998 -12.61 21.04 12.23
C TYR C 998 -13.40 22.27 12.60
N LEU C 999 -14.53 22.49 11.95
CA LEU C 999 -15.34 23.66 12.27
C LEU C 999 -15.85 23.55 13.70
N VAL C 1000 -16.24 22.35 14.12
CA VAL C 1000 -16.69 22.17 15.50
C VAL C 1000 -15.56 22.51 16.47
N PHE C 1001 -14.37 21.98 16.21
CA PHE C 1001 -13.24 22.26 17.11
C PHE C 1001 -12.98 23.76 17.21
N LEU C 1002 -12.89 24.42 16.05
CA LEU C 1002 -12.54 25.83 16.01
C LEU C 1002 -13.59 26.65 16.75
N PHE C 1003 -14.86 26.35 16.51
CA PHE C 1003 -15.91 27.13 17.16
C PHE C 1003 -15.82 26.97 18.66
N GLY C 1004 -15.64 25.73 19.14
CA GLY C 1004 -15.59 25.52 20.58
C GLY C 1004 -14.45 26.28 21.23
N PHE C 1005 -13.23 26.11 20.70
CA PHE C 1005 -12.10 26.77 21.33
C PHE C 1005 -12.17 28.28 21.19
N SER C 1006 -12.69 28.78 20.07
CA SER C 1006 -12.80 30.21 19.89
C SER C 1006 -13.77 30.83 20.87
N THR C 1007 -14.94 30.19 21.08
CA THR C 1007 -15.86 30.74 22.06
C THR C 1007 -15.28 30.66 23.47
N ALA C 1008 -14.57 29.58 23.79
CA ALA C 1008 -13.91 29.51 25.08
C ALA C 1008 -12.96 30.69 25.29
N VAL C 1009 -12.06 30.91 24.34
CA VAL C 1009 -11.07 31.98 24.50
C VAL C 1009 -11.74 33.34 24.55
N VAL C 1010 -12.74 33.56 23.69
CA VAL C 1010 -13.42 34.84 23.67
C VAL C 1010 -14.09 35.11 25.00
N THR C 1011 -14.62 34.06 25.64
CA THR C 1011 -15.15 34.23 26.99
C THR C 1011 -14.04 34.61 27.96
N LEU C 1012 -12.87 33.99 27.84
CA LEU C 1012 -11.78 34.25 28.76
C LEU C 1012 -11.27 35.68 28.62
N ILE C 1013 -11.10 36.15 27.39
CA ILE C 1013 -10.51 37.47 27.14
C ILE C 1013 -11.32 38.53 27.87
N GLU C 1014 -10.64 39.60 28.25
CA GLU C 1014 -11.20 40.61 29.13
C GLU C 1014 -11.45 41.95 28.44
N ASP C 1015 -10.45 42.49 27.74
CA ASP C 1015 -10.58 43.76 27.03
C ASP C 1015 -11.18 44.83 27.94
N GLY C 1016 -10.76 44.81 29.19
CA GLY C 1016 -11.26 45.76 30.17
C GLY C 1016 -10.32 46.92 30.36
N LYS C 1017 -9.36 47.07 29.44
CA LYS C 1017 -8.37 48.13 29.56
C LYS C 1017 -8.95 49.47 29.11
N GLY C 1038 -4.98 45.46 18.56
CA GLY C 1038 -4.86 44.35 19.49
C GLY C 1038 -5.67 44.56 20.75
N ASN C 1039 -6.72 45.37 20.66
CA ASN C 1039 -7.61 45.65 21.78
C ASN C 1039 -9.02 45.15 21.58
N SER C 1040 -9.59 45.34 20.40
CA SER C 1040 -10.95 44.88 20.12
C SER C 1040 -10.96 43.40 19.72
N TYR C 1041 -10.38 42.56 20.56
CA TYR C 1041 -10.38 41.12 20.33
C TYR C 1041 -11.56 40.43 20.98
N ASN C 1042 -12.53 41.18 21.48
CA ASN C 1042 -13.73 40.57 22.03
C ASN C 1042 -14.56 39.88 20.95
N SER C 1043 -14.67 40.50 19.78
CA SER C 1043 -15.57 39.96 18.77
C SER C 1043 -15.21 38.52 18.46
N LEU C 1044 -16.22 37.68 18.32
CA LEU C 1044 -15.98 36.29 17.98
C LEU C 1044 -15.25 36.16 16.65
N TYR C 1045 -15.51 37.10 15.72
CA TYR C 1045 -14.94 37.01 14.38
C TYR C 1045 -13.41 37.09 14.42
N SER C 1046 -12.87 38.04 15.19
CA SER C 1046 -11.42 38.20 15.23
C SER C 1046 -10.74 36.94 15.76
N THR C 1047 -11.29 36.38 16.84
CA THR C 1047 -10.66 35.20 17.41
C THR C 1047 -10.77 34.01 16.47
N CYS C 1048 -11.92 33.84 15.81
CA CYS C 1048 -12.05 32.76 14.86
C CYS C 1048 -11.01 32.90 13.75
N LEU C 1049 -10.81 34.13 13.28
CA LEU C 1049 -9.80 34.35 12.24
C LEU C 1049 -8.41 34.01 12.75
N GLU C 1050 -8.12 34.35 14.00
CA GLU C 1050 -6.79 34.04 14.54
C GLU C 1050 -6.55 32.53 14.60
N LEU C 1051 -7.56 31.78 15.02
CA LEU C 1051 -7.39 30.34 15.05
C LEU C 1051 -7.24 29.76 13.64
N PHE C 1052 -7.99 30.27 12.67
CA PHE C 1052 -7.80 29.79 11.31
C PHE C 1052 -6.38 30.08 10.83
N LYS C 1053 -5.86 31.26 11.18
CA LYS C 1053 -4.48 31.58 10.86
C LYS C 1053 -3.55 30.56 11.48
N PHE C 1054 -3.83 30.14 12.71
CA PHE C 1054 -3.11 29.01 13.28
C PHE C 1054 -3.13 27.83 12.34
N THR C 1055 -4.26 27.61 11.69
CA THR C 1055 -4.38 26.42 10.85
C THR C 1055 -3.54 26.53 9.59
N ILE C 1056 -3.39 27.74 9.02
CA ILE C 1056 -2.67 27.87 7.75
C ILE C 1056 -1.21 28.19 7.98
N GLY C 1057 -0.72 27.92 9.18
CA GLY C 1057 0.70 28.06 9.46
C GLY C 1057 1.24 29.47 9.47
N MET C 1058 0.52 30.39 10.09
CA MET C 1058 1.01 31.75 10.28
C MET C 1058 0.64 32.31 11.65
N GLY C 1059 -0.02 31.53 12.50
CA GLY C 1059 -0.61 32.09 13.70
C GLY C 1059 0.42 32.49 14.74
N ASP C 1060 -0.06 33.20 15.75
CA ASP C 1060 0.77 33.73 16.82
C ASP C 1060 0.27 33.22 18.17
N LEU C 1061 1.20 32.86 19.04
CA LEU C 1061 0.88 32.23 20.32
C LEU C 1061 0.78 33.22 21.46
N GLU C 1062 1.00 34.50 21.22
CA GLU C 1062 0.78 35.52 22.24
C GLU C 1062 0.09 36.73 21.63
N PHE C 1063 -0.96 36.50 20.84
CA PHE C 1063 -1.53 37.58 20.05
C PHE C 1063 -2.23 38.61 20.91
N THR C 1064 -2.57 38.29 22.15
CA THR C 1064 -3.18 39.26 23.04
C THR C 1064 -2.73 39.01 24.47
N GLU C 1065 -2.78 40.07 25.27
CA GLU C 1065 -2.37 40.00 26.66
C GLU C 1065 -3.43 40.49 27.62
N ASN C 1066 -4.60 40.91 27.14
CA ASN C 1066 -5.64 41.43 28.00
C ASN C 1066 -6.15 40.40 29.00
N TYR C 1067 -5.89 39.13 28.78
CA TYR C 1067 -6.46 38.09 29.62
C TYR C 1067 -6.04 38.31 31.08
N ASP C 1068 -6.67 37.56 31.98
CA ASP C 1068 -6.37 37.63 33.39
C ASP C 1068 -5.61 36.44 33.94
N PHE C 1069 -5.62 35.29 33.25
CA PHE C 1069 -4.89 34.10 33.68
C PHE C 1069 -4.10 33.59 32.47
N LYS C 1070 -2.77 33.55 32.58
CA LYS C 1070 -1.98 33.13 31.43
C LYS C 1070 -2.02 31.62 31.25
N ALA C 1071 -2.07 30.86 32.34
CA ALA C 1071 -2.04 29.41 32.24
C ALA C 1071 -3.20 28.89 31.41
N VAL C 1072 -4.41 29.38 31.68
CA VAL C 1072 -5.58 28.89 30.96
C VAL C 1072 -5.46 29.21 29.47
N PHE C 1073 -5.05 30.43 29.14
CA PHE C 1073 -4.97 30.84 27.75
C PHE C 1073 -3.97 29.96 27.00
N ILE C 1074 -2.80 29.75 27.59
CA ILE C 1074 -1.79 28.94 26.91
C ILE C 1074 -2.27 27.50 26.78
N ILE C 1075 -2.93 26.98 27.81
CA ILE C 1075 -3.38 25.59 27.73
C ILE C 1075 -4.38 25.42 26.61
N LEU C 1076 -5.33 26.35 26.49
CA LEU C 1076 -6.31 26.23 25.41
C LEU C 1076 -5.63 26.32 24.05
N LEU C 1077 -4.71 27.26 23.88
CA LEU C 1077 -4.04 27.37 22.58
C LEU C 1077 -3.28 26.11 22.24
N LEU C 1078 -2.54 25.55 23.21
CA LEU C 1078 -1.77 24.34 22.96
C LEU C 1078 -2.68 23.17 22.64
N ALA C 1079 -3.79 23.03 23.37
CA ALA C 1079 -4.71 21.95 23.08
C ALA C 1079 -5.27 22.07 21.68
N TYR C 1080 -5.62 23.28 21.27
CA TYR C 1080 -6.09 23.47 19.90
C TYR C 1080 -5.02 23.07 18.90
N VAL C 1081 -3.79 23.49 19.13
CA VAL C 1081 -2.73 23.20 18.18
C VAL C 1081 -2.52 21.70 18.05
N ILE C 1082 -2.55 20.99 19.18
CA ILE C 1082 -2.35 19.55 19.13
C ILE C 1082 -3.50 18.88 18.39
N LEU C 1083 -4.74 19.29 18.68
CA LEU C 1083 -5.88 18.56 18.12
C LEU C 1083 -6.13 18.87 16.65
N THR C 1084 -5.87 20.09 16.19
CA THR C 1084 -6.16 20.43 14.81
C THR C 1084 -4.92 20.35 13.91
N TYR C 1085 -3.88 21.10 14.24
CA TYR C 1085 -2.74 21.20 13.33
C TYR C 1085 -2.04 19.87 13.16
N ILE C 1086 -1.76 19.16 14.27
CA ILE C 1086 -0.93 17.98 14.20
C ILE C 1086 -1.73 16.69 14.07
N LEU C 1087 -3.00 16.68 14.48
CA LEU C 1087 -3.75 15.43 14.49
C LEU C 1087 -4.69 15.29 13.30
N LEU C 1088 -5.54 16.29 13.06
CA LEU C 1088 -6.53 16.14 12.00
C LEU C 1088 -5.90 16.25 10.61
N LEU C 1089 -4.97 17.18 10.42
CA LEU C 1089 -4.45 17.41 9.08
C LEU C 1089 -3.70 16.19 8.56
N ASN C 1090 -2.83 15.60 9.38
CA ASN C 1090 -2.15 14.40 8.95
C ASN C 1090 -3.12 13.23 8.81
N MET C 1091 -4.20 13.23 9.61
CA MET C 1091 -5.26 12.26 9.40
C MET C 1091 -5.82 12.37 7.99
N LEU C 1092 -6.14 13.59 7.57
CA LEU C 1092 -6.70 13.81 6.25
C LEU C 1092 -5.71 13.42 5.18
N ILE C 1093 -4.41 13.66 5.41
CA ILE C 1093 -3.41 13.21 4.44
C ILE C 1093 -3.45 11.69 4.31
N ALA C 1094 -3.54 10.99 5.44
CA ALA C 1094 -3.62 9.53 5.39
C ALA C 1094 -4.85 9.06 4.62
N LEU C 1095 -6.00 9.66 4.91
CA LEU C 1095 -7.22 9.24 4.23
C LEU C 1095 -7.18 9.58 2.75
N MET C 1096 -6.58 10.72 2.39
CA MET C 1096 -6.48 11.08 0.97
C MET C 1096 -5.62 10.06 0.23
N GLY C 1097 -4.49 9.67 0.84
CA GLY C 1097 -3.67 8.64 0.21
C GLY C 1097 -4.42 7.34 0.04
N GLU C 1098 -5.12 6.89 1.08
CA GLU C 1098 -5.86 5.64 0.98
C GLU C 1098 -6.93 5.73 -0.11
N THR C 1099 -7.67 6.83 -0.15
CA THR C 1099 -8.73 6.98 -1.16
C THR C 1099 -8.14 6.98 -2.57
N VAL C 1100 -7.02 7.67 -2.77
CA VAL C 1100 -6.39 7.66 -4.08
C VAL C 1100 -6.05 6.23 -4.50
N ASN C 1101 -5.40 5.50 -3.58
CA ASN C 1101 -5.03 4.12 -3.88
C ASN C 1101 -6.26 3.29 -4.18
N LYS C 1102 -7.40 3.66 -3.62
CA LYS C 1102 -8.61 2.88 -3.86
C LYS C 1102 -9.25 3.22 -5.20
N ILE C 1103 -9.24 4.49 -5.62
CA ILE C 1103 -10.14 4.97 -6.65
C ILE C 1103 -9.42 5.44 -7.90
N ALA C 1104 -8.14 5.12 -8.08
CA ALA C 1104 -7.52 5.41 -9.36
C ALA C 1104 -8.36 4.88 -10.53
N GLN C 1105 -8.73 3.60 -10.49
CA GLN C 1105 -9.43 3.00 -11.62
C GLN C 1105 -10.83 3.57 -11.79
N GLU C 1106 -11.53 3.80 -10.68
CA GLU C 1106 -12.86 4.39 -10.77
C GLU C 1106 -12.80 5.76 -11.42
N SER C 1107 -11.79 6.55 -11.09
CA SER C 1107 -11.63 7.84 -11.73
C SER C 1107 -11.42 7.68 -13.23
N LYS C 1108 -10.58 6.72 -13.63
CA LYS C 1108 -10.38 6.49 -15.07
C LYS C 1108 -11.71 6.20 -15.75
N ASN C 1109 -12.50 5.30 -15.17
CA ASN C 1109 -13.75 4.92 -15.81
C ASN C 1109 -14.69 6.12 -15.92
N ILE C 1110 -14.77 6.93 -14.86
CA ILE C 1110 -15.66 8.07 -14.92
C ILE C 1110 -15.23 9.00 -16.03
N TRP C 1111 -13.92 9.16 -16.23
CA TRP C 1111 -13.46 10.02 -17.31
C TRP C 1111 -13.88 9.46 -18.65
N LYS C 1112 -13.77 8.15 -18.83
CA LYS C 1112 -14.18 7.57 -20.11
C LYS C 1112 -15.64 7.87 -20.38
N LEU C 1113 -16.48 7.72 -19.36
CA LEU C 1113 -17.90 8.01 -19.54
C LEU C 1113 -18.11 9.48 -19.90
N GLN C 1114 -17.35 10.38 -19.26
CA GLN C 1114 -17.50 11.80 -19.56
C GLN C 1114 -17.13 12.08 -21.02
N ARG C 1115 -16.08 11.44 -21.51
CA ARG C 1115 -15.70 11.63 -22.89
C ARG C 1115 -16.80 11.15 -23.83
N ALA C 1116 -17.41 10.01 -23.50
CA ALA C 1116 -18.52 9.53 -24.31
C ALA C 1116 -19.66 10.54 -24.31
N ILE C 1117 -19.96 11.12 -23.15
CA ILE C 1117 -21.09 12.04 -23.08
C ILE C 1117 -20.83 13.24 -23.98
N THR C 1118 -19.59 13.74 -23.97
CA THR C 1118 -19.30 14.91 -24.81
C THR C 1118 -19.29 14.56 -26.29
N ILE C 1119 -18.83 13.36 -26.65
CA ILE C 1119 -18.87 12.97 -28.06
C ILE C 1119 -20.30 12.93 -28.57
N LEU C 1120 -21.20 12.34 -27.76
CA LEU C 1120 -22.60 12.31 -28.15
C LEU C 1120 -23.17 13.72 -28.27
N ASP C 1121 -22.87 14.58 -27.32
CA ASP C 1121 -23.45 15.93 -27.30
C ASP C 1121 -22.94 16.68 -28.53
N THR C 1122 -21.67 16.56 -28.87
CA THR C 1122 -21.13 17.29 -30.02
C THR C 1122 -21.74 16.80 -31.31
N GLU C 1123 -21.90 15.48 -31.46
CA GLU C 1123 -22.53 14.99 -32.69
C GLU C 1123 -23.97 15.47 -32.78
N LYS C 1124 -24.71 15.45 -31.68
CA LYS C 1124 -26.09 15.89 -31.72
C LYS C 1124 -26.18 17.38 -32.06
N SER C 1125 -25.30 18.19 -31.49
CA SER C 1125 -25.44 19.64 -31.58
C SER C 1125 -25.49 20.10 -33.02
N PHE C 1126 -24.92 19.32 -33.94
CA PHE C 1126 -25.00 19.61 -35.37
C PHE C 1126 -26.20 18.95 -36.02
N LEU C 1127 -27.24 18.62 -35.24
CA LEU C 1127 -28.41 17.95 -35.79
C LEU C 1127 -29.02 18.75 -36.93
N LYS C 1128 -29.13 20.07 -36.76
CA LYS C 1128 -29.64 20.92 -37.82
C LYS C 1128 -28.57 21.33 -38.81
N CYS C 1129 -27.31 21.40 -38.38
CA CYS C 1129 -26.22 21.75 -39.28
C CYS C 1129 -26.08 20.70 -40.38
N MET C 1130 -25.74 19.47 -39.99
CA MET C 1130 -25.65 18.35 -40.94
C MET C 1130 -25.42 17.08 -40.14
N ARG C 1131 -25.75 15.94 -40.75
CA ARG C 1131 -25.66 14.65 -40.09
C ARG C 1131 -25.00 13.56 -40.94
N LYS C 1132 -24.97 13.69 -42.26
CA LYS C 1132 -24.50 12.60 -43.11
C LYS C 1132 -23.06 12.23 -42.77
N ALA C 1133 -22.16 13.20 -42.76
CA ALA C 1133 -20.77 12.92 -42.44
C ALA C 1133 -20.61 12.36 -41.03
N PHE C 1134 -21.53 12.70 -40.14
CA PHE C 1134 -21.47 12.26 -38.74
C PHE C 1134 -22.09 10.87 -38.60
N ARG C 1135 -21.61 9.92 -39.40
CA ARG C 1135 -22.16 8.57 -39.43
C ARG C 1135 -21.04 7.57 -39.66
N SER C 1136 -20.65 6.86 -38.61
CA SER C 1136 -19.54 5.93 -38.71
C SER C 1136 -19.95 4.68 -39.47
N GLY C 1137 -18.99 3.79 -39.67
CA GLY C 1137 -19.25 2.52 -40.31
C GLY C 1137 -19.28 2.63 -41.82
N LYS C 1138 -19.50 1.47 -42.46
CA LYS C 1138 -19.60 1.40 -43.91
C LYS C 1138 -20.71 0.43 -44.29
N LEU C 1139 -21.43 0.76 -45.35
CA LEU C 1139 -22.61 -0.01 -45.75
C LEU C 1139 -22.18 -1.28 -46.47
N LEU C 1140 -22.04 -2.37 -45.74
CA LEU C 1140 -21.61 -3.64 -46.29
C LEU C 1140 -22.81 -4.57 -46.47
N GLN C 1141 -22.57 -5.65 -47.22
CA GLN C 1141 -23.58 -6.67 -47.48
C GLN C 1141 -22.87 -8.01 -47.42
N VAL C 1142 -23.08 -8.75 -46.33
CA VAL C 1142 -22.31 -9.96 -46.09
C VAL C 1142 -23.19 -11.20 -46.26
N GLY C 1143 -24.18 -11.35 -45.40
CA GLY C 1143 -24.98 -12.55 -45.32
C GLY C 1143 -26.22 -12.48 -46.19
N PHE C 1144 -27.13 -13.44 -45.94
CA PHE C 1144 -28.42 -13.48 -46.60
C PHE C 1144 -29.46 -13.92 -45.57
N THR C 1145 -30.73 -13.70 -45.91
CA THR C 1145 -31.84 -14.04 -45.05
C THR C 1145 -32.58 -15.25 -45.58
N PRO C 1146 -33.27 -15.99 -44.71
CA PRO C 1146 -34.04 -17.15 -45.20
C PRO C 1146 -35.00 -16.79 -46.30
N ASP C 1147 -35.54 -15.58 -46.28
CA ASP C 1147 -36.37 -15.13 -47.39
C ASP C 1147 -35.63 -15.30 -48.71
N GLY C 1148 -34.31 -15.09 -48.70
CA GLY C 1148 -33.50 -15.19 -49.88
C GLY C 1148 -32.96 -13.87 -50.39
N LYS C 1149 -32.75 -12.90 -49.51
CA LYS C 1149 -32.32 -11.57 -49.89
C LYS C 1149 -31.01 -11.22 -49.18
N ASP C 1150 -30.54 -10.01 -49.45
CA ASP C 1150 -29.30 -9.52 -48.87
C ASP C 1150 -29.54 -9.02 -47.45
N ASP C 1151 -28.44 -8.81 -46.72
CA ASP C 1151 -28.47 -8.19 -45.40
C ASP C 1151 -27.56 -6.97 -45.46
N TYR C 1152 -28.12 -5.85 -45.92
CA TYR C 1152 -27.39 -4.59 -45.97
C TYR C 1152 -27.28 -4.05 -44.56
N ARG C 1153 -26.09 -4.09 -43.99
CA ARG C 1153 -25.86 -3.64 -42.64
C ARG C 1153 -24.65 -2.73 -42.61
N TRP C 1154 -24.68 -1.75 -41.71
CA TRP C 1154 -23.55 -0.84 -41.54
C TRP C 1154 -22.52 -1.52 -40.66
N CYS C 1155 -21.56 -2.18 -41.29
CA CYS C 1155 -20.56 -2.90 -40.53
C CYS C 1155 -19.34 -2.02 -40.26
N PHE C 1156 -18.48 -2.50 -39.37
CA PHE C 1156 -17.32 -1.77 -38.91
C PHE C 1156 -16.23 -2.77 -38.61
N ARG C 1157 -15.06 -2.58 -39.20
CA ARG C 1157 -13.99 -3.56 -39.15
C ARG C 1157 -13.26 -3.52 -37.81
N VAL C 1158 -12.95 -4.70 -37.30
CA VAL C 1158 -12.07 -4.81 -36.15
C VAL C 1158 -11.14 -5.99 -36.39
N ASP C 1159 -9.95 -5.71 -36.89
CA ASP C 1159 -8.98 -6.78 -37.13
C ASP C 1159 -8.43 -7.32 -35.81
N GLU C 1160 -8.08 -8.60 -35.83
CA GLU C 1160 -7.52 -9.26 -34.65
C GLU C 1160 -6.50 -10.28 -35.11
N VAL C 1161 -5.63 -10.67 -34.17
CA VAL C 1161 -4.61 -11.69 -34.40
C VAL C 1161 -4.59 -12.62 -33.20
N ASN C 1162 -4.62 -13.93 -33.46
CA ASN C 1162 -4.54 -14.93 -32.41
C ASN C 1162 -3.63 -16.06 -32.84
N TRP C 1163 -2.85 -16.58 -31.90
CA TRP C 1163 -1.85 -17.60 -32.18
C TRP C 1163 -2.17 -18.93 -31.53
N THR C 1164 -3.16 -18.99 -30.64
CA THR C 1164 -3.52 -20.22 -29.96
C THR C 1164 -4.81 -20.85 -30.48
N THR C 1165 -5.77 -20.04 -30.92
CA THR C 1165 -7.00 -20.58 -31.48
C THR C 1165 -6.69 -21.50 -32.66
N TRP C 1166 -6.05 -20.96 -33.70
CA TRP C 1166 -5.58 -21.74 -34.84
C TRP C 1166 -6.71 -22.58 -35.45
N ASN C 1167 -7.91 -22.03 -35.45
CA ASN C 1167 -9.06 -22.70 -36.05
C ASN C 1167 -10.28 -21.78 -36.11
N SER D 611 3.60 -9.63 -58.12
CA SER D 611 2.36 -8.83 -57.90
C SER D 611 1.47 -9.53 -56.88
N TYR D 612 0.31 -8.94 -56.56
CA TYR D 612 -0.49 -9.44 -55.45
C TYR D 612 -0.93 -10.87 -55.70
N TYR D 613 -1.84 -11.09 -56.64
CA TYR D 613 -2.31 -12.43 -56.97
C TYR D 613 -1.74 -12.94 -58.28
N LYS D 614 -1.16 -12.06 -59.07
CA LYS D 614 -0.35 -12.44 -60.22
C LYS D 614 1.08 -12.77 -59.81
N GLY D 615 1.43 -12.50 -58.55
CA GLY D 615 2.73 -12.85 -58.02
C GLY D 615 2.68 -14.06 -57.11
N GLN D 616 1.57 -14.24 -56.39
CA GLN D 616 1.42 -15.46 -55.59
C GLN D 616 1.46 -16.69 -56.47
N THR D 617 2.50 -17.50 -56.31
CA THR D 617 2.53 -18.78 -56.99
C THR D 617 1.51 -19.73 -56.36
N ALA D 618 1.39 -20.91 -56.97
CA ALA D 618 0.48 -21.91 -56.44
C ALA D 618 0.91 -22.29 -55.04
N LEU D 619 2.22 -22.39 -54.82
CA LEU D 619 2.77 -22.88 -53.57
C LEU D 619 2.36 -22.04 -52.37
N HIS D 620 2.36 -20.72 -52.49
CA HIS D 620 2.07 -19.89 -51.32
C HIS D 620 0.71 -20.23 -50.72
N ILE D 621 -0.36 -19.95 -51.47
CA ILE D 621 -1.70 -20.23 -50.98
C ILE D 621 -1.90 -21.72 -50.78
N ALA D 622 -1.19 -22.54 -51.55
CA ALA D 622 -1.21 -23.97 -51.36
C ALA D 622 -0.84 -24.34 -49.94
N ILE D 623 0.37 -23.95 -49.56
CA ILE D 623 0.94 -24.25 -48.25
C ILE D 623 0.03 -23.67 -47.19
N GLU D 624 -0.46 -22.45 -47.42
CA GLU D 624 -1.16 -21.71 -46.39
C GLU D 624 -2.15 -22.57 -45.61
N ARG D 625 -2.87 -23.45 -46.30
CA ARG D 625 -3.94 -24.21 -45.68
C ARG D 625 -3.47 -25.57 -45.17
N ARG D 626 -2.19 -25.71 -44.86
CA ARG D 626 -1.65 -26.94 -44.28
C ARG D 626 -1.95 -28.14 -45.18
N ASN D 627 -1.49 -28.03 -46.44
CA ASN D 627 -1.78 -29.02 -47.47
C ASN D 627 -0.48 -29.75 -47.82
N MET D 628 -0.21 -30.83 -47.09
CA MET D 628 0.96 -31.65 -47.37
C MET D 628 0.79 -32.41 -48.67
N THR D 629 -0.39 -33.00 -48.88
CA THR D 629 -0.63 -33.82 -50.06
C THR D 629 -0.46 -32.99 -51.32
N LEU D 630 -1.04 -31.80 -51.30
CA LEU D 630 -1.00 -30.92 -52.46
C LEU D 630 0.45 -30.67 -52.85
N VAL D 631 1.28 -30.25 -51.89
CA VAL D 631 2.67 -29.95 -52.21
C VAL D 631 3.39 -31.21 -52.65
N THR D 632 3.09 -32.33 -51.99
CA THR D 632 3.59 -33.61 -52.45
C THR D 632 3.46 -33.69 -53.96
N LEU D 633 2.23 -33.55 -54.45
CA LEU D 633 1.98 -33.64 -55.89
C LEU D 633 2.71 -32.53 -56.65
N LEU D 634 2.55 -31.29 -56.18
CA LEU D 634 2.99 -30.11 -56.91
C LEU D 634 4.49 -30.12 -57.14
N VAL D 635 5.24 -30.67 -56.19
CA VAL D 635 6.68 -30.75 -56.35
C VAL D 635 7.10 -32.12 -56.88
N GLU D 636 6.22 -33.12 -56.77
CA GLU D 636 6.49 -34.41 -57.39
C GLU D 636 6.63 -34.17 -58.89
N ASN D 637 5.68 -33.43 -59.45
CA ASN D 637 5.83 -33.01 -60.83
C ASN D 637 6.82 -31.86 -60.95
N GLY D 638 6.87 -31.01 -59.91
CA GLY D 638 7.78 -29.89 -59.91
C GLY D 638 7.09 -28.60 -59.52
N ALA D 639 7.65 -27.91 -58.53
CA ALA D 639 7.06 -26.67 -58.00
C ALA D 639 8.17 -25.66 -57.78
N ASP D 640 8.05 -24.49 -58.40
CA ASP D 640 9.05 -23.44 -58.23
C ASP D 640 9.08 -22.99 -56.77
N VAL D 641 10.29 -22.74 -56.26
CA VAL D 641 10.48 -22.37 -54.87
C VAL D 641 11.06 -20.96 -54.79
N GLN D 642 10.70 -20.10 -55.73
CA GLN D 642 11.22 -18.75 -55.78
C GLN D 642 10.08 -17.76 -55.97
N ALA D 643 9.01 -17.93 -55.21
CA ALA D 643 7.83 -17.08 -55.33
C ALA D 643 8.15 -15.66 -54.89
N ALA D 644 8.25 -14.75 -55.84
CA ALA D 644 8.55 -13.34 -55.55
C ALA D 644 7.30 -12.58 -55.13
N ALA D 645 6.59 -13.07 -54.11
CA ALA D 645 5.34 -12.46 -53.71
C ALA D 645 5.59 -11.10 -53.05
N ASN D 646 5.42 -10.02 -53.81
CA ASN D 646 5.51 -8.69 -53.27
C ASN D 646 4.14 -8.08 -52.98
N GLY D 647 3.10 -8.91 -52.89
CA GLY D 647 1.75 -8.43 -52.69
C GLY D 647 1.61 -7.50 -51.52
N ASP D 648 0.88 -6.40 -51.71
CA ASP D 648 0.70 -5.40 -50.66
C ASP D 648 0.24 -6.06 -49.37
N PHE D 649 -0.64 -7.05 -49.49
CA PHE D 649 -1.06 -7.81 -48.31
C PHE D 649 0.13 -8.53 -47.70
N PHE D 650 1.01 -9.09 -48.53
CA PHE D 650 2.11 -9.90 -48.07
C PHE D 650 3.45 -9.17 -48.10
N LYS D 651 3.45 -7.87 -48.33
CA LYS D 651 4.68 -7.09 -48.35
C LYS D 651 5.10 -6.72 -46.93
N LYS D 652 6.31 -6.19 -46.80
CA LYS D 652 6.79 -5.74 -45.49
C LYS D 652 5.94 -4.61 -44.95
N THR D 653 5.15 -3.96 -45.81
CA THR D 653 4.30 -2.85 -45.41
C THR D 653 3.48 -3.19 -44.17
N LYS D 654 3.70 -2.45 -43.08
CA LYS D 654 2.95 -2.71 -41.86
C LYS D 654 1.52 -2.18 -41.96
N GLY D 655 1.31 -1.09 -42.70
CA GLY D 655 -0.03 -0.55 -42.84
C GLY D 655 -1.00 -1.52 -43.47
N ARG D 656 -0.51 -2.36 -44.38
CA ARG D 656 -1.34 -3.36 -45.02
C ARG D 656 -1.56 -4.53 -44.05
N PRO D 657 -2.81 -4.84 -43.68
CA PRO D 657 -3.01 -5.97 -42.77
C PRO D 657 -2.77 -7.31 -43.44
N GLY D 658 -1.67 -7.96 -43.10
CA GLY D 658 -1.33 -9.24 -43.68
C GLY D 658 -0.19 -9.94 -42.97
N PHE D 659 0.66 -10.59 -43.75
CA PHE D 659 1.78 -11.34 -43.19
C PHE D 659 3.03 -11.07 -44.02
N TYR D 660 4.15 -10.85 -43.33
CA TYR D 660 5.47 -10.81 -43.96
C TYR D 660 6.22 -12.11 -43.76
N PHE D 661 5.52 -13.24 -43.81
CA PHE D 661 6.15 -14.54 -43.60
C PHE D 661 7.45 -14.66 -44.37
N GLY D 662 7.56 -13.96 -45.50
CA GLY D 662 8.77 -14.00 -46.30
C GLY D 662 8.47 -14.33 -47.75
N GLU D 663 9.15 -13.67 -48.68
CA GLU D 663 8.87 -13.87 -50.10
C GLU D 663 8.93 -15.34 -50.47
N LEU D 664 10.02 -16.01 -50.10
CA LEU D 664 10.18 -17.41 -50.46
C LEU D 664 9.15 -18.27 -49.73
N PRO D 665 8.78 -19.41 -50.28
CA PRO D 665 7.69 -20.19 -49.68
C PRO D 665 8.13 -20.95 -48.45
N LEU D 666 9.40 -21.37 -48.42
CA LEU D 666 9.93 -21.97 -47.21
C LEU D 666 9.68 -21.06 -46.02
N SER D 667 9.80 -19.75 -46.25
CA SER D 667 9.51 -18.78 -45.20
C SER D 667 8.06 -18.89 -44.74
N LEU D 668 7.13 -19.05 -45.68
CA LEU D 668 5.73 -19.22 -45.30
C LEU D 668 5.54 -20.49 -44.48
N ALA D 669 6.17 -21.58 -44.90
CA ALA D 669 6.07 -22.80 -44.12
C ALA D 669 6.65 -22.59 -42.73
N ALA D 670 7.70 -21.79 -42.62
CA ALA D 670 8.39 -21.62 -41.35
C ALA D 670 7.57 -20.78 -40.39
N CYS D 671 7.18 -19.58 -40.82
CA CYS D 671 6.49 -18.68 -39.90
C CYS D 671 5.25 -19.33 -39.30
N THR D 672 4.64 -20.25 -40.02
CA THR D 672 3.55 -21.06 -39.50
C THR D 672 4.11 -22.33 -38.88
N ASN D 673 3.40 -22.86 -37.91
CA ASN D 673 3.89 -24.00 -37.15
C ASN D 673 3.83 -25.28 -37.98
N GLN D 674 4.74 -25.41 -38.95
CA GLN D 674 4.74 -26.53 -39.87
C GLN D 674 6.15 -27.13 -39.92
N LEU D 675 6.44 -28.03 -38.99
CA LEU D 675 7.72 -28.72 -39.02
C LEU D 675 7.81 -29.61 -40.27
N ALA D 676 6.73 -30.30 -40.60
CA ALA D 676 6.75 -31.23 -41.71
C ALA D 676 7.18 -30.53 -42.99
N ILE D 677 6.58 -29.38 -43.27
CA ILE D 677 6.84 -28.70 -44.55
C ILE D 677 8.25 -28.11 -44.56
N VAL D 678 8.68 -27.54 -43.43
CA VAL D 678 10.03 -26.99 -43.43
C VAL D 678 11.05 -28.10 -43.63
N LYS D 679 10.80 -29.27 -43.07
CA LYS D 679 11.63 -30.43 -43.35
C LYS D 679 11.55 -30.84 -44.81
N PHE D 680 10.35 -30.87 -45.36
CA PHE D 680 10.12 -31.46 -46.68
C PHE D 680 10.70 -30.58 -47.77
N LEU D 681 10.39 -29.28 -47.75
CA LEU D 681 10.76 -28.39 -48.83
C LEU D 681 12.25 -28.39 -49.07
N LEU D 682 13.02 -28.65 -48.01
CA LEU D 682 14.47 -28.69 -48.10
C LEU D 682 15.03 -30.09 -48.29
N GLN D 683 14.36 -31.12 -47.74
CA GLN D 683 14.78 -32.49 -47.97
C GLN D 683 14.03 -33.15 -49.11
N ASN D 684 13.15 -32.42 -49.80
CA ASN D 684 12.53 -32.97 -51.01
C ASN D 684 13.62 -33.29 -52.03
N SER D 685 13.48 -34.45 -52.68
CA SER D 685 14.59 -35.03 -53.45
C SER D 685 15.21 -34.02 -54.40
N TRP D 686 14.40 -33.18 -55.06
CA TRP D 686 14.91 -32.07 -55.85
C TRP D 686 14.46 -30.77 -55.22
N GLN D 687 14.92 -29.67 -55.82
CA GLN D 687 14.54 -28.32 -55.42
C GLN D 687 14.49 -28.13 -53.91
N PRO D 688 15.59 -28.40 -53.21
CA PRO D 688 15.70 -28.01 -51.80
C PRO D 688 16.04 -26.52 -51.67
N ALA D 689 15.00 -25.70 -51.65
CA ALA D 689 15.14 -24.26 -51.87
C ALA D 689 16.38 -23.70 -51.19
N ASP D 690 17.21 -22.98 -51.96
CA ASP D 690 18.46 -22.46 -51.45
C ASP D 690 18.24 -21.70 -50.15
N ILE D 691 18.86 -22.19 -49.07
CA ILE D 691 18.65 -21.57 -47.77
C ILE D 691 19.10 -20.12 -47.80
N SER D 692 20.24 -19.84 -48.42
CA SER D 692 20.74 -18.48 -48.56
C SER D 692 19.99 -17.76 -49.70
N ALA D 693 18.69 -17.63 -49.50
CA ALA D 693 17.81 -17.02 -50.51
C ALA D 693 17.45 -15.61 -50.06
N ARG D 694 18.27 -14.65 -50.48
CA ARG D 694 17.98 -13.26 -50.17
C ARG D 694 16.66 -12.85 -50.83
N ASP D 695 15.74 -12.35 -50.02
CA ASP D 695 14.45 -11.88 -50.55
C ASP D 695 14.56 -10.42 -50.99
N SER D 696 13.41 -9.79 -51.24
CA SER D 696 13.41 -8.40 -51.69
C SER D 696 14.20 -7.52 -50.72
N VAL D 697 13.89 -7.59 -49.44
CA VAL D 697 14.63 -6.81 -48.45
C VAL D 697 15.86 -7.54 -47.95
N GLY D 698 16.08 -8.78 -48.41
CA GLY D 698 17.29 -9.52 -48.14
C GLY D 698 17.14 -10.58 -47.06
N ASN D 699 16.08 -10.49 -46.25
CA ASN D 699 15.92 -11.39 -45.12
C ASN D 699 16.06 -12.85 -45.54
N THR D 700 16.98 -13.56 -44.91
CA THR D 700 17.05 -15.01 -45.07
C THR D 700 15.99 -15.67 -44.21
N VAL D 701 15.99 -17.00 -44.19
CA VAL D 701 14.94 -17.71 -43.47
C VAL D 701 14.97 -17.36 -41.99
N LEU D 702 16.17 -17.35 -41.39
CA LEU D 702 16.26 -17.02 -39.98
C LEU D 702 15.81 -15.59 -39.72
N HIS D 703 16.14 -14.68 -40.64
CA HIS D 703 15.68 -13.31 -40.50
C HIS D 703 14.16 -13.25 -40.41
N ALA D 704 13.47 -13.96 -41.27
CA ALA D 704 12.01 -13.96 -41.21
C ALA D 704 11.55 -14.57 -39.90
N LEU D 705 12.21 -15.65 -39.47
CA LEU D 705 11.77 -16.32 -38.25
C LEU D 705 11.83 -15.35 -37.08
N VAL D 706 12.90 -14.56 -37.01
CA VAL D 706 12.98 -13.52 -36.01
C VAL D 706 11.91 -12.47 -36.23
N GLU D 707 11.67 -12.11 -37.50
CA GLU D 707 10.74 -11.03 -37.81
C GLU D 707 9.36 -11.30 -37.24
N VAL D 708 8.84 -12.51 -37.45
CA VAL D 708 7.48 -12.84 -37.03
C VAL D 708 7.38 -12.98 -35.52
N ALA D 709 8.46 -13.43 -34.87
CA ALA D 709 8.41 -13.78 -33.46
C ALA D 709 7.81 -12.66 -32.62
N ASP D 710 6.93 -13.02 -31.69
CA ASP D 710 6.38 -12.05 -30.75
C ASP D 710 7.01 -12.30 -29.38
N ASN D 711 6.60 -11.53 -28.38
CA ASN D 711 7.16 -11.62 -27.04
C ASN D 711 6.25 -12.39 -26.08
N THR D 712 5.15 -12.95 -26.56
CA THR D 712 4.33 -13.82 -25.74
C THR D 712 4.99 -15.18 -25.56
N VAL D 713 4.66 -15.86 -24.47
CA VAL D 713 5.39 -17.07 -24.09
C VAL D 713 5.20 -18.17 -25.13
N ASP D 714 3.96 -18.34 -25.59
CA ASP D 714 3.69 -19.38 -26.59
C ASP D 714 4.53 -19.15 -27.84
N ASN D 715 4.58 -17.91 -28.30
CA ASN D 715 5.43 -17.58 -29.43
C ASN D 715 6.90 -17.79 -29.12
N THR D 716 7.30 -17.62 -27.85
CA THR D 716 8.68 -17.92 -27.50
C THR D 716 8.99 -19.40 -27.74
N LYS D 717 8.16 -20.29 -27.20
CA LYS D 717 8.36 -21.71 -27.46
C LYS D 717 8.41 -21.98 -28.95
N PHE D 718 7.40 -21.50 -29.69
CA PHE D 718 7.35 -21.77 -31.12
C PHE D 718 8.64 -21.32 -31.80
N VAL D 719 9.03 -20.07 -31.57
CA VAL D 719 10.13 -19.47 -32.33
C VAL D 719 11.44 -20.17 -32.01
N THR D 720 11.75 -20.33 -30.72
CA THR D 720 13.01 -20.96 -30.37
C THR D 720 13.06 -22.40 -30.84
N SER D 721 11.97 -23.14 -30.60
CA SER D 721 11.92 -24.53 -30.99
C SER D 721 12.23 -24.67 -32.47
N MET D 722 11.57 -23.87 -33.30
CA MET D 722 11.82 -23.96 -34.73
C MET D 722 13.27 -23.58 -35.03
N TYR D 723 13.70 -22.41 -34.56
CA TYR D 723 15.04 -21.93 -34.84
C TYR D 723 16.05 -23.05 -34.72
N ASN D 724 16.01 -23.78 -33.61
CA ASN D 724 17.04 -24.78 -33.38
C ASN D 724 17.03 -25.81 -34.51
N GLU D 725 15.84 -26.33 -34.82
CA GLU D 725 15.72 -27.40 -35.79
C GLU D 725 16.16 -26.94 -37.18
N ILE D 726 15.72 -25.75 -37.57
CA ILE D 726 16.11 -25.24 -38.89
C ILE D 726 17.61 -25.10 -38.95
N LEU D 727 18.22 -24.58 -37.90
CA LEU D 727 19.66 -24.35 -37.96
C LEU D 727 20.39 -25.68 -38.10
N ILE D 728 19.96 -26.70 -37.35
CA ILE D 728 20.68 -27.97 -37.40
C ILE D 728 20.53 -28.61 -38.77
N LEU D 729 19.32 -28.55 -39.35
CA LEU D 729 19.15 -29.05 -40.71
C LEU D 729 20.11 -28.35 -41.64
N GLY D 730 20.17 -27.03 -41.57
CA GLY D 730 21.08 -26.29 -42.43
C GLY D 730 22.52 -26.73 -42.24
N ALA D 731 22.89 -27.01 -40.99
CA ALA D 731 24.22 -27.51 -40.70
C ALA D 731 24.47 -28.76 -41.51
N LYS D 732 23.54 -29.71 -41.44
CA LYS D 732 23.72 -30.97 -42.14
C LYS D 732 23.81 -30.75 -43.65
N LEU D 733 22.93 -29.90 -44.19
CA LEU D 733 22.80 -29.75 -45.63
C LEU D 733 24.12 -29.38 -46.28
N HIS D 734 24.63 -28.19 -46.00
CA HIS D 734 25.88 -27.71 -46.59
C HIS D 734 26.75 -27.16 -45.46
N PRO D 735 27.56 -28.00 -44.84
CA PRO D 735 28.35 -27.53 -43.68
C PRO D 735 29.59 -26.73 -44.08
N THR D 736 29.39 -25.65 -44.84
CA THR D 736 30.43 -24.64 -45.01
C THR D 736 29.86 -23.24 -44.91
N LEU D 737 28.53 -23.11 -44.94
CA LEU D 737 27.87 -21.80 -44.94
C LEU D 737 27.57 -21.39 -43.51
N LYS D 738 28.09 -20.23 -43.10
CA LYS D 738 27.79 -19.69 -41.78
C LYS D 738 26.49 -18.91 -41.86
N LEU D 739 25.37 -19.60 -41.71
CA LEU D 739 24.07 -18.98 -42.01
C LEU D 739 23.77 -17.82 -41.09
N GLU D 740 24.36 -17.77 -39.91
CA GLU D 740 23.98 -16.75 -38.94
C GLU D 740 24.67 -15.42 -39.16
N GLU D 741 25.51 -15.30 -40.19
CA GLU D 741 26.22 -14.06 -40.47
C GLU D 741 25.68 -13.36 -41.70
N ILE D 742 24.76 -13.98 -42.43
CA ILE D 742 24.24 -13.41 -43.66
C ILE D 742 23.53 -12.10 -43.34
N THR D 743 23.81 -11.07 -44.13
CA THR D 743 23.37 -9.71 -43.85
C THR D 743 22.05 -9.39 -44.55
N ASN D 744 21.43 -8.30 -44.10
CA ASN D 744 20.21 -7.77 -44.70
C ASN D 744 20.46 -6.40 -45.29
N ARG D 745 19.50 -5.93 -46.09
CA ARG D 745 19.62 -4.65 -46.77
C ARG D 745 20.14 -3.56 -45.84
N LYS D 746 19.39 -3.28 -44.78
CA LYS D 746 19.81 -2.24 -43.83
C LYS D 746 21.20 -2.53 -43.31
N GLY D 747 21.51 -3.81 -43.16
CA GLY D 747 22.79 -4.27 -42.64
C GLY D 747 22.63 -4.69 -41.21
N LEU D 748 22.40 -5.98 -41.00
CA LEU D 748 22.11 -6.50 -39.66
C LEU D 748 22.12 -8.01 -39.74
N THR D 749 22.78 -8.66 -38.80
CA THR D 749 22.69 -10.10 -38.67
C THR D 749 21.47 -10.46 -37.82
N PRO D 750 21.15 -11.74 -37.71
CA PRO D 750 19.98 -12.11 -36.93
C PRO D 750 20.04 -11.61 -35.50
N LEU D 751 21.22 -11.66 -34.89
CA LEU D 751 21.38 -11.15 -33.54
C LEU D 751 21.13 -9.64 -33.52
N ALA D 752 21.68 -8.93 -34.50
CA ALA D 752 21.52 -7.49 -34.54
C ALA D 752 20.04 -7.14 -34.61
N LEU D 753 19.29 -7.87 -35.43
CA LEU D 753 17.86 -7.60 -35.56
C LEU D 753 17.12 -7.95 -34.27
N ALA D 754 17.41 -9.10 -33.69
CA ALA D 754 16.75 -9.50 -32.46
C ALA D 754 16.97 -8.47 -31.37
N ALA D 755 18.16 -7.89 -31.35
CA ALA D 755 18.47 -6.87 -30.37
C ALA D 755 17.73 -5.57 -30.66
N SER D 756 17.90 -5.03 -31.86
CA SER D 756 17.29 -3.76 -32.21
C SER D 756 15.78 -3.80 -32.04
N SER D 757 15.12 -4.67 -32.81
CA SER D 757 13.66 -4.69 -32.82
C SER D 757 13.13 -4.90 -31.42
N GLY D 758 13.79 -5.74 -30.65
CA GLY D 758 13.39 -6.01 -29.29
C GLY D 758 12.70 -7.34 -29.17
N LYS D 759 13.47 -8.37 -28.80
CA LYS D 759 12.99 -9.73 -28.73
C LYS D 759 13.72 -10.40 -27.57
N ILE D 760 13.13 -10.39 -26.39
CA ILE D 760 13.79 -10.92 -25.22
C ILE D 760 14.10 -12.39 -25.45
N GLY D 761 13.11 -13.13 -25.91
CA GLY D 761 13.25 -14.57 -26.03
C GLY D 761 14.32 -15.00 -27.01
N VAL D 762 14.29 -14.44 -28.22
CA VAL D 762 15.21 -14.89 -29.25
C VAL D 762 16.62 -14.61 -28.78
N LEU D 763 16.85 -13.41 -28.24
CA LEU D 763 18.18 -13.06 -27.77
C LEU D 763 18.62 -13.98 -26.67
N ALA D 764 17.72 -14.27 -25.73
CA ALA D 764 18.04 -15.19 -24.65
C ALA D 764 18.54 -16.49 -25.24
N TYR D 765 17.81 -17.01 -26.22
CA TYR D 765 18.20 -18.28 -26.82
C TYR D 765 19.58 -18.16 -27.46
N ILE D 766 19.77 -17.18 -28.33
CA ILE D 766 21.01 -17.17 -29.12
C ILE D 766 22.20 -17.05 -28.19
N LEU D 767 22.12 -16.19 -27.18
CA LEU D 767 23.27 -16.03 -26.29
C LEU D 767 23.45 -17.20 -25.33
N GLN D 768 22.39 -17.92 -24.97
CA GLN D 768 22.52 -19.10 -24.15
C GLN D 768 22.23 -20.35 -24.96
N ARG D 769 22.67 -20.38 -26.22
CA ARG D 769 22.33 -21.45 -27.14
C ARG D 769 23.30 -22.61 -26.93
N GLU D 770 22.94 -23.48 -25.97
CA GLU D 770 23.68 -24.70 -25.70
C GLU D 770 23.09 -25.83 -26.54
N ILE D 771 23.96 -26.58 -27.22
CA ILE D 771 23.52 -27.64 -28.11
C ILE D 771 24.35 -28.89 -27.85
N HIS D 772 23.87 -30.02 -28.37
CA HIS D 772 24.47 -31.33 -28.16
C HIS D 772 24.43 -32.10 -29.47
N GLU D 773 24.53 -33.44 -29.42
CA GLU D 773 24.76 -34.23 -30.62
C GLU D 773 26.11 -33.86 -31.23
N PRO D 774 27.21 -34.24 -30.59
CA PRO D 774 28.55 -33.81 -31.04
C PRO D 774 28.82 -33.83 -32.54
N GLU D 775 28.07 -34.61 -33.33
CA GLU D 775 28.33 -34.69 -34.75
C GLU D 775 28.65 -33.32 -35.32
N CYS D 776 27.84 -32.32 -34.98
CA CYS D 776 28.17 -30.93 -35.23
C CYS D 776 27.61 -30.09 -34.10
N ARG D 777 28.45 -29.78 -33.12
CA ARG D 777 28.07 -29.00 -31.96
C ARG D 777 28.87 -27.70 -31.87
N HIS D 778 29.72 -27.42 -32.85
CA HIS D 778 30.51 -26.20 -32.83
C HIS D 778 29.62 -24.98 -32.64
N LEU D 779 28.43 -25.02 -33.21
CA LEU D 779 27.54 -23.87 -33.27
C LEU D 779 26.74 -23.75 -31.98
N SER D 780 27.47 -23.53 -30.88
CA SER D 780 26.85 -23.37 -29.58
C SER D 780 27.45 -22.15 -28.89
N ARG D 781 26.87 -21.77 -27.75
CA ARG D 781 27.34 -20.64 -26.96
C ARG D 781 27.99 -21.07 -25.65
N LYS D 782 27.28 -21.83 -24.82
CA LYS D 782 27.75 -22.15 -23.49
C LYS D 782 28.55 -23.47 -23.51
N PHE D 783 29.84 -23.35 -23.84
CA PHE D 783 30.68 -24.53 -23.79
C PHE D 783 31.01 -24.84 -22.34
N THR D 784 30.58 -26.00 -21.84
CA THR D 784 30.84 -26.34 -20.45
C THR D 784 32.26 -26.85 -20.28
N GLU D 785 32.81 -26.64 -19.10
CA GLU D 785 34.19 -27.02 -18.79
C GLU D 785 34.16 -27.91 -17.56
N TRP D 786 35.33 -28.20 -16.97
CA TRP D 786 35.43 -28.98 -15.75
C TRP D 786 34.23 -28.80 -14.82
N ALA D 787 33.75 -29.92 -14.29
CA ALA D 787 32.66 -29.93 -13.32
C ALA D 787 32.94 -31.04 -12.31
N TYR D 788 32.83 -30.72 -11.00
CA TYR D 788 33.19 -31.63 -9.90
C TYR D 788 32.16 -31.54 -8.79
N GLY D 789 31.08 -32.29 -8.90
CA GLY D 789 29.99 -32.21 -7.96
C GLY D 789 29.03 -31.08 -8.29
N PRO D 790 28.42 -30.47 -7.27
CA PRO D 790 27.44 -29.41 -7.54
C PRO D 790 28.06 -28.15 -8.13
N VAL D 791 29.35 -28.14 -8.42
CA VAL D 791 30.02 -27.01 -9.03
C VAL D 791 30.35 -27.30 -10.49
N HIS D 792 30.23 -26.28 -11.34
CA HIS D 792 30.55 -26.41 -12.76
C HIS D 792 30.93 -25.08 -13.41
N SER D 793 32.10 -25.02 -14.03
CA SER D 793 32.51 -23.85 -14.79
C SER D 793 31.67 -23.74 -16.06
N SER D 794 31.92 -22.68 -16.83
CA SER D 794 31.15 -22.41 -18.03
C SER D 794 31.82 -21.30 -18.84
N LEU D 795 32.00 -21.50 -20.13
CA LEU D 795 32.64 -20.51 -20.99
C LEU D 795 31.63 -20.05 -22.04
N TYR D 796 31.38 -18.74 -22.08
CA TYR D 796 30.48 -18.17 -23.07
C TYR D 796 31.27 -17.84 -24.32
N ASP D 797 30.61 -17.27 -25.32
CA ASP D 797 31.26 -17.02 -26.59
C ASP D 797 31.76 -15.59 -26.72
N LEU D 798 30.90 -14.59 -26.55
CA LEU D 798 31.36 -13.21 -26.50
C LEU D 798 32.21 -12.88 -27.73
N SER D 799 31.77 -13.31 -28.90
CA SER D 799 32.45 -12.99 -30.15
C SER D 799 31.94 -11.72 -30.80
N CYS D 800 30.64 -11.63 -31.05
CA CYS D 800 30.07 -10.42 -31.65
C CYS D 800 29.18 -9.70 -30.65
N ILE D 801 29.63 -9.61 -29.41
CA ILE D 801 28.83 -8.98 -28.37
C ILE D 801 29.47 -7.69 -27.86
N ASP D 802 30.80 -7.64 -27.71
CA ASP D 802 31.44 -6.54 -27.01
C ASP D 802 31.89 -5.51 -28.03
N THR D 803 32.80 -5.84 -28.94
CA THR D 803 33.43 -4.85 -29.81
C THR D 803 33.85 -5.51 -31.12
N CYS D 804 32.99 -5.42 -32.12
CA CYS D 804 33.34 -5.78 -33.49
C CYS D 804 32.15 -5.58 -34.42
N GLU D 805 32.38 -5.74 -35.71
CA GLU D 805 31.31 -5.61 -36.71
C GLU D 805 30.95 -4.16 -36.92
N LYS D 806 29.73 -3.91 -37.39
CA LYS D 806 29.17 -2.57 -37.45
C LYS D 806 27.98 -2.42 -36.52
N ASN D 807 27.51 -3.50 -35.90
CA ASN D 807 26.40 -3.39 -34.95
C ASN D 807 26.58 -4.49 -33.91
N SER D 808 27.17 -4.15 -32.77
CA SER D 808 27.29 -5.11 -31.68
C SER D 808 26.00 -5.12 -30.86
N VAL D 809 25.77 -6.23 -30.17
CA VAL D 809 24.56 -6.34 -29.38
C VAL D 809 24.54 -5.32 -28.26
N LEU D 810 25.66 -5.14 -27.58
CA LEU D 810 25.76 -4.22 -26.46
C LEU D 810 25.81 -2.77 -26.89
N GLU D 811 25.89 -2.53 -28.20
CA GLU D 811 25.85 -1.18 -28.72
C GLU D 811 24.46 -0.79 -29.19
N VAL D 812 23.67 -1.73 -29.70
CA VAL D 812 22.32 -1.44 -30.17
C VAL D 812 21.28 -1.56 -29.08
N ILE D 813 21.62 -2.15 -27.93
CA ILE D 813 20.70 -2.21 -26.82
C ILE D 813 20.77 -0.98 -25.93
N ALA D 814 21.81 -0.15 -26.08
CA ALA D 814 21.95 1.06 -25.28
C ALA D 814 21.63 2.32 -26.08
N TYR D 815 22.30 2.55 -27.20
CA TYR D 815 22.01 3.70 -28.05
C TYR D 815 20.81 3.40 -28.96
N SER D 816 19.68 3.09 -28.33
CA SER D 816 18.47 2.72 -29.05
C SER D 816 17.30 3.56 -28.55
N SER D 817 16.42 3.91 -29.48
CA SER D 817 15.29 4.75 -29.17
C SER D 817 14.45 4.13 -28.05
N SER D 818 13.57 4.94 -27.48
CA SER D 818 12.71 4.51 -26.38
C SER D 818 11.48 3.78 -26.87
N GLU D 819 11.30 3.67 -28.19
CA GLU D 819 10.17 2.94 -28.74
C GLU D 819 10.41 1.43 -28.68
N THR D 820 11.65 1.02 -28.81
CA THR D 820 11.99 -0.38 -28.76
C THR D 820 11.46 -0.92 -27.44
N PRO D 821 10.79 -2.08 -27.44
CA PRO D 821 10.18 -2.61 -26.22
C PRO D 821 11.17 -3.32 -25.31
N ASN D 822 11.24 -2.87 -24.06
CA ASN D 822 12.13 -3.39 -23.02
C ASN D 822 13.59 -3.08 -23.30
N ARG D 823 13.88 -1.87 -23.77
CA ARG D 823 15.27 -1.49 -23.94
C ARG D 823 16.04 -1.64 -22.64
N HIS D 824 15.38 -1.46 -21.50
CA HIS D 824 16.02 -1.49 -20.20
C HIS D 824 15.99 -2.87 -19.55
N ASP D 825 15.37 -3.85 -20.19
CA ASP D 825 15.21 -5.17 -19.59
C ASP D 825 16.03 -6.26 -20.26
N MET D 826 16.68 -5.98 -21.39
CA MET D 826 17.46 -7.03 -22.03
C MET D 826 18.85 -7.16 -21.43
N LEU D 827 19.24 -6.23 -20.55
CA LEU D 827 20.56 -6.25 -19.95
C LEU D 827 20.65 -7.17 -18.75
N LEU D 828 19.74 -8.13 -18.64
CA LEU D 828 19.77 -9.13 -17.58
C LEU D 828 19.82 -10.55 -18.14
N VAL D 829 20.41 -10.74 -19.30
CA VAL D 829 20.28 -11.99 -20.03
C VAL D 829 21.21 -13.04 -19.44
N GLU D 830 22.51 -12.89 -19.58
CA GLU D 830 23.42 -13.86 -18.93
C GLU D 830 24.85 -13.34 -18.98
N PRO D 831 25.50 -13.24 -20.15
CA PRO D 831 26.85 -12.71 -20.23
C PRO D 831 26.91 -11.19 -20.24
N LEU D 832 25.86 -10.51 -20.70
CA LEU D 832 25.89 -9.05 -20.80
C LEU D 832 26.11 -8.42 -19.43
N ASN D 833 25.35 -8.86 -18.43
CA ASN D 833 25.39 -8.22 -17.12
C ASN D 833 26.77 -8.30 -16.50
N ARG D 834 27.28 -9.53 -16.38
CA ARG D 834 28.57 -9.69 -15.75
C ARG D 834 29.69 -9.14 -16.61
N LEU D 835 29.50 -9.11 -17.93
CA LEU D 835 30.52 -8.50 -18.78
C LEU D 835 30.64 -7.02 -18.48
N LEU D 836 29.49 -6.33 -18.39
CA LEU D 836 29.53 -4.92 -18.06
C LEU D 836 30.12 -4.68 -16.68
N GLN D 837 29.72 -5.47 -15.70
CA GLN D 837 30.26 -5.28 -14.37
C GLN D 837 31.75 -5.53 -14.31
N ASP D 838 32.26 -6.54 -15.03
CA ASP D 838 33.69 -6.76 -15.07
C ASP D 838 34.43 -5.61 -15.70
N LYS D 839 33.90 -5.03 -16.78
CA LYS D 839 34.55 -3.84 -17.32
C LYS D 839 34.57 -2.71 -16.30
N TRP D 840 33.45 -2.48 -15.61
CA TRP D 840 33.34 -1.38 -14.65
C TRP D 840 34.29 -1.54 -13.48
N ASP D 841 34.45 -2.74 -12.96
CA ASP D 841 35.27 -2.93 -11.75
C ASP D 841 36.75 -2.96 -12.11
N ARG D 842 37.12 -2.87 -13.39
CA ARG D 842 38.51 -2.96 -13.80
C ARG D 842 39.06 -1.67 -14.36
N PHE D 843 38.35 -1.03 -15.29
CA PHE D 843 38.92 0.16 -15.91
C PHE D 843 37.96 1.33 -16.09
N VAL D 844 36.71 1.24 -15.65
CA VAL D 844 35.80 2.38 -15.79
C VAL D 844 35.36 2.89 -14.44
N LYS D 845 36.15 2.61 -13.39
CA LYS D 845 35.86 3.15 -12.04
C LYS D 845 36.78 4.34 -11.79
N ARG D 846 38.08 4.24 -12.03
CA ARG D 846 38.98 5.35 -11.74
C ARG D 846 38.69 6.53 -12.65
N ILE D 847 38.43 6.28 -13.93
CA ILE D 847 38.21 7.38 -14.87
C ILE D 847 37.02 8.21 -14.44
N PHE D 848 35.93 7.55 -14.05
CA PHE D 848 34.72 8.28 -13.66
C PHE D 848 34.99 9.17 -12.47
N TYR D 849 35.71 8.65 -11.47
CA TYR D 849 35.95 9.44 -10.27
C TYR D 849 36.91 10.59 -10.55
N PHE D 850 37.92 10.38 -11.38
CA PHE D 850 38.79 11.49 -11.73
C PHE D 850 38.02 12.57 -12.48
N ASN D 851 37.11 12.17 -13.37
CA ASN D 851 36.29 13.15 -14.06
C ASN D 851 35.44 13.94 -13.07
N PHE D 852 34.87 13.24 -12.08
CA PHE D 852 34.05 13.93 -11.09
C PHE D 852 34.88 14.96 -10.35
N PHE D 853 36.10 14.59 -9.97
CA PHE D 853 36.97 15.52 -9.26
C PHE D 853 37.26 16.75 -10.12
N VAL D 854 37.58 16.53 -11.39
CA VAL D 854 37.91 17.67 -12.24
C VAL D 854 36.72 18.60 -12.37
N TYR D 855 35.52 18.04 -12.54
CA TYR D 855 34.34 18.90 -12.67
C TYR D 855 34.09 19.67 -11.39
N CYS D 856 34.23 19.02 -10.24
CA CYS D 856 34.01 19.71 -8.98
C CYS D 856 35.02 20.81 -8.75
N LEU D 857 36.24 20.66 -9.25
CA LEU D 857 37.22 21.74 -9.17
C LEU D 857 36.88 22.88 -10.11
N TYR D 858 36.39 22.55 -11.31
CA TYR D 858 36.02 23.58 -12.27
C TYR D 858 34.92 24.47 -11.73
N MET D 859 33.91 23.86 -11.11
CA MET D 859 32.81 24.68 -10.57
C MET D 859 33.33 25.61 -9.48
N ILE D 860 34.27 25.16 -8.65
CA ILE D 860 34.80 26.02 -7.60
C ILE D 860 35.54 27.21 -8.21
N ILE D 861 36.35 26.95 -9.23
CA ILE D 861 37.04 28.07 -9.87
C ILE D 861 36.03 29.06 -10.43
N PHE D 862 34.97 28.55 -11.06
CA PHE D 862 33.97 29.44 -11.63
C PHE D 862 33.30 30.28 -10.55
N THR D 863 32.93 29.66 -9.43
CA THR D 863 32.29 30.40 -8.36
C THR D 863 33.23 31.48 -7.81
N ALA D 864 34.50 31.14 -7.64
CA ALA D 864 35.45 32.13 -7.16
C ALA D 864 35.57 33.30 -8.13
N ALA D 865 35.61 33.01 -9.43
CA ALA D 865 35.69 34.08 -10.40
C ALA D 865 34.45 34.96 -10.37
N ALA D 866 33.28 34.35 -10.21
CA ALA D 866 32.04 35.13 -10.24
C ALA D 866 31.86 35.97 -9.00
N TYR D 867 32.12 35.42 -7.81
CA TYR D 867 31.83 36.14 -6.59
C TYR D 867 32.58 37.46 -6.52
N TYR D 868 33.82 37.48 -6.99
CA TYR D 868 34.69 38.65 -6.87
C TYR D 868 34.67 39.52 -8.11
N ARG D 869 33.58 39.48 -8.86
CA ARG D 869 33.50 40.31 -10.05
C ARG D 869 33.64 41.78 -9.66
N PRO D 870 34.34 42.57 -10.46
CA PRO D 870 34.45 43.99 -10.15
C PRO D 870 33.14 44.71 -10.41
N VAL D 871 32.85 45.70 -9.57
CA VAL D 871 31.67 46.52 -9.78
C VAL D 871 32.09 47.99 -9.76
N GLU D 872 32.34 48.54 -10.93
CA GLU D 872 32.73 49.95 -11.06
C GLU D 872 32.93 50.22 -12.54
N GLY D 873 31.91 50.71 -13.23
CA GLY D 873 32.06 51.08 -14.66
C GLY D 873 31.35 50.10 -15.54
N LEU D 874 31.21 50.41 -16.82
CA LEU D 874 30.45 49.56 -17.75
C LEU D 874 31.38 48.51 -18.36
N PRO D 875 31.03 47.20 -18.35
CA PRO D 875 31.84 46.13 -18.91
C PRO D 875 33.31 46.25 -19.27
N PRO D 876 33.83 45.94 -20.49
CA PRO D 876 35.28 45.83 -20.71
C PRO D 876 36.10 46.51 -19.63
N TYR D 877 36.73 45.75 -18.71
CA TYR D 877 37.46 46.33 -17.55
C TYR D 877 38.96 46.14 -17.67
N LYS D 878 39.77 47.22 -17.66
CA LYS D 878 41.20 47.09 -17.83
C LYS D 878 41.81 46.31 -16.67
N LEU D 879 42.96 45.71 -16.92
CA LEU D 879 43.61 44.86 -15.94
C LEU D 879 44.58 45.68 -15.09
N LYS D 880 44.45 45.56 -13.77
CA LYS D 880 45.39 46.19 -12.86
C LYS D 880 46.69 45.40 -12.87
N ASN D 881 47.63 45.75 -12.00
CA ASN D 881 48.92 45.07 -11.93
C ASN D 881 49.15 44.52 -10.54
N THR D 882 48.11 43.97 -9.93
CA THR D 882 48.20 43.37 -8.61
C THR D 882 48.12 41.85 -8.73
N VAL D 883 48.45 41.18 -7.64
CA VAL D 883 48.47 39.73 -7.65
C VAL D 883 47.08 39.17 -7.89
N GLY D 884 46.07 39.76 -7.26
CA GLY D 884 44.72 39.21 -7.36
C GLY D 884 44.12 39.30 -8.74
N ASP D 885 44.39 40.39 -9.45
CA ASP D 885 43.80 40.58 -10.76
C ASP D 885 44.30 39.58 -11.79
N TYR D 886 45.49 39.02 -11.60
CA TYR D 886 45.95 37.96 -12.48
C TYR D 886 45.23 36.66 -12.22
N PHE D 887 45.02 36.33 -10.94
CA PHE D 887 44.25 35.13 -10.61
C PHE D 887 42.84 35.23 -11.16
N ARG D 888 42.23 36.41 -11.06
CA ARG D 888 40.87 36.58 -11.59
C ARG D 888 40.83 36.32 -13.09
N VAL D 889 41.80 36.87 -13.83
CA VAL D 889 41.82 36.66 -15.27
C VAL D 889 42.01 35.18 -15.59
N THR D 890 42.89 34.50 -14.85
CA THR D 890 43.08 33.08 -15.06
C THR D 890 41.78 32.32 -14.85
N GLY D 891 41.04 32.66 -13.80
CA GLY D 891 39.78 32.01 -13.54
C GLY D 891 38.80 32.21 -14.68
N GLU D 892 38.71 33.44 -15.17
CA GLU D 892 37.79 33.73 -16.26
C GLU D 892 38.14 32.90 -17.50
N ILE D 893 39.45 32.82 -17.80
CA ILE D 893 39.88 32.08 -18.99
C ILE D 893 39.49 30.62 -18.86
N LEU D 894 39.74 30.02 -17.69
CA LEU D 894 39.38 28.63 -17.50
C LEU D 894 37.89 28.41 -17.65
N SER D 895 37.08 29.30 -17.09
CA SER D 895 35.64 29.14 -17.18
C SER D 895 35.16 29.17 -18.63
N VAL D 896 35.62 30.13 -19.42
CA VAL D 896 35.19 30.18 -20.81
C VAL D 896 35.69 28.95 -21.58
N SER D 897 36.87 28.45 -21.26
CA SER D 897 37.34 27.23 -21.90
C SER D 897 36.36 26.08 -21.66
N GLY D 898 35.94 25.92 -20.41
CA GLY D 898 34.97 24.89 -20.10
C GLY D 898 33.71 25.06 -20.91
N GLY D 899 33.27 26.30 -21.05
CA GLY D 899 32.07 26.57 -21.79
C GLY D 899 32.15 26.12 -23.24
N VAL D 900 33.24 26.49 -23.91
CA VAL D 900 33.38 26.11 -25.31
C VAL D 900 33.43 24.60 -25.45
N TYR D 901 34.14 23.94 -24.53
CA TYR D 901 34.19 22.48 -24.56
C TYR D 901 32.77 21.91 -24.55
N PHE D 902 31.96 22.34 -23.60
CA PHE D 902 30.65 21.73 -23.47
C PHE D 902 29.79 21.99 -24.70
N PHE D 903 29.90 23.19 -25.27
CA PHE D 903 29.12 23.48 -26.47
C PHE D 903 29.48 22.52 -27.60
N PHE D 904 30.76 22.32 -27.85
CA PHE D 904 31.14 21.44 -28.95
C PHE D 904 30.72 20.02 -28.68
N ARG D 905 30.82 19.58 -27.43
CA ARG D 905 30.37 18.23 -27.10
C ARG D 905 28.88 18.07 -27.42
N GLY D 906 28.09 19.05 -27.03
CA GLY D 906 26.66 18.99 -27.32
C GLY D 906 26.38 18.93 -28.81
N ILE D 907 27.08 19.76 -29.59
CA ILE D 907 26.81 19.77 -31.02
C ILE D 907 27.14 18.41 -31.62
N GLN D 908 28.26 17.82 -31.21
CA GLN D 908 28.63 16.51 -31.73
C GLN D 908 27.57 15.47 -31.39
N TYR D 909 27.13 15.45 -30.13
CA TYR D 909 26.11 14.50 -29.74
C TYR D 909 24.87 14.64 -30.60
N PHE D 910 24.41 15.87 -30.80
CA PHE D 910 23.17 16.05 -31.54
C PHE D 910 23.34 15.65 -33.00
N LEU D 911 24.52 15.90 -33.58
CA LEU D 911 24.72 15.60 -34.99
C LEU D 911 25.02 14.14 -35.29
N GLN D 912 25.41 13.34 -34.29
CA GLN D 912 25.74 11.95 -34.60
C GLN D 912 24.58 11.01 -34.26
N ARG D 913 24.10 11.03 -33.02
CA ARG D 913 22.98 10.20 -32.59
C ARG D 913 21.69 11.02 -32.63
N ARG D 914 21.22 11.27 -33.84
CA ARG D 914 20.07 12.15 -34.06
C ARG D 914 18.91 11.79 -33.15
N PRO D 915 18.56 12.62 -32.18
CA PRO D 915 17.37 12.36 -31.37
C PRO D 915 16.12 12.93 -32.02
N SER D 916 15.00 12.25 -31.80
CA SER D 916 13.73 12.69 -32.36
C SER D 916 13.14 13.81 -31.52
N LEU D 917 11.93 14.24 -31.87
CA LEU D 917 11.25 15.29 -31.10
C LEU D 917 10.62 14.76 -29.82
N LYS D 918 10.26 13.48 -29.78
CA LYS D 918 9.70 12.89 -28.58
C LYS D 918 10.78 12.42 -27.63
N SER D 919 11.75 11.64 -28.13
CA SER D 919 12.86 11.19 -27.31
C SER D 919 13.80 12.32 -26.93
N LEU D 920 13.56 13.53 -27.41
CA LEU D 920 14.42 14.66 -27.05
C LEU D 920 14.53 14.80 -25.55
N PHE D 921 13.40 14.70 -24.84
CA PHE D 921 13.38 14.88 -23.40
C PHE D 921 13.02 13.60 -22.65
N VAL D 922 12.95 12.47 -23.34
CA VAL D 922 12.75 11.18 -22.68
C VAL D 922 14.00 10.31 -22.74
N ASP D 923 14.90 10.52 -23.70
CA ASP D 923 16.13 9.76 -23.79
C ASP D 923 17.37 10.59 -23.53
N SER D 924 17.26 11.91 -23.41
CA SER D 924 18.42 12.76 -23.17
C SER D 924 17.96 13.92 -22.30
N TYR D 925 18.19 13.80 -21.00
CA TYR D 925 17.94 14.91 -20.09
C TYR D 925 19.25 15.51 -19.59
N SER D 926 20.27 14.69 -19.40
CA SER D 926 21.54 15.22 -18.94
C SER D 926 22.21 16.04 -20.03
N GLU D 927 22.19 15.54 -21.26
CA GLU D 927 22.89 16.23 -22.34
C GLU D 927 22.24 17.57 -22.65
N ILE D 928 20.91 17.63 -22.60
CA ILE D 928 20.22 18.89 -22.85
C ILE D 928 20.64 19.92 -21.82
N LEU D 929 20.67 19.54 -20.53
CA LEU D 929 21.01 20.50 -19.51
C LEU D 929 22.46 20.96 -19.64
N PHE D 930 23.38 20.03 -19.91
CA PHE D 930 24.75 20.42 -20.17
C PHE D 930 24.81 21.46 -21.29
N PHE D 931 24.11 21.19 -22.38
CA PHE D 931 24.17 22.07 -23.53
C PHE D 931 23.61 23.44 -23.21
N VAL D 932 22.50 23.49 -22.47
CA VAL D 932 21.87 24.78 -22.19
C VAL D 932 22.76 25.60 -21.25
N GLN D 933 23.41 24.95 -20.29
CA GLN D 933 24.35 25.67 -19.44
C GLN D 933 25.48 26.26 -20.28
N SER D 934 26.02 25.47 -21.21
CA SER D 934 27.07 25.99 -22.07
C SER D 934 26.58 27.17 -22.89
N LEU D 935 25.33 27.09 -23.36
CA LEU D 935 24.77 28.17 -24.15
C LEU D 935 24.66 29.45 -23.35
N PHE D 936 24.20 29.36 -22.10
CA PHE D 936 24.13 30.54 -21.25
C PHE D 936 25.51 31.15 -21.07
N MET D 937 26.52 30.31 -20.83
CA MET D 937 27.87 30.83 -20.65
C MET D 937 28.34 31.56 -21.89
N LEU D 938 28.11 30.97 -23.07
CA LEU D 938 28.58 31.60 -24.29
C LEU D 938 27.87 32.92 -24.55
N VAL D 939 26.57 32.97 -24.29
CA VAL D 939 25.83 34.21 -24.47
C VAL D 939 26.36 35.28 -23.52
N SER D 940 26.63 34.91 -22.28
CA SER D 940 27.18 35.88 -21.34
C SER D 940 28.52 36.42 -21.83
N VAL D 941 29.36 35.53 -22.36
CA VAL D 941 30.65 35.98 -22.87
C VAL D 941 30.46 36.94 -24.03
N VAL D 942 29.49 36.65 -24.89
CA VAL D 942 29.24 37.54 -26.04
C VAL D 942 28.79 38.91 -25.57
N LEU D 943 27.87 38.95 -24.60
CA LEU D 943 27.40 40.22 -24.08
C LEU D 943 28.52 41.00 -23.43
N TYR D 944 29.35 40.33 -22.62
CA TYR D 944 30.31 41.03 -21.79
C TYR D 944 31.29 41.85 -22.60
N PHE D 945 31.49 41.51 -23.86
CA PHE D 945 32.43 42.22 -24.70
C PHE D 945 31.73 43.24 -25.59
N SER D 946 30.42 43.37 -25.48
CA SER D 946 29.65 44.31 -26.28
C SER D 946 29.29 45.57 -25.50
N GLN D 947 29.88 45.76 -24.32
CA GLN D 947 29.61 46.93 -23.49
C GLN D 947 28.15 46.95 -23.03
N ARG D 948 27.75 45.87 -22.39
CA ARG D 948 26.45 45.79 -21.74
C ARG D 948 26.62 45.14 -20.39
N LYS D 949 25.95 45.70 -19.37
CA LYS D 949 26.01 45.17 -18.03
C LYS D 949 24.94 44.12 -17.78
N GLU D 950 24.30 43.63 -18.82
CA GLU D 950 23.31 42.59 -18.69
C GLU D 950 23.92 41.20 -18.61
N TYR D 951 25.25 41.09 -18.62
CA TYR D 951 25.88 39.78 -18.59
C TYR D 951 25.81 39.13 -17.21
N VAL D 952 25.51 39.91 -16.17
CA VAL D 952 25.37 39.30 -14.84
C VAL D 952 24.25 38.27 -14.86
N ALA D 953 23.18 38.55 -15.59
CA ALA D 953 22.05 37.62 -15.60
C ALA D 953 22.46 36.28 -16.22
N SER D 954 23.10 36.32 -17.39
CA SER D 954 23.51 35.09 -18.04
C SER D 954 24.54 34.33 -17.20
N MET D 955 25.51 35.04 -16.64
CA MET D 955 26.50 34.37 -15.81
C MET D 955 25.83 33.71 -14.60
N VAL D 956 24.86 34.40 -13.99
CA VAL D 956 24.19 33.86 -12.81
C VAL D 956 23.44 32.59 -13.17
N PHE D 957 22.68 32.62 -14.27
CA PHE D 957 21.95 31.43 -14.65
C PHE D 957 22.90 30.28 -14.93
N SER D 958 24.03 30.58 -15.59
CA SER D 958 24.99 29.52 -15.88
C SER D 958 25.55 28.93 -14.60
N LEU D 959 25.87 29.77 -13.61
CA LEU D 959 26.43 29.25 -12.37
C LEU D 959 25.43 28.36 -11.65
N ALA D 960 24.18 28.79 -11.56
CA ALA D 960 23.18 27.99 -10.87
C ALA D 960 23.00 26.65 -11.55
N MET D 961 22.89 26.64 -12.88
CA MET D 961 22.68 25.37 -13.55
C MET D 961 23.91 24.48 -13.48
N GLY D 962 25.11 25.08 -13.51
CA GLY D 962 26.31 24.29 -13.35
C GLY D 962 26.35 23.58 -12.02
N TRP D 963 25.97 24.27 -10.95
CA TRP D 963 25.94 23.60 -9.65
C TRP D 963 24.88 22.50 -9.64
N THR D 964 23.68 22.79 -10.15
CA THR D 964 22.66 21.75 -10.10
C THR D 964 22.97 20.58 -11.00
N ASN D 965 23.93 20.71 -11.92
CA ASN D 965 24.28 19.63 -12.83
C ASN D 965 25.20 18.59 -12.22
N MET D 966 25.68 18.79 -11.00
CA MET D 966 26.50 17.77 -10.38
C MET D 966 25.76 16.46 -10.26
N LEU D 967 24.45 16.50 -10.08
CA LEU D 967 23.70 15.26 -9.90
C LEU D 967 23.89 14.28 -11.05
N TYR D 968 24.52 14.69 -12.14
CA TYR D 968 24.77 13.74 -13.22
C TYR D 968 25.79 12.69 -12.82
N TYR D 969 26.56 12.95 -11.78
CA TYR D 969 27.57 11.99 -11.31
C TYR D 969 27.03 11.06 -10.24
N THR D 970 25.80 11.24 -9.79
CA THR D 970 25.24 10.29 -8.86
C THR D 970 25.04 8.92 -9.47
N ARG D 971 25.11 8.81 -10.80
CA ARG D 971 24.87 7.53 -11.46
C ARG D 971 25.98 6.53 -11.21
N GLY D 972 27.09 6.95 -10.63
CA GLY D 972 28.09 5.99 -10.22
C GLY D 972 27.80 5.28 -8.93
N PHE D 973 26.86 5.77 -8.14
CA PHE D 973 26.53 5.20 -6.85
C PHE D 973 25.13 4.60 -6.90
N GLN D 974 25.01 3.38 -6.39
CA GLN D 974 23.77 2.63 -6.61
C GLN D 974 22.58 3.32 -5.97
N GLN D 975 22.75 3.82 -4.74
CA GLN D 975 21.58 4.24 -3.97
C GLN D 975 21.21 5.69 -4.22
N MET D 976 22.04 6.47 -4.92
CA MET D 976 21.69 7.84 -5.24
C MET D 976 21.21 7.99 -6.68
N GLY D 977 21.66 7.12 -7.57
CA GLY D 977 21.15 7.15 -8.93
C GLY D 977 19.65 6.92 -8.98
N ILE D 978 19.16 6.04 -8.12
CA ILE D 978 17.72 5.80 -8.06
C ILE D 978 17.01 7.09 -7.66
N TYR D 979 17.56 7.81 -6.68
CA TYR D 979 16.95 9.05 -6.25
C TYR D 979 16.91 10.06 -7.39
N ALA D 980 18.02 10.19 -8.11
CA ALA D 980 18.06 11.15 -9.22
C ALA D 980 17.05 10.79 -10.30
N VAL D 981 16.94 9.50 -10.63
CA VAL D 981 16.00 9.10 -11.67
C VAL D 981 14.57 9.31 -11.20
N MET D 982 14.29 9.07 -9.92
CA MET D 982 12.95 9.32 -9.41
C MET D 982 12.59 10.79 -9.51
N ILE D 983 13.53 11.68 -9.16
CA ILE D 983 13.24 13.10 -9.23
C ILE D 983 13.04 13.55 -10.68
N GLU D 984 13.81 12.98 -11.61
CA GLU D 984 13.56 13.25 -13.02
C GLU D 984 12.16 12.80 -13.44
N LYS D 985 11.81 11.57 -13.07
CA LYS D 985 10.53 11.03 -13.48
C LYS D 985 9.39 11.91 -13.00
N MET D 986 9.45 12.35 -11.75
CA MET D 986 8.34 13.15 -11.22
C MET D 986 8.51 14.63 -11.49
N ILE D 987 9.58 15.04 -12.18
CA ILE D 987 9.58 16.39 -12.74
C ILE D 987 9.06 16.38 -14.16
N LEU D 988 8.94 15.20 -14.77
CA LEU D 988 8.28 15.10 -16.07
C LEU D 988 6.90 14.45 -16.01
N ARG D 989 6.45 13.96 -14.86
CA ARG D 989 5.18 13.25 -14.75
C ARG D 989 4.17 13.98 -13.88
N ASP D 990 4.50 14.23 -12.61
CA ASP D 990 3.52 14.66 -11.63
C ASP D 990 3.48 16.18 -11.42
N LEU D 991 4.63 16.84 -11.50
CA LEU D 991 4.67 18.26 -11.13
C LEU D 991 4.05 19.15 -12.20
N CYS D 992 4.15 18.78 -13.47
CA CYS D 992 3.63 19.64 -14.52
C CYS D 992 2.11 19.83 -14.41
N ARG D 993 1.37 18.74 -14.22
CA ARG D 993 -0.09 18.83 -14.14
C ARG D 993 -0.51 19.68 -12.95
N PHE D 994 0.08 19.42 -11.79
CA PHE D 994 -0.26 20.19 -10.61
C PHE D 994 0.04 21.65 -10.86
N MET D 995 1.16 21.95 -11.51
CA MET D 995 1.51 23.33 -11.74
C MET D 995 0.47 24.00 -12.62
N PHE D 996 0.01 23.31 -13.66
CA PHE D 996 -0.99 23.90 -14.54
C PHE D 996 -2.28 24.23 -13.79
N VAL D 997 -2.81 23.24 -13.05
CA VAL D 997 -4.10 23.47 -12.39
C VAL D 997 -3.98 24.56 -11.35
N TYR D 998 -2.91 24.51 -10.54
CA TYR D 998 -2.73 25.53 -9.53
C TYR D 998 -2.57 26.90 -10.15
N LEU D 999 -1.91 26.97 -11.31
CA LEU D 999 -1.74 28.25 -11.97
C LEU D 999 -3.09 28.81 -12.39
N VAL D 1000 -3.97 27.94 -12.89
CA VAL D 1000 -5.31 28.40 -13.26
C VAL D 1000 -6.02 28.98 -12.03
N PHE D 1001 -5.99 28.24 -10.92
CA PHE D 1001 -6.66 28.72 -9.71
C PHE D 1001 -6.11 30.08 -9.30
N LEU D 1002 -4.79 30.20 -9.22
CA LEU D 1002 -4.16 31.42 -8.74
C LEU D 1002 -4.52 32.58 -9.64
N PHE D 1003 -4.44 32.38 -10.96
CA PHE D 1003 -4.73 33.47 -11.87
C PHE D 1003 -6.17 33.94 -11.69
N GLY D 1004 -7.10 33.00 -11.61
CA GLY D 1004 -8.50 33.38 -11.48
C GLY D 1004 -8.77 34.18 -10.23
N PHE D 1005 -8.31 33.67 -9.09
CA PHE D 1005 -8.61 34.37 -7.84
C PHE D 1005 -7.86 35.69 -7.74
N SER D 1006 -6.64 35.75 -8.28
CA SER D 1006 -5.89 37.00 -8.25
C SER D 1006 -6.56 38.07 -9.09
N THR D 1007 -7.05 37.72 -10.28
CA THR D 1007 -7.73 38.73 -11.08
C THR D 1007 -9.04 39.15 -10.42
N ALA D 1008 -9.75 38.22 -9.79
CA ALA D 1008 -10.94 38.59 -9.05
C ALA D 1008 -10.63 39.63 -7.98
N VAL D 1009 -9.64 39.35 -7.13
CA VAL D 1009 -9.31 40.25 -6.04
C VAL D 1009 -8.82 41.59 -6.56
N VAL D 1010 -7.97 41.56 -7.60
CA VAL D 1010 -7.44 42.80 -8.15
C VAL D 1010 -8.56 43.66 -8.70
N THR D 1011 -9.57 43.03 -9.29
CA THR D 1011 -10.76 43.79 -9.69
C THR D 1011 -11.46 44.39 -8.49
N LEU D 1012 -11.59 43.62 -7.41
CA LEU D 1012 -12.28 44.12 -6.24
C LEU D 1012 -11.55 45.29 -5.60
N ILE D 1013 -10.21 45.17 -5.46
CA ILE D 1013 -9.44 46.19 -4.77
C ILE D 1013 -9.70 47.54 -5.42
N GLU D 1014 -9.56 48.60 -4.61
CA GLU D 1014 -9.98 49.93 -5.00
C GLU D 1014 -8.80 50.87 -5.15
N ASP D 1015 -7.99 51.03 -4.11
CA ASP D 1015 -6.82 51.89 -4.12
C ASP D 1015 -7.19 53.29 -4.63
N GLY D 1016 -8.31 53.78 -4.15
CA GLY D 1016 -8.77 55.11 -4.50
C GLY D 1016 -8.45 56.12 -3.42
N LYS D 1017 -7.55 55.75 -2.51
CA LYS D 1017 -7.20 56.62 -1.40
C LYS D 1017 -6.25 57.74 -1.86
N GLY D 1038 1.81 49.27 0.92
CA GLY D 1038 0.50 48.62 0.97
C GLY D 1038 -0.58 49.41 0.28
N ASN D 1039 -0.19 50.23 -0.69
CA ASN D 1039 -1.12 51.04 -1.46
C ASN D 1039 -1.15 50.67 -2.93
N SER D 1040 0.00 50.43 -3.55
CA SER D 1040 0.05 50.07 -4.96
C SER D 1040 -0.22 48.58 -5.16
N TYR D 1041 -1.35 48.11 -4.64
CA TYR D 1041 -1.73 46.71 -4.77
C TYR D 1041 -2.63 46.48 -5.97
N ASN D 1042 -2.79 47.46 -6.84
CA ASN D 1042 -3.59 47.25 -8.03
C ASN D 1042 -2.90 46.31 -9.01
N SER D 1043 -1.58 46.43 -9.13
CA SER D 1043 -0.88 45.65 -10.14
C SER D 1043 -1.17 44.17 -9.94
N LEU D 1044 -1.45 43.49 -11.05
CA LEU D 1044 -1.71 42.06 -10.96
C LEU D 1044 -0.52 41.32 -10.34
N TYR D 1045 0.70 41.82 -10.58
CA TYR D 1045 1.88 41.11 -10.10
C TYR D 1045 1.92 41.03 -8.58
N SER D 1046 1.61 42.13 -7.90
CA SER D 1046 1.67 42.12 -6.45
C SER D 1046 0.68 41.13 -5.86
N THR D 1047 -0.55 41.11 -6.37
CA THR D 1047 -1.54 40.20 -5.84
C THR D 1047 -1.17 38.76 -6.13
N CYS D 1048 -0.66 38.48 -7.33
CA CYS D 1048 -0.24 37.13 -7.64
C CYS D 1048 0.85 36.67 -6.68
N LEU D 1049 1.81 37.56 -6.40
CA LEU D 1049 2.86 37.21 -5.46
C LEU D 1049 2.30 36.94 -4.07
N GLU D 1050 1.31 37.74 -3.65
CA GLU D 1050 0.73 37.54 -2.33
C GLU D 1050 0.05 36.18 -2.22
N LEU D 1051 -0.69 35.79 -3.24
CA LEU D 1051 -1.32 34.47 -3.21
C LEU D 1051 -0.27 33.35 -3.22
N PHE D 1052 0.78 33.49 -4.00
CA PHE D 1052 1.84 32.49 -3.95
C PHE D 1052 2.42 32.39 -2.55
N LYS D 1053 2.58 33.54 -1.90
CA LYS D 1053 3.07 33.52 -0.53
C LYS D 1053 2.11 32.74 0.37
N PHE D 1054 0.81 32.91 0.14
CA PHE D 1054 -0.15 32.03 0.79
C PHE D 1054 0.22 30.57 0.59
N THR D 1055 0.67 30.24 -0.61
CA THR D 1055 0.95 28.84 -0.92
C THR D 1055 2.17 28.32 -0.16
N ILE D 1056 3.17 29.18 0.07
CA ILE D 1056 4.40 28.71 0.72
C ILE D 1056 4.35 28.91 2.22
N GLY D 1057 3.15 29.10 2.77
CA GLY D 1057 2.99 29.17 4.21
C GLY D 1057 3.59 30.40 4.86
N MET D 1058 3.41 31.56 4.26
CA MET D 1058 3.84 32.81 4.87
C MET D 1058 2.83 33.92 4.64
N GLY D 1059 1.68 33.64 4.03
CA GLY D 1059 0.79 34.70 3.59
C GLY D 1059 0.06 35.38 4.73
N ASP D 1060 -0.58 36.49 4.39
CA ASP D 1060 -1.32 37.31 5.34
C ASP D 1060 -2.76 37.44 4.87
N LEU D 1061 -3.69 37.37 5.83
CA LEU D 1061 -5.11 37.36 5.52
C LEU D 1061 -5.76 38.72 5.64
N GLU D 1062 -5.00 39.77 5.94
CA GLU D 1062 -5.52 41.13 5.92
C GLU D 1062 -4.49 42.08 5.29
N PHE D 1063 -3.86 41.64 4.20
CA PHE D 1063 -2.71 42.36 3.68
C PHE D 1063 -3.09 43.73 3.14
N THR D 1064 -4.36 43.99 2.85
CA THR D 1064 -4.78 45.31 2.41
C THR D 1064 -6.18 45.60 2.93
N GLU D 1065 -6.47 46.88 3.06
CA GLU D 1065 -7.76 47.33 3.57
C GLU D 1065 -8.48 48.28 2.62
N ASN D 1066 -7.90 48.61 1.47
CA ASN D 1066 -8.49 49.57 0.55
C ASN D 1066 -9.84 49.10 0.00
N TYR D 1067 -10.15 47.81 0.09
CA TYR D 1067 -11.37 47.32 -0.50
C TYR D 1067 -12.58 48.05 0.06
N ASP D 1068 -13.74 47.81 -0.55
CA ASP D 1068 -14.98 48.42 -0.11
C ASP D 1068 -15.94 47.47 0.58
N PHE D 1069 -15.82 46.16 0.34
CA PHE D 1069 -16.67 45.16 0.98
C PHE D 1069 -15.77 44.11 1.61
N LYS D 1070 -15.82 43.98 2.94
CA LYS D 1070 -14.93 43.02 3.59
C LYS D 1070 -15.39 41.59 3.38
N ALA D 1071 -16.70 41.36 3.33
CA ALA D 1071 -17.20 40.01 3.22
C ALA D 1071 -16.68 39.34 1.96
N VAL D 1072 -16.74 40.04 0.82
CA VAL D 1072 -16.33 39.43 -0.44
C VAL D 1072 -14.84 39.09 -0.40
N PHE D 1073 -14.03 40.03 0.10
CA PHE D 1073 -12.59 39.81 0.11
C PHE D 1073 -12.24 38.60 0.97
N ILE D 1074 -12.82 38.52 2.17
CA ILE D 1074 -12.51 37.39 3.04
C ILE D 1074 -13.00 36.09 2.42
N ILE D 1075 -14.17 36.11 1.79
CA ILE D 1075 -14.69 34.88 1.21
C ILE D 1075 -13.77 34.38 0.11
N LEU D 1076 -13.30 35.28 -0.75
CA LEU D 1076 -12.40 34.86 -1.81
C LEU D 1076 -11.11 34.30 -1.23
N LEU D 1077 -10.54 34.97 -0.23
CA LEU D 1077 -9.31 34.46 0.36
C LEU D 1077 -9.50 33.08 0.97
N LEU D 1078 -10.60 32.89 1.70
CA LEU D 1078 -10.84 31.59 2.32
C LEU D 1078 -11.06 30.51 1.28
N ALA D 1079 -11.80 30.83 0.22
CA ALA D 1079 -12.01 29.84 -0.84
C ALA D 1079 -10.69 29.45 -1.46
N TYR D 1080 -9.82 30.42 -1.72
CA TYR D 1080 -8.51 30.10 -2.28
C TYR D 1080 -7.73 29.21 -1.33
N VAL D 1081 -7.73 29.53 -0.04
CA VAL D 1081 -6.95 28.73 0.91
C VAL D 1081 -7.47 27.30 0.95
N ILE D 1082 -8.79 27.13 0.94
CA ILE D 1082 -9.34 25.78 0.97
C ILE D 1082 -8.97 25.02 -0.28
N LEU D 1083 -9.09 25.65 -1.45
CA LEU D 1083 -8.92 24.91 -2.69
C LEU D 1083 -7.47 24.61 -3.01
N THR D 1084 -6.53 25.48 -2.66
CA THR D 1084 -5.13 25.26 -3.00
C THR D 1084 -4.33 24.65 -1.86
N TYR D 1085 -4.28 25.33 -0.71
CA TYR D 1085 -3.39 24.91 0.35
C TYR D 1085 -3.78 23.54 0.90
N ILE D 1086 -5.07 23.34 1.20
CA ILE D 1086 -5.49 22.14 1.91
C ILE D 1086 -5.92 21.02 0.98
N LEU D 1087 -6.32 21.34 -0.26
CA LEU D 1087 -6.88 20.32 -1.15
C LEU D 1087 -5.88 19.82 -2.17
N LEU D 1088 -5.26 20.72 -2.93
CA LEU D 1088 -4.38 20.28 -4.01
C LEU D 1088 -3.07 19.72 -3.49
N LEU D 1089 -2.45 20.39 -2.52
CA LEU D 1089 -1.13 19.97 -2.08
C LEU D 1089 -1.16 18.57 -1.49
N ASN D 1090 -2.15 18.28 -0.65
CA ASN D 1090 -2.26 16.92 -0.13
C ASN D 1090 -2.62 15.94 -1.23
N MET D 1091 -3.37 16.39 -2.25
CA MET D 1091 -3.58 15.55 -3.41
C MET D 1091 -2.24 15.14 -4.03
N LEU D 1092 -1.36 16.11 -4.24
CA LEU D 1092 -0.06 15.85 -4.84
C LEU D 1092 0.75 14.92 -3.97
N ILE D 1093 0.68 15.08 -2.64
CA ILE D 1093 1.38 14.15 -1.76
C ILE D 1093 0.88 12.74 -1.97
N ALA D 1094 -0.43 12.56 -2.03
CA ALA D 1094 -0.99 11.24 -2.25
C ALA D 1094 -0.49 10.66 -3.57
N LEU D 1095 -0.49 11.47 -4.62
CA LEU D 1095 -0.17 10.94 -5.94
C LEU D 1095 1.32 10.63 -6.06
N MET D 1096 2.16 11.45 -5.43
CA MET D 1096 3.59 11.17 -5.40
C MET D 1096 3.88 9.88 -4.66
N GLY D 1097 3.18 9.65 -3.54
CA GLY D 1097 3.35 8.39 -2.84
C GLY D 1097 2.95 7.20 -3.68
N GLU D 1098 1.78 7.29 -4.34
CA GLU D 1098 1.35 6.18 -5.19
C GLU D 1098 2.34 5.94 -6.32
N THR D 1099 2.82 7.01 -6.96
CA THR D 1099 3.77 6.85 -8.06
C THR D 1099 5.07 6.22 -7.59
N VAL D 1100 5.56 6.62 -6.42
CA VAL D 1100 6.77 6.00 -5.88
C VAL D 1100 6.56 4.50 -5.72
N ASN D 1101 5.44 4.13 -5.07
CA ASN D 1101 5.14 2.72 -4.85
C ASN D 1101 5.03 1.99 -6.17
N LYS D 1102 4.67 2.69 -7.23
CA LYS D 1102 4.55 2.03 -8.53
C LYS D 1102 5.90 1.86 -9.22
N ILE D 1103 6.79 2.84 -9.12
CA ILE D 1103 7.90 2.97 -10.05
C ILE D 1103 9.25 2.81 -9.37
N ALA D 1104 9.32 2.30 -8.15
CA ALA D 1104 10.63 1.96 -7.59
C ALA D 1104 11.46 1.11 -8.57
N GLN D 1105 10.87 0.03 -9.08
CA GLN D 1105 11.62 -0.91 -9.91
C GLN D 1105 11.97 -0.29 -11.26
N GLU D 1106 11.03 0.45 -11.84
CA GLU D 1106 11.31 1.13 -13.10
C GLU D 1106 12.50 2.07 -12.95
N SER D 1107 12.54 2.80 -11.85
CA SER D 1107 13.68 3.69 -11.62
C SER D 1107 14.98 2.91 -11.54
N LYS D 1108 14.97 1.78 -10.83
CA LYS D 1108 16.18 0.97 -10.77
C LYS D 1108 16.65 0.57 -12.17
N ASN D 1109 15.72 0.09 -12.99
CA ASN D 1109 16.11 -0.36 -14.32
C ASN D 1109 16.67 0.79 -15.15
N ILE D 1110 16.04 1.96 -15.07
CA ILE D 1110 16.53 3.09 -15.85
C ILE D 1110 17.95 3.42 -15.41
N TRP D 1111 18.23 3.33 -14.11
CA TRP D 1111 19.58 3.61 -13.66
C TRP D 1111 20.57 2.61 -14.23
N LYS D 1112 20.19 1.34 -14.27
CA LYS D 1112 21.12 0.36 -14.82
C LYS D 1112 21.45 0.69 -16.26
N LEU D 1113 20.43 1.08 -17.03
CA LEU D 1113 20.67 1.43 -18.42
C LEU D 1113 21.59 2.64 -18.53
N GLN D 1114 21.39 3.63 -17.66
CA GLN D 1114 22.26 4.81 -17.69
C GLN D 1114 23.70 4.43 -17.43
N ARG D 1115 23.91 3.53 -16.48
CA ARG D 1115 25.27 3.10 -16.16
C ARG D 1115 25.89 2.39 -17.35
N ALA D 1116 25.10 1.57 -18.05
CA ALA D 1116 25.62 0.92 -19.25
C ALA D 1116 26.03 1.97 -20.29
N ILE D 1117 25.20 3.00 -20.47
CA ILE D 1117 25.54 4.02 -21.44
C ILE D 1117 26.89 4.63 -21.10
N THR D 1118 27.09 4.97 -19.82
CA THR D 1118 28.34 5.64 -19.47
C THR D 1118 29.54 4.72 -19.58
N ILE D 1119 29.38 3.43 -19.27
CA ILE D 1119 30.50 2.51 -19.44
C ILE D 1119 30.91 2.43 -20.90
N LEU D 1120 29.94 2.33 -21.80
CA LEU D 1120 30.25 2.30 -23.22
C LEU D 1120 30.93 3.59 -23.64
N ASP D 1121 30.40 4.73 -23.20
CA ASP D 1121 30.95 6.01 -23.63
C ASP D 1121 32.38 6.18 -23.15
N THR D 1122 32.65 5.84 -21.89
CA THR D 1122 34.01 5.96 -21.37
C THR D 1122 34.97 5.05 -22.11
N GLU D 1123 34.53 3.82 -22.41
CA GLU D 1123 35.42 2.93 -23.17
C GLU D 1123 35.71 3.51 -24.54
N LYS D 1124 34.68 4.01 -25.23
CA LYS D 1124 34.87 4.55 -26.56
C LYS D 1124 35.79 5.76 -26.54
N SER D 1125 35.60 6.64 -25.56
CA SER D 1125 36.27 7.95 -25.58
C SER D 1125 37.77 7.81 -25.72
N PHE D 1126 38.33 6.70 -25.23
CA PHE D 1126 39.75 6.43 -25.40
C PHE D 1126 40.03 5.66 -26.69
N LEU D 1127 39.12 5.72 -27.65
CA LEU D 1127 39.30 4.99 -28.91
C LEU D 1127 40.66 5.29 -29.52
N LYS D 1128 41.01 6.57 -29.61
CA LYS D 1128 42.31 6.95 -30.16
C LYS D 1128 43.44 6.71 -29.18
N CYS D 1129 43.20 6.91 -27.88
CA CYS D 1129 44.25 6.77 -26.89
C CYS D 1129 44.75 5.32 -26.82
N MET D 1130 43.93 4.40 -26.33
CA MET D 1130 44.26 2.98 -26.32
C MET D 1130 42.96 2.20 -26.45
N ARG D 1131 43.08 0.96 -26.94
CA ARG D 1131 41.95 0.03 -26.97
C ARG D 1131 42.29 -1.38 -26.50
N LYS D 1132 43.56 -1.79 -26.50
CA LYS D 1132 43.89 -3.18 -26.21
C LYS D 1132 43.45 -3.57 -24.80
N ALA D 1133 43.88 -2.81 -23.79
CA ALA D 1133 43.52 -3.12 -22.42
C ALA D 1133 42.01 -3.11 -22.22
N PHE D 1134 41.28 -2.38 -23.06
CA PHE D 1134 39.84 -2.20 -22.91
C PHE D 1134 39.08 -3.34 -23.59
N ARG D 1135 39.48 -4.58 -23.29
CA ARG D 1135 38.94 -5.75 -23.96
C ARG D 1135 38.77 -6.88 -22.96
N SER D 1136 37.55 -7.10 -22.52
CA SER D 1136 37.28 -8.12 -21.51
C SER D 1136 37.43 -9.51 -22.11
N GLY D 1137 37.25 -10.51 -21.26
CA GLY D 1137 37.30 -11.88 -21.69
C GLY D 1137 38.73 -12.40 -21.85
N LYS D 1138 38.82 -13.67 -22.23
CA LYS D 1138 40.11 -14.32 -22.45
C LYS D 1138 40.03 -15.22 -23.68
N LEU D 1139 41.12 -15.29 -24.43
CA LEU D 1139 41.14 -15.99 -25.71
C LEU D 1139 41.27 -17.49 -25.46
N LEU D 1140 40.15 -18.20 -25.38
CA LEU D 1140 40.13 -19.62 -25.11
C LEU D 1140 39.86 -20.40 -26.40
N GLN D 1141 40.06 -21.71 -26.31
CA GLN D 1141 39.87 -22.62 -27.43
C GLN D 1141 39.26 -23.90 -26.86
N VAL D 1142 37.95 -24.07 -27.05
CA VAL D 1142 37.25 -25.16 -26.38
C VAL D 1142 36.86 -26.23 -27.39
N GLY D 1143 36.01 -25.88 -28.35
CA GLY D 1143 35.45 -26.83 -29.28
C GLY D 1143 36.25 -26.98 -30.56
N PHE D 1144 35.62 -27.61 -31.54
CA PHE D 1144 36.16 -27.76 -32.88
C PHE D 1144 35.04 -27.56 -33.88
N THR D 1145 35.40 -27.36 -35.14
CA THR D 1145 34.45 -27.14 -36.21
C THR D 1145 34.34 -28.39 -37.07
N PRO D 1146 33.22 -28.57 -37.79
CA PRO D 1146 33.12 -29.73 -38.68
C PRO D 1146 34.26 -29.79 -39.67
N ASP D 1147 34.77 -28.64 -40.13
CA ASP D 1147 35.94 -28.65 -40.99
C ASP D 1147 37.06 -29.48 -40.37
N GLY D 1148 37.23 -29.41 -39.06
CA GLY D 1148 38.29 -30.10 -38.37
C GLY D 1148 39.30 -29.21 -37.73
N LYS D 1149 38.94 -27.99 -37.34
CA LYS D 1149 39.84 -27.00 -36.81
C LYS D 1149 39.38 -26.55 -35.42
N ASP D 1150 40.13 -25.61 -34.87
CA ASP D 1150 39.84 -25.07 -33.55
C ASP D 1150 38.77 -24.00 -33.64
N ASP D 1151 38.21 -23.65 -32.47
CA ASP D 1151 37.26 -22.55 -32.35
C ASP D 1151 37.84 -21.58 -31.34
N TYR D 1152 38.72 -20.70 -31.82
CA TYR D 1152 39.32 -19.66 -30.99
C TYR D 1152 38.28 -18.60 -30.71
N ARG D 1153 37.79 -18.55 -29.48
CA ARG D 1153 36.74 -17.62 -29.11
C ARG D 1153 37.11 -16.92 -27.81
N TRP D 1154 36.67 -15.67 -27.68
CA TRP D 1154 36.93 -14.91 -26.46
C TRP D 1154 35.87 -15.29 -25.44
N CYS D 1155 36.19 -16.23 -24.58
CA CYS D 1155 35.23 -16.70 -23.59
C CYS D 1155 35.37 -15.92 -22.29
N PHE D 1156 34.39 -16.13 -21.41
CA PHE D 1156 34.29 -15.40 -20.16
C PHE D 1156 33.62 -16.32 -19.15
N ARG D 1157 34.28 -16.53 -18.01
CA ARG D 1157 33.86 -17.53 -17.04
C ARG D 1157 32.67 -17.05 -16.24
N VAL D 1158 31.74 -17.96 -15.99
CA VAL D 1158 30.66 -17.70 -15.04
C VAL D 1158 30.43 -18.98 -14.25
N ASP D 1159 31.02 -19.05 -13.06
CA ASP D 1159 30.83 -20.21 -12.21
C ASP D 1159 29.42 -20.24 -11.63
N GLU D 1160 28.89 -21.45 -11.44
CA GLU D 1160 27.57 -21.64 -10.87
C GLU D 1160 27.57 -22.88 -10.00
N VAL D 1161 26.59 -22.94 -9.10
CA VAL D 1161 26.39 -24.08 -8.20
C VAL D 1161 24.92 -24.44 -8.21
N ASN D 1162 24.61 -25.72 -8.38
CA ASN D 1162 23.24 -26.20 -8.32
C ASN D 1162 23.19 -27.51 -7.55
N TRP D 1163 22.11 -27.70 -6.80
CA TRP D 1163 21.96 -28.86 -5.93
C TRP D 1163 20.81 -29.76 -6.34
N THR D 1164 19.95 -29.32 -7.27
CA THR D 1164 18.82 -30.11 -7.71
C THR D 1164 19.00 -30.73 -9.07
N THR D 1165 19.72 -30.07 -9.98
CA THR D 1165 19.98 -30.65 -11.29
C THR D 1165 20.68 -32.00 -11.15
N TRP D 1166 21.87 -32.00 -10.54
CA TRP D 1166 22.60 -33.23 -10.23
C TRP D 1166 22.77 -34.11 -11.47
N ASN D 1167 22.98 -33.47 -12.62
CA ASN D 1167 23.22 -34.19 -13.86
C ASN D 1167 23.62 -33.24 -14.98
#